data_6BX3
#
_entry.id   6BX3
#
_cell.length_a   1
_cell.length_b   1
_cell.length_c   1
_cell.angle_alpha   90
_cell.angle_beta   90
_cell.angle_gamma   90
#
_symmetry.space_group_name_H-M   'P 1'
#
loop_
_entity.id
_entity.type
_entity.pdbx_description
1 polymer 'Histone-lysine N-methyltransferase, H3 lysine-4 specific'
2 polymer 'COMPASS component BRE2'
3 polymer 'COMPASS component SDC1'
4 polymer 'COMPASS component SPP1'
5 polymer 'COMPASS component SWD1'
6 polymer 'COMPASS component SWD3'
#
loop_
_entity_poly.entity_id
_entity_poly.type
_entity_poly.pdbx_seq_one_letter_code
_entity_poly.pdbx_strand_id
1 'polypeptide(L)'
;KIWQSRRKTLEEEKASDWQIELNGTLFDSELQPGSSFKAEGFRKVTDKLKINYLPHRRRVHQPLNTVNIHNERNEYTPEL
CQREESSNKEPSDSVPQEVSSSRDNRASNRRFQQDIEAQKAAIGTESELLSLNQLNKRKKPVMFARSAIHNWGLYALDSI
AAKEMIIEYVGERIRQPVAEMREKRYLKNGIGSSYLFRVDENTVIDATKKGGIARFINHCCDPNCTAKIIKVGGRRRIVI
YALRDIAASEELTYDYKFEREKDDEERLPCLCGAPNCK
;
E
2 'polypeptide(L)'
;FDHSGMSVMDRSEGLSISRDGNDLVSVPDQYGWRTARSDVCIKEGMTYWEVEVIRGGNKKFADGVNNKENADDSVDEVQS
GIYEKMHKQVNDTPHLRFGVCRREASLEAPVGFDVYGYGIRDISLESIHEGKLNCVLENGSPLKEGDKIGFLLSLPSIHT
QIKQAKEFTKRRIFALNSHMDTMNEPWREDAENGPSRKKLKQETTNKEFQRALLEDIEYNDVVRDQIAIRYKNQLFFEAT
DYVKTTKPEYYSSDKRERQDYYQLEDSYLAIFQNGKYLGKAFENLKPLLPPFSELQYNEKFYLGYWQHGEARDESNDKNT
TSAKKKKQQQKKKKGLILRNKYVNNNKLGYYPTISCFNGGTARIISEEDKLEYLDQIRSAYCVDGNSKVNTLDTLYKEQI
AEDIVWDIIDELEQIAL
;
K
3 'polypeptide(L)' TRKYLNTNVTPHLLAGMRLIAVQQPEDPLRVLGEYLIEQSNI M,N
4 'polypeptide(L)'
;HGREFVNDIWSRLKTDEDRAVVKKMVEQTGHIDKFKKFGQLDFIDNNIVVKTDDEKEIFDQIVVRDMTLKTLEDDLQEVQ
EISLPLFKKKLELLEVYLGWLDNVYTEMRKLDDDAASHVECGKEDSKGTKRKKKKNSSRSRARKNICGYCSTYERIPCSV
EEFVRDFGSNEEATKIHEVCTKWKCNRHLDWVSTNQEQYLQQIDSLESMQERLQHLIQARKKQLNIQYYEEILRRGL
;
F
5 'polypeptide(L)'
;NILLQDPFAVLKEHPEKLTHTIENPLRTECLQFSPCGDYLALGCANGALVIYDMDTFRPICVPGNMLGAHVRPITSIAWS
PDGRLLLTSSRDWSIKLWDLSKPSKPLKEIRFDSPIWGCQWLDAKRRLCVATIFEESDAYVIDFSNDPVASLLSKSDEKQ
LSSTPDHGYVLVCTVHTKHPNIIIVGTSKGWLDFYKFHSLYQTECIHSLKITSSNIKHLIVSQNGERLAINCSDRTIRQY
EISIDDENSAVELTLEHKYQDVINKLQWNCILFSNNTAEYLVASTHGSSAHELYIWETTSGTLVRVLEGAEEELIDINWD
FYSMSIVSNGFESGNVYVWSVVIPPKWSALAPDFEEVEENVDYLEKEDEFDEVDEAEQQQGLEQEEEIAIDLRTREQYDV
RGNNLLVERFTI
;
B
6 'polypeptide(L)'
;FQFVTPVGTQNGLKATCAKISPDGQFLAITQGLNILIYDINRRTVSQTLVTSHARPFSELCWSPDGQCIATASDDFSVEI
IHLSYGLLHTFIGHTAPVISLTFNRKGNLLFTSSMDESIKIWDTLNGSLMKTISAHSEAVVSVDVPMNDSSILSSGSYDG
LIRIFDAETGHCLKTLTYDKDWKRENGVVPISQVKFSENARYLLVKSLDGVVKIWDCIGGCVVRTFQVQPLEKGVLHHSC
GMDFLNPEDGSTPLVISGYENGDIYCWNSDTKSLLQLLDGSLYHHSSPVMSIHCFGNIMCSLALNGDCCLWRWV
;
A
#
# COMPACT_ATOMS: atom_id res chain seq x y z
N LYS A 1 39.34 -39.03 0.60
CA LYS A 1 39.20 -37.79 -0.16
C LYS A 1 39.52 -36.60 0.73
N ILE A 2 40.80 -36.26 0.83
CA ILE A 2 41.22 -35.22 1.77
C ILE A 2 40.84 -33.84 1.25
N TRP A 3 40.73 -33.69 -0.07
CA TRP A 3 40.56 -32.37 -0.66
C TRP A 3 39.18 -31.81 -0.37
N GLN A 4 38.17 -32.68 -0.31
CA GLN A 4 36.85 -32.22 0.07
C GLN A 4 36.71 -32.15 1.59
N SER A 5 37.62 -32.83 2.30
CA SER A 5 37.54 -32.85 3.77
C SER A 5 37.88 -31.50 4.36
N ARG A 6 38.82 -30.79 3.76
CA ARG A 6 39.35 -29.58 4.37
C ARG A 6 38.33 -28.46 4.35
N ARG A 7 37.54 -28.36 3.28
CA ARG A 7 36.33 -27.55 3.34
C ARG A 7 35.39 -28.07 4.41
N LYS A 8 35.20 -29.39 4.45
CA LYS A 8 34.14 -29.96 5.27
C LYS A 8 34.50 -29.93 6.74
N THR A 9 35.77 -30.14 7.08
CA THR A 9 36.19 -29.97 8.46
C THR A 9 36.14 -28.51 8.88
N LEU A 10 36.35 -27.61 7.92
CA LEU A 10 36.06 -26.21 8.20
C LEU A 10 34.55 -25.99 8.28
N GLU A 11 33.80 -26.63 7.37
CA GLU A 11 32.35 -26.48 7.33
C GLU A 11 31.71 -26.98 8.61
N GLU A 12 32.21 -28.09 9.13
CA GLU A 12 31.70 -28.60 10.40
C GLU A 12 32.13 -27.70 11.55
N GLU A 13 33.22 -26.97 11.37
CA GLU A 13 33.62 -26.01 12.38
C GLU A 13 33.13 -24.60 12.07
N LYS A 14 32.57 -24.35 10.89
CA LYS A 14 31.98 -23.04 10.65
C LYS A 14 30.46 -23.07 10.74
N ALA A 15 29.84 -23.88 9.88
CA ALA A 15 28.41 -23.73 9.61
C ALA A 15 27.57 -24.17 10.78
N SER A 16 27.76 -25.40 11.24
CA SER A 16 27.00 -25.88 12.39
C SER A 16 27.46 -25.19 13.67
N ASP A 17 28.71 -24.74 13.71
CA ASP A 17 29.22 -24.14 14.93
C ASP A 17 28.81 -22.68 15.04
N TRP A 18 29.29 -21.83 14.14
CA TRP A 18 29.28 -20.40 14.39
C TRP A 18 27.90 -19.80 14.18
N GLN A 19 27.04 -20.49 13.44
CA GLN A 19 25.69 -19.98 13.22
C GLN A 19 24.86 -20.07 14.48
N ILE A 20 24.69 -21.30 14.99
CA ILE A 20 23.73 -21.54 16.07
C ILE A 20 24.20 -20.92 17.38
N GLU A 21 25.51 -20.67 17.49
CA GLU A 21 25.98 -19.87 18.62
C GLU A 21 25.55 -18.42 18.47
N LEU A 22 25.80 -17.83 17.31
CA LEU A 22 25.31 -16.48 17.04
C LEU A 22 23.79 -16.44 17.01
N ASN A 23 23.16 -17.55 16.65
CA ASN A 23 21.70 -17.62 16.75
C ASN A 23 21.27 -17.67 18.20
N GLY A 24 21.80 -18.62 18.96
CA GLY A 24 21.25 -18.90 20.27
C GLY A 24 21.63 -17.89 21.32
N THR A 25 22.88 -17.42 21.28
CA THR A 25 23.31 -16.41 22.25
C THR A 25 22.62 -15.08 22.01
N LEU A 26 22.42 -14.72 20.74
CA LEU A 26 21.73 -13.48 20.45
C LEU A 26 20.24 -13.71 20.28
N PHE A 27 19.75 -14.88 20.66
CA PHE A 27 18.32 -15.01 20.89
C PHE A 27 17.93 -14.27 22.15
N ASP A 28 17.33 -13.10 21.96
CA ASP A 28 16.77 -12.35 23.07
C ASP A 28 15.53 -13.04 23.63
N SER A 29 14.70 -13.61 22.76
CA SER A 29 13.56 -14.40 23.22
C SER A 29 14.04 -15.82 23.54
N GLU A 30 13.12 -16.66 24.00
CA GLU A 30 13.48 -17.95 24.58
C GLU A 30 13.27 -19.09 23.57
N LEU A 31 14.16 -19.13 22.58
CA LEU A 31 14.50 -20.34 21.81
C LEU A 31 13.30 -20.96 21.10
N GLN A 32 12.78 -20.23 20.12
CA GLN A 32 11.54 -20.61 19.44
C GLN A 32 11.72 -21.90 18.65
N PRO A 33 10.95 -22.95 18.94
CA PRO A 33 11.03 -24.17 18.11
C PRO A 33 10.26 -24.00 16.82
N GLY A 34 10.95 -23.81 15.70
CA GLY A 34 10.27 -23.58 14.44
C GLY A 34 10.69 -24.59 13.40
N SER A 35 9.78 -24.83 12.46
CA SER A 35 10.04 -25.77 11.38
C SER A 35 10.82 -25.10 10.26
N SER A 36 10.91 -25.79 9.12
CA SER A 36 11.39 -25.16 7.89
C SER A 36 10.24 -24.47 7.20
N PHE A 37 10.32 -23.14 7.11
CA PHE A 37 9.09 -22.38 6.89
C PHE A 37 8.66 -22.26 5.45
N LYS A 38 9.09 -23.16 4.56
CA LYS A 38 8.32 -23.45 3.36
C LYS A 38 7.81 -24.88 3.37
N ALA A 39 7.57 -25.45 4.56
CA ALA A 39 6.95 -26.76 4.68
C ALA A 39 5.62 -26.67 5.43
N GLU A 40 5.02 -25.49 5.44
CA GLU A 40 3.62 -25.24 5.79
C GLU A 40 3.27 -25.56 7.24
N GLY A 41 4.26 -25.60 8.13
CA GLY A 41 3.93 -25.68 9.54
C GLY A 41 3.33 -24.36 9.98
N PHE A 42 2.02 -24.35 10.21
CA PHE A 42 1.34 -23.09 10.51
C PHE A 42 1.70 -22.58 11.89
N ARG A 43 1.46 -23.41 12.92
CA ARG A 43 1.79 -23.13 14.32
C ARG A 43 1.09 -21.84 14.79
N LYS A 44 -0.13 -21.64 14.33
CA LYS A 44 -0.89 -20.46 14.70
C LYS A 44 -1.52 -20.68 16.08
N VAL A 45 -0.71 -20.50 17.11
CA VAL A 45 -1.04 -20.99 18.44
C VAL A 45 -1.08 -19.82 19.41
N THR A 46 -1.93 -19.97 20.44
CA THR A 46 -2.26 -18.90 21.38
C THR A 46 -1.05 -18.50 22.22
N ASP A 47 -0.28 -19.49 22.65
CA ASP A 47 0.98 -19.19 23.29
C ASP A 47 1.94 -18.55 22.29
N LYS A 48 2.50 -17.42 22.68
CA LYS A 48 3.34 -16.62 21.81
C LYS A 48 4.68 -16.45 22.51
N LEU A 49 5.75 -16.86 21.84
CA LEU A 49 7.08 -16.59 22.35
C LEU A 49 7.69 -15.38 21.66
N LYS A 50 6.85 -14.40 21.34
CA LYS A 50 7.28 -13.21 20.63
C LYS A 50 6.85 -12.00 21.46
N ILE A 51 7.57 -10.89 21.31
CA ILE A 51 7.53 -9.86 22.34
C ILE A 51 6.21 -9.09 22.33
N ASN A 52 5.61 -8.98 23.51
CA ASN A 52 4.43 -8.16 23.75
C ASN A 52 4.61 -7.41 25.05
N SER A 127 -24.37 20.13 24.38
CA SER A 127 -25.10 21.01 23.47
C SER A 127 -24.67 20.80 22.03
N GLU A 128 -25.22 21.63 21.13
CA GLU A 128 -24.91 21.52 19.71
C GLU A 128 -23.45 21.85 19.44
N LEU A 129 -23.01 23.02 19.90
CA LEU A 129 -21.61 23.40 19.71
C LEU A 129 -20.69 22.57 20.58
N LEU A 130 -21.21 21.96 21.65
CA LEU A 130 -20.41 21.00 22.41
C LEU A 130 -20.18 19.74 21.58
N SER A 131 -21.18 19.31 20.82
CA SER A 131 -21.01 18.17 19.92
C SER A 131 -20.06 18.51 18.77
N LEU A 132 -20.17 19.75 18.25
CA LEU A 132 -19.27 20.18 17.20
C LEU A 132 -17.85 20.38 17.73
N ASN A 133 -17.74 20.67 19.03
CA ASN A 133 -16.44 20.73 19.67
C ASN A 133 -15.84 19.34 19.81
N GLN A 134 -16.66 18.36 20.21
CA GLN A 134 -16.20 16.98 20.32
C GLN A 134 -15.86 16.39 18.97
N LEU A 135 -16.44 16.96 17.90
CA LEU A 135 -16.01 16.62 16.55
C LEU A 135 -14.56 17.05 16.31
N ASN A 136 -14.09 18.08 17.01
CA ASN A 136 -12.80 18.66 16.71
C ASN A 136 -11.83 18.69 17.89
N LYS A 137 -12.31 18.75 19.13
CA LYS A 137 -11.40 18.83 20.27
C LYS A 137 -10.72 17.49 20.51
N ARG A 138 -11.48 16.47 20.93
CA ARG A 138 -10.86 15.19 21.16
C ARG A 138 -10.77 14.49 19.83
N LYS A 139 -10.01 15.07 18.91
CA LYS A 139 -9.87 14.48 17.58
C LYS A 139 -9.19 13.12 17.56
N LYS A 140 -8.13 12.98 18.34
CA LYS A 140 -7.38 11.74 18.38
C LYS A 140 -6.95 11.43 19.79
N PRO A 141 -7.93 11.24 20.68
CA PRO A 141 -7.62 10.94 22.08
C PRO A 141 -6.97 9.59 22.24
N VAL A 142 -7.11 8.73 21.23
CA VAL A 142 -6.41 7.46 21.16
C VAL A 142 -5.37 7.56 20.05
N MET A 143 -4.51 6.56 19.90
CA MET A 143 -3.52 6.54 18.82
C MET A 143 -3.42 5.08 18.47
N PHE A 144 -4.09 4.65 17.41
CA PHE A 144 -4.27 3.22 17.10
C PHE A 144 -3.00 2.38 17.15
N ALA A 145 -3.10 1.24 17.83
CA ALA A 145 -1.97 0.35 18.02
C ALA A 145 -2.44 -1.06 18.35
N ARG A 146 -1.62 -2.07 18.06
CA ARG A 146 -1.94 -3.44 18.45
C ARG A 146 -1.70 -3.57 19.95
N SER A 147 -2.44 -4.47 20.60
CA SER A 147 -2.22 -4.75 22.00
C SER A 147 -2.50 -6.21 22.30
N ALA A 148 -2.21 -6.60 23.54
CA ALA A 148 -2.60 -7.91 24.03
C ALA A 148 -4.11 -8.02 24.15
N ILE A 149 -4.75 -6.95 24.60
CA ILE A 149 -6.21 -6.86 24.54
C ILE A 149 -6.61 -6.79 23.07
N HIS A 150 -7.88 -7.08 22.77
CA HIS A 150 -8.35 -8.09 21.78
C HIS A 150 -7.40 -8.15 20.58
N ASN A 151 -7.37 -7.14 19.71
CA ASN A 151 -6.30 -7.03 18.74
C ASN A 151 -5.67 -5.64 18.83
N TRP A 152 -6.53 -4.62 18.81
CA TRP A 152 -6.09 -3.25 18.60
C TRP A 152 -6.45 -2.39 19.80
N GLY A 153 -5.56 -2.40 20.80
CA GLY A 153 -5.69 -1.47 21.90
C GLY A 153 -5.27 -0.09 21.46
N LEU A 154 -6.24 0.82 21.33
CA LEU A 154 -5.98 2.09 20.66
C LEU A 154 -5.24 3.05 21.56
N TYR A 155 -5.07 2.68 22.84
CA TYR A 155 -4.21 3.36 23.82
C TYR A 155 -4.59 4.81 24.02
N ALA A 156 -5.75 5.04 24.67
CA ALA A 156 -6.33 6.38 24.88
C ALA A 156 -5.34 7.28 25.59
N LEU A 157 -4.88 8.31 24.88
CA LEU A 157 -3.68 9.02 25.28
C LEU A 157 -4.01 10.24 26.14
N ASP A 158 -4.77 11.19 25.58
CA ASP A 158 -5.04 12.43 26.30
C ASP A 158 -6.48 12.84 26.05
N SER A 159 -6.86 13.98 26.64
CA SER A 159 -8.19 14.59 26.52
C SER A 159 -9.29 13.65 26.98
N ILE A 160 -9.07 12.98 28.12
CA ILE A 160 -10.06 12.11 28.72
C ILE A 160 -10.30 12.54 30.17
N ALA A 161 -11.55 12.40 30.60
CA ALA A 161 -11.95 12.65 31.97
C ALA A 161 -13.25 11.90 32.22
N ALA A 162 -13.66 11.87 33.49
CA ALA A 162 -14.87 11.17 33.87
C ALA A 162 -16.11 11.94 33.40
N LYS A 163 -17.15 11.16 33.09
CA LYS A 163 -18.50 11.59 32.67
C LYS A 163 -18.49 12.72 31.63
N GLU A 164 -17.66 12.54 30.62
CA GLU A 164 -17.65 13.49 29.53
C GLU A 164 -17.77 12.75 28.21
N MET A 165 -18.36 13.42 27.23
CA MET A 165 -18.53 12.87 25.90
C MET A 165 -17.16 12.84 25.23
N ILE A 166 -16.62 11.63 25.03
CA ILE A 166 -15.31 11.51 24.39
C ILE A 166 -15.42 11.85 22.91
N ILE A 167 -16.09 10.98 22.15
CA ILE A 167 -16.23 11.13 20.70
C ILE A 167 -17.54 10.57 20.14
N GLU A 168 -18.20 11.34 19.28
CA GLU A 168 -19.47 10.93 18.71
C GLU A 168 -19.27 9.63 17.94
N TYR A 169 -19.86 8.55 18.45
CA TYR A 169 -20.02 7.34 17.66
C TYR A 169 -20.82 7.66 16.43
N VAL A 170 -20.27 7.39 15.26
CA VAL A 170 -20.92 7.71 14.01
C VAL A 170 -20.89 6.50 13.11
N GLY A 171 -22.07 6.03 12.70
CA GLY A 171 -22.21 5.03 11.67
C GLY A 171 -23.08 5.58 10.55
N GLU A 172 -23.69 4.65 9.81
CA GLU A 172 -24.33 5.07 8.58
C GLU A 172 -25.64 4.36 8.22
N ARG A 173 -26.16 3.49 9.09
CA ARG A 173 -27.38 2.74 8.80
C ARG A 173 -28.66 3.20 9.54
N ILE A 174 -29.70 3.45 8.75
CA ILE A 174 -31.02 3.93 9.19
C ILE A 174 -32.02 3.12 10.05
N ARG A 175 -32.18 1.81 9.80
CA ARG A 175 -33.23 1.07 10.53
C ARG A 175 -32.92 -0.25 11.26
N GLN A 176 -33.82 -0.60 12.20
CA GLN A 176 -33.73 -1.79 13.03
C GLN A 176 -34.22 -3.09 12.36
N PRO A 177 -35.38 -3.05 11.67
CA PRO A 177 -35.73 -4.34 11.02
C PRO A 177 -34.86 -4.74 9.82
N VAL A 178 -34.71 -3.90 8.81
CA VAL A 178 -34.01 -4.39 7.63
C VAL A 178 -32.50 -4.29 7.84
N ALA A 179 -32.08 -3.53 8.84
CA ALA A 179 -30.69 -3.63 9.25
C ALA A 179 -30.47 -4.86 10.13
N GLU A 180 -31.53 -5.38 10.75
CA GLU A 180 -31.42 -6.71 11.34
C GLU A 180 -31.31 -7.77 10.25
N MET A 181 -31.97 -7.54 9.11
CA MET A 181 -31.72 -8.38 7.94
C MET A 181 -30.28 -8.28 7.47
N ARG A 182 -29.72 -7.06 7.53
CA ARG A 182 -28.31 -6.86 7.22
C ARG A 182 -27.41 -7.56 8.25
N GLU A 183 -27.85 -7.62 9.50
CA GLU A 183 -27.08 -8.33 10.53
C GLU A 183 -27.13 -9.83 10.32
N LYS A 184 -28.28 -10.33 9.85
CA LYS A 184 -28.38 -11.72 9.42
C LYS A 184 -27.43 -12.01 8.27
N ARG A 185 -27.29 -11.06 7.34
CA ARG A 185 -26.34 -11.25 6.25
C ARG A 185 -24.89 -11.13 6.74
N TYR A 186 -24.67 -10.39 7.83
CA TYR A 186 -23.36 -10.37 8.47
C TYR A 186 -23.00 -11.71 9.08
N LEU A 187 -23.96 -12.32 9.79
CA LEU A 187 -23.67 -13.55 10.49
C LEU A 187 -23.55 -14.72 9.53
N LYS A 188 -24.06 -14.56 8.30
CA LYS A 188 -23.77 -15.54 7.25
C LYS A 188 -22.29 -15.53 6.90
N ASN A 189 -21.69 -14.37 6.78
CA ASN A 189 -20.26 -14.27 6.58
C ASN A 189 -19.50 -14.21 7.89
N GLY A 190 -20.21 -14.10 9.02
CA GLY A 190 -19.59 -14.09 10.33
C GLY A 190 -18.70 -12.88 10.58
N ILE A 191 -18.98 -11.78 9.88
CA ILE A 191 -18.09 -10.62 9.98
C ILE A 191 -18.32 -9.90 11.30
N GLY A 192 -19.51 -9.34 11.49
CA GLY A 192 -19.80 -8.66 12.74
C GLY A 192 -21.08 -9.11 13.41
N SER A 193 -20.94 -9.78 14.55
CA SER A 193 -22.06 -9.90 15.47
C SER A 193 -22.19 -8.64 16.29
N SER A 194 -21.07 -8.12 16.77
CA SER A 194 -20.94 -6.77 17.28
C SER A 194 -20.70 -5.83 16.10
N TYR A 195 -20.18 -4.63 16.41
CA TYR A 195 -19.90 -3.57 15.44
C TYR A 195 -21.19 -3.07 14.81
N LEU A 196 -22.22 -3.01 15.64
CA LEU A 196 -23.39 -2.17 15.43
C LEU A 196 -23.65 -1.49 16.76
N PHE A 197 -24.48 -0.46 16.73
CA PHE A 197 -24.99 0.11 17.97
C PHE A 197 -26.46 0.42 17.76
N ARG A 198 -27.28 -0.06 18.69
CA ARG A 198 -28.72 -0.07 18.53
C ARG A 198 -29.39 0.90 19.48
N VAL A 199 -30.30 1.71 18.95
CA VAL A 199 -31.28 2.38 19.79
C VAL A 199 -32.45 1.44 20.04
N ASP A 200 -32.82 0.64 19.03
CA ASP A 200 -33.85 -0.40 18.95
C ASP A 200 -35.27 0.15 18.98
N GLU A 201 -35.45 1.45 19.21
CA GLU A 201 -36.71 2.08 18.84
C GLU A 201 -36.89 1.98 17.33
N ASN A 202 -36.03 2.67 16.60
CA ASN A 202 -35.55 2.29 15.28
C ASN A 202 -34.11 2.76 15.22
N THR A 203 -33.55 2.81 14.01
CA THR A 203 -32.29 3.50 13.70
C THR A 203 -31.13 2.92 14.50
N VAL A 204 -30.86 1.65 14.27
CA VAL A 204 -29.63 1.03 14.73
C VAL A 204 -28.53 1.64 13.86
N ILE A 205 -27.39 1.91 14.48
CA ILE A 205 -26.33 2.70 13.86
C ILE A 205 -25.16 1.77 13.54
N ASP A 206 -24.72 1.81 12.28
CA ASP A 206 -23.75 0.84 11.77
C ASP A 206 -22.33 1.14 12.22
N ALA A 207 -21.40 0.29 11.83
CA ALA A 207 -19.98 0.59 11.99
C ALA A 207 -19.13 0.20 10.79
N THR A 208 -19.58 -0.74 9.97
CA THR A 208 -18.68 -1.40 9.02
C THR A 208 -18.90 -0.92 7.59
N LYS A 209 -19.42 0.28 7.41
CA LYS A 209 -19.47 0.90 6.09
C LYS A 209 -18.99 2.34 6.07
N LYS A 210 -19.21 3.12 7.12
CA LYS A 210 -18.71 4.48 7.15
C LYS A 210 -18.25 4.87 8.55
N GLY A 211 -17.91 3.87 9.36
CA GLY A 211 -17.51 4.09 10.73
C GLY A 211 -16.51 5.17 11.06
N GLY A 212 -16.62 5.73 12.25
CA GLY A 212 -15.70 6.77 12.68
C GLY A 212 -14.72 5.99 13.53
N ILE A 213 -14.90 6.04 14.83
CA ILE A 213 -14.06 5.28 15.73
C ILE A 213 -14.85 4.07 16.25
N ALA A 214 -15.86 3.68 15.48
CA ALA A 214 -16.78 2.64 15.86
C ALA A 214 -16.24 1.27 16.08
N ARG A 215 -15.50 0.73 15.14
CA ARG A 215 -15.04 -0.63 15.34
C ARG A 215 -14.04 -0.68 16.45
N PHE A 216 -13.16 0.32 16.47
CA PHE A 216 -12.04 0.34 17.40
C PHE A 216 -12.35 0.28 18.89
N ILE A 217 -13.40 0.95 19.35
CA ILE A 217 -13.64 0.90 20.78
C ILE A 217 -13.82 -0.57 21.12
N ASN A 218 -13.19 -1.02 22.18
CA ASN A 218 -13.15 -2.44 22.48
C ASN A 218 -14.35 -2.93 23.29
N HIS A 219 -14.25 -4.18 23.70
CA HIS A 219 -15.34 -4.94 24.32
C HIS A 219 -14.84 -5.70 25.54
N CYS A 220 -13.89 -5.14 26.28
CA CYS A 220 -13.36 -5.79 27.46
C CYS A 220 -14.37 -5.77 28.61
N CYS A 221 -14.02 -6.49 29.67
CA CYS A 221 -14.88 -6.49 30.85
C CYS A 221 -14.51 -5.34 31.79
N ASP A 222 -13.65 -4.43 31.33
CA ASP A 222 -13.33 -3.23 32.07
C ASP A 222 -14.49 -2.24 31.99
N PRO A 223 -15.05 -1.82 33.13
CA PRO A 223 -16.13 -0.82 33.08
C PRO A 223 -15.60 0.59 32.86
N ASN A 224 -15.06 0.86 31.68
CA ASN A 224 -14.54 2.19 31.41
C ASN A 224 -15.63 3.12 30.92
N CYS A 225 -16.34 2.71 29.87
CA CYS A 225 -17.09 3.62 29.03
C CYS A 225 -18.55 3.20 28.97
N THR A 226 -19.42 4.17 28.69
CA THR A 226 -20.81 3.90 28.35
C THR A 226 -21.14 4.64 27.06
N ALA A 227 -21.35 3.91 25.98
CA ALA A 227 -21.85 4.47 24.75
C ALA A 227 -23.36 4.61 24.84
N LYS A 228 -23.84 5.82 25.11
CA LYS A 228 -25.26 6.03 25.39
C LYS A 228 -25.77 7.07 24.40
N ILE A 229 -27.08 7.32 24.44
CA ILE A 229 -27.74 8.04 23.36
C ILE A 229 -28.08 9.48 23.77
N ILE A 230 -27.25 10.09 24.63
CA ILE A 230 -27.44 11.49 25.00
C ILE A 230 -27.17 12.37 23.77
N LYS A 231 -28.16 13.17 23.40
CA LYS A 231 -28.11 13.89 22.15
C LYS A 231 -29.08 15.06 22.19
N VAL A 232 -28.78 16.07 21.38
CA VAL A 232 -29.56 17.29 21.33
C VAL A 232 -29.86 17.60 19.87
N GLY A 233 -31.07 18.07 19.60
CA GLY A 233 -31.41 18.68 18.33
C GLY A 233 -31.54 17.70 17.18
N GLY A 234 -30.40 17.13 16.77
CA GLY A 234 -30.42 16.17 15.68
C GLY A 234 -31.09 14.86 16.06
N ARG A 235 -31.07 14.53 17.36
CA ARG A 235 -31.71 13.37 17.95
C ARG A 235 -31.27 12.05 17.32
N ARG A 236 -30.03 12.01 16.81
CA ARG A 236 -29.46 10.76 16.31
C ARG A 236 -27.99 10.62 16.73
N ARG A 237 -27.51 11.47 17.62
CA ARG A 237 -26.10 11.49 18.00
C ARG A 237 -25.87 10.47 19.11
N ILE A 238 -24.77 9.73 19.02
CA ILE A 238 -24.38 8.82 20.08
C ILE A 238 -22.97 9.19 20.51
N VAL A 239 -22.85 9.65 21.75
CA VAL A 239 -21.56 9.96 22.33
C VAL A 239 -21.26 8.89 23.37
N ILE A 240 -20.01 8.84 23.81
CA ILE A 240 -19.65 8.01 24.95
C ILE A 240 -19.67 8.93 26.16
N TYR A 241 -20.80 8.93 26.86
CA TYR A 241 -21.09 10.02 27.79
C TYR A 241 -20.48 9.78 29.15
N ALA A 242 -20.91 8.74 29.86
CA ALA A 242 -20.56 8.55 31.26
C ALA A 242 -19.28 7.75 31.34
N LEU A 243 -18.29 8.31 32.01
CA LEU A 243 -16.96 7.74 32.11
C LEU A 243 -16.53 7.72 33.56
N ARG A 244 -15.70 6.74 33.90
CA ARG A 244 -14.79 6.86 35.03
C ARG A 244 -13.44 7.24 34.44
N ASP A 245 -12.71 8.10 35.14
CA ASP A 245 -11.53 8.73 34.55
C ASP A 245 -10.40 7.72 34.42
N ILE A 246 -9.80 7.68 33.23
CA ILE A 246 -8.75 6.72 32.91
C ILE A 246 -7.48 7.55 32.72
N ALA A 247 -6.34 6.90 32.55
CA ALA A 247 -5.08 7.59 32.34
C ALA A 247 -4.65 7.42 30.89
N ALA A 248 -3.45 7.90 30.58
CA ALA A 248 -2.89 7.75 29.24
C ALA A 248 -2.67 6.28 28.89
N SER A 249 -2.91 5.96 27.61
CA SER A 249 -2.61 4.69 26.95
C SER A 249 -3.43 3.51 27.45
N GLU A 250 -4.27 3.70 28.46
CA GLU A 250 -5.19 2.65 28.89
C GLU A 250 -6.48 2.87 28.13
N GLU A 251 -6.87 1.87 27.34
CA GLU A 251 -7.78 2.12 26.24
C GLU A 251 -9.25 2.01 26.67
N LEU A 252 -10.04 2.93 26.11
CA LEU A 252 -11.49 2.99 26.24
C LEU A 252 -12.15 1.65 25.95
N THR A 253 -12.95 1.18 26.91
CA THR A 253 -13.74 -0.04 26.76
C THR A 253 -15.17 0.28 27.16
N TYR A 254 -16.07 0.22 26.19
CA TYR A 254 -17.50 0.28 26.46
C TYR A 254 -18.02 -1.15 26.44
N ASP A 255 -19.03 -1.43 27.26
CA ASP A 255 -19.72 -2.69 27.16
C ASP A 255 -20.83 -2.54 26.12
N TYR A 256 -21.14 -3.63 25.42
CA TYR A 256 -21.96 -3.55 24.21
C TYR A 256 -23.40 -3.16 24.51
N LYS A 257 -24.03 -3.89 25.44
CA LYS A 257 -25.46 -3.84 25.75
C LYS A 257 -26.31 -4.05 24.50
N PRO A 269 -15.93 -11.39 32.22
CA PRO A 269 -16.42 -12.59 31.53
C PRO A 269 -16.50 -12.39 30.03
N CYS A 270 -15.83 -11.36 29.53
CA CYS A 270 -15.77 -11.12 28.09
C CYS A 270 -14.69 -11.99 27.46
N LEU A 271 -14.41 -11.70 26.18
CA LEU A 271 -13.32 -12.33 25.48
C LEU A 271 -12.03 -11.55 25.58
N CYS A 272 -11.84 -10.80 26.68
CA CYS A 272 -10.68 -9.93 26.79
C CYS A 272 -9.43 -10.71 27.16
N GLY A 273 -9.42 -11.34 28.32
CA GLY A 273 -8.17 -11.85 28.85
C GLY A 273 -7.29 -10.74 29.40
N ALA A 274 -7.88 -9.58 29.64
CA ALA A 274 -7.23 -8.45 30.30
C ALA A 274 -7.11 -8.80 31.77
N PRO A 275 -6.17 -8.19 32.54
CA PRO A 275 -6.03 -8.58 33.95
C PRO A 275 -7.12 -8.07 34.89
N ASN A 276 -8.38 -8.29 34.51
CA ASN A 276 -9.55 -8.06 35.35
C ASN A 276 -10.58 -9.15 35.11
N CYS A 277 -10.23 -10.12 34.26
CA CYS A 277 -11.17 -11.15 33.83
C CYS A 277 -11.19 -12.32 34.81
N PHE B 1 -58.55 2.95 14.65
CA PHE B 1 -59.78 3.65 15.03
C PHE B 1 -60.44 4.41 13.89
N ASP B 2 -59.63 4.95 12.99
CA ASP B 2 -60.13 5.69 11.83
C ASP B 2 -60.85 4.72 10.91
N HIS B 3 -61.90 5.20 10.24
CA HIS B 3 -62.74 4.29 9.47
C HIS B 3 -62.73 4.61 7.98
N SER B 4 -63.08 5.85 7.60
CA SER B 4 -63.24 6.20 6.20
C SER B 4 -61.89 6.49 5.57
N GLY B 5 -61.78 6.28 4.27
CA GLY B 5 -60.54 6.49 3.55
C GLY B 5 -60.32 5.41 2.51
N MET B 6 -59.07 4.99 2.37
CA MET B 6 -58.67 3.86 1.52
C MET B 6 -57.34 3.27 1.97
N SER B 7 -57.40 2.12 2.66
CA SER B 7 -56.23 1.34 3.11
C SER B 7 -55.26 2.17 3.94
N VAL B 8 -55.73 2.61 5.11
CA VAL B 8 -55.11 3.75 5.80
C VAL B 8 -54.44 3.36 7.11
N MET B 9 -55.13 2.54 7.90
CA MET B 9 -55.05 2.62 9.37
C MET B 9 -53.66 2.32 9.92
N ASP B 10 -53.01 1.28 9.41
CA ASP B 10 -51.66 0.96 9.89
C ASP B 10 -50.74 0.79 8.69
N ARG B 11 -49.75 1.66 8.61
CA ARG B 11 -48.80 1.78 7.52
C ARG B 11 -47.52 2.31 8.14
N SER B 12 -46.64 2.93 7.38
CA SER B 12 -45.50 3.55 8.04
C SER B 12 -45.33 4.95 7.47
N GLU B 13 -44.15 5.54 7.68
CA GLU B 13 -43.91 6.96 7.49
C GLU B 13 -44.11 7.42 6.04
N GLY B 14 -43.80 6.59 5.06
CA GLY B 14 -43.62 7.11 3.70
C GLY B 14 -44.91 7.29 2.93
N LEU B 15 -46.02 6.79 3.45
CA LEU B 15 -47.31 6.92 2.80
C LEU B 15 -48.03 8.25 3.12
N SER B 16 -47.27 9.26 3.52
CA SER B 16 -47.76 10.53 4.14
C SER B 16 -48.45 11.42 3.10
N ILE B 17 -48.68 12.69 3.44
CA ILE B 17 -49.72 13.61 2.96
C ILE B 17 -49.92 13.61 1.46
N SER B 18 -48.89 13.32 0.65
CA SER B 18 -49.09 13.25 -0.79
C SER B 18 -49.76 11.95 -1.25
N ARG B 19 -50.38 11.20 -0.34
CA ARG B 19 -51.25 10.07 -0.67
C ARG B 19 -52.73 10.42 -0.64
N ASP B 20 -53.06 11.69 -0.37
CA ASP B 20 -54.45 12.05 -0.10
C ASP B 20 -55.32 12.05 -1.35
N GLY B 21 -54.72 12.01 -2.54
CA GLY B 21 -55.51 12.16 -3.75
C GLY B 21 -56.40 10.97 -4.04
N ASN B 22 -55.80 9.88 -4.52
CA ASN B 22 -56.58 8.65 -4.60
C ASN B 22 -55.93 7.47 -3.89
N ASP B 23 -54.75 7.05 -4.37
CA ASP B 23 -54.19 5.75 -4.03
C ASP B 23 -52.67 5.77 -3.93
N LEU B 24 -52.06 6.95 -3.99
CA LEU B 24 -50.61 7.05 -4.17
C LEU B 24 -49.94 7.02 -2.81
N VAL B 25 -49.93 5.85 -2.17
CA VAL B 25 -49.40 5.74 -0.83
C VAL B 25 -47.95 5.27 -0.89
N SER B 26 -47.32 5.45 -2.04
CA SER B 26 -45.92 5.09 -2.19
C SER B 26 -45.02 6.10 -1.48
N VAL B 27 -43.73 5.81 -1.49
CA VAL B 27 -42.82 6.36 -0.49
C VAL B 27 -41.69 7.16 -1.13
N PRO B 28 -41.70 8.47 -1.03
CA PRO B 28 -40.53 9.26 -1.44
C PRO B 28 -39.64 9.73 -0.30
N ASP B 29 -39.93 9.35 0.94
CA ASP B 29 -39.33 10.06 2.08
C ASP B 29 -37.91 9.61 2.37
N GLN B 30 -37.76 8.40 2.88
CA GLN B 30 -36.54 7.63 2.69
C GLN B 30 -36.96 6.45 1.85
N TYR B 31 -36.07 5.51 1.58
CA TYR B 31 -36.36 4.64 0.44
C TYR B 31 -36.83 3.27 0.88
N GLY B 32 -36.02 2.55 1.68
CA GLY B 32 -36.44 1.25 2.16
C GLY B 32 -37.48 1.38 3.25
N TRP B 33 -38.71 0.97 2.96
CA TRP B 33 -39.80 1.14 3.90
C TRP B 33 -40.85 0.04 3.77
N ARG B 34 -42.02 0.33 4.31
CA ARG B 34 -43.00 -0.71 4.57
C ARG B 34 -44.18 -0.63 3.62
N THR B 35 -44.71 -1.80 3.27
CA THR B 35 -45.88 -1.83 2.42
C THR B 35 -46.95 -1.27 3.34
N ALA B 36 -47.79 -0.39 2.83
CA ALA B 36 -48.85 0.17 3.65
C ALA B 36 -49.85 -0.91 4.00
N ARG B 37 -50.44 -0.83 5.20
CA ARG B 37 -51.43 -1.82 5.62
C ARG B 37 -52.54 -1.66 4.61
N SER B 38 -52.93 -2.79 4.03
CA SER B 38 -53.99 -2.91 3.05
C SER B 38 -55.36 -2.81 3.71
N ASP B 39 -56.37 -2.48 2.92
CA ASP B 39 -57.74 -2.32 3.41
C ASP B 39 -58.44 -3.55 4.01
N VAL B 40 -58.25 -4.73 3.43
CA VAL B 40 -58.95 -5.91 3.95
C VAL B 40 -58.20 -7.23 4.17
N CYS B 41 -58.76 -8.04 5.07
CA CYS B 41 -58.29 -9.36 5.44
C CYS B 41 -59.05 -10.44 4.67
N ILE B 42 -58.42 -10.99 3.64
CA ILE B 42 -59.03 -12.03 2.84
C ILE B 42 -58.90 -13.33 3.63
N LYS B 43 -60.03 -13.80 4.18
CA LYS B 43 -60.00 -14.90 5.12
C LYS B 43 -60.11 -16.19 4.35
N GLU B 44 -61.20 -16.43 3.61
CA GLU B 44 -61.42 -17.71 2.94
C GLU B 44 -61.82 -17.58 1.49
N GLY B 45 -62.16 -16.38 1.02
CA GLY B 45 -62.80 -16.20 -0.27
C GLY B 45 -61.83 -16.30 -1.44
N MET B 46 -62.32 -15.85 -2.59
CA MET B 46 -61.53 -15.70 -3.80
C MET B 46 -61.64 -14.24 -4.23
N THR B 47 -60.58 -13.71 -4.82
CA THR B 47 -60.52 -12.28 -5.04
C THR B 47 -59.88 -11.96 -6.37
N TYR B 48 -60.35 -10.87 -6.96
CA TYR B 48 -59.66 -10.20 -8.05
C TYR B 48 -58.91 -9.03 -7.43
N TRP B 49 -58.00 -9.34 -6.52
CA TRP B 49 -57.18 -8.29 -5.94
C TRP B 49 -56.17 -7.88 -6.99
N GLU B 50 -56.35 -6.69 -7.52
CA GLU B 50 -55.67 -6.26 -8.72
C GLU B 50 -55.04 -4.89 -8.48
N VAL B 51 -53.96 -4.61 -9.21
CA VAL B 51 -53.09 -3.48 -8.89
C VAL B 51 -52.82 -2.65 -10.14
N GLU B 52 -52.26 -1.45 -9.94
CA GLU B 52 -52.03 -0.50 -11.02
C GLU B 52 -50.72 0.26 -10.80
N VAL B 53 -50.26 0.90 -11.88
CA VAL B 53 -49.05 1.70 -11.86
C VAL B 53 -49.40 3.09 -12.35
N ILE B 54 -49.22 4.10 -11.50
CA ILE B 54 -49.89 5.38 -11.75
C ILE B 54 -49.10 6.24 -12.74
N ARG B 55 -47.90 6.68 -12.34
CA ARG B 55 -47.19 7.67 -13.14
C ARG B 55 -45.77 7.23 -13.46
N GLY B 56 -45.51 5.93 -13.39
CA GLY B 56 -44.17 5.43 -13.65
C GLY B 56 -43.91 4.03 -13.16
N THR B 93 -36.33 5.38 -8.74
CA THR B 93 -36.68 4.31 -9.65
C THR B 93 -37.93 3.59 -9.17
N PRO B 94 -39.06 3.80 -9.83
CA PRO B 94 -40.32 3.25 -9.33
C PRO B 94 -40.42 1.74 -9.55
N HIS B 95 -39.85 0.97 -8.62
CA HIS B 95 -40.00 -0.48 -8.66
C HIS B 95 -41.35 -0.90 -8.13
N LEU B 96 -41.69 -0.47 -6.90
CA LEU B 96 -43.02 -0.50 -6.31
C LEU B 96 -43.58 -1.93 -6.27
N ARG B 97 -42.90 -2.75 -5.48
CA ARG B 97 -43.12 -4.19 -5.49
C ARG B 97 -44.48 -4.55 -4.92
N PHE B 98 -45.08 -5.60 -5.45
CA PHE B 98 -46.35 -6.07 -4.94
C PHE B 98 -46.12 -6.88 -3.67
N GLY B 99 -47.20 -7.39 -3.10
CA GLY B 99 -47.07 -8.13 -1.86
C GLY B 99 -48.38 -8.66 -1.34
N VAL B 100 -48.28 -9.74 -0.56
CA VAL B 100 -49.36 -10.23 0.29
C VAL B 100 -48.79 -10.44 1.67
N CYS B 101 -49.30 -9.70 2.65
CA CYS B 101 -48.67 -9.66 3.96
C CYS B 101 -49.62 -10.21 5.00
N ARG B 102 -49.07 -10.47 6.18
CA ARG B 102 -49.82 -11.05 7.30
C ARG B 102 -49.37 -10.42 8.61
N ARG B 103 -50.31 -10.31 9.55
CA ARG B 103 -50.01 -9.84 10.88
C ARG B 103 -49.38 -10.98 11.69
N GLU B 104 -48.87 -10.66 12.90
CA GLU B 104 -48.04 -11.53 13.75
C GLU B 104 -46.81 -12.05 13.00
N ALA B 105 -46.35 -11.21 12.06
CA ALA B 105 -45.35 -11.51 11.05
C ALA B 105 -45.03 -10.18 10.39
N SER B 106 -43.86 -10.11 9.75
CA SER B 106 -43.16 -8.85 9.51
C SER B 106 -43.92 -7.96 8.54
N LEU B 107 -43.95 -6.66 8.87
CA LEU B 107 -44.62 -5.66 8.06
C LEU B 107 -43.82 -4.37 7.89
N GLU B 108 -42.71 -4.21 8.61
CA GLU B 108 -41.89 -3.01 8.45
C GLU B 108 -41.04 -3.09 7.20
N ALA B 109 -40.71 -4.29 6.77
CA ALA B 109 -39.84 -4.58 5.65
C ALA B 109 -40.69 -4.76 4.40
N PRO B 110 -40.10 -4.90 3.20
CA PRO B 110 -40.90 -5.40 2.07
C PRO B 110 -41.22 -6.87 2.19
N VAL B 111 -41.94 -7.40 1.20
CA VAL B 111 -42.69 -8.65 1.35
C VAL B 111 -41.77 -9.87 1.33
N GLY B 112 -40.61 -9.79 0.67
CA GLY B 112 -39.79 -10.99 0.52
C GLY B 112 -39.07 -11.37 1.80
N PHE B 113 -38.94 -10.42 2.72
CA PHE B 113 -38.30 -10.68 4.01
C PHE B 113 -39.20 -11.50 4.92
N ASP B 114 -40.49 -11.57 4.59
CA ASP B 114 -41.51 -12.00 5.55
C ASP B 114 -41.38 -13.48 5.90
N VAL B 115 -42.14 -13.87 6.92
CA VAL B 115 -42.22 -15.27 7.33
C VAL B 115 -42.75 -16.10 6.18
N TYR B 116 -43.92 -15.73 5.68
CA TYR B 116 -44.58 -16.46 4.60
C TYR B 116 -45.26 -15.49 3.65
N GLY B 117 -44.60 -14.36 3.40
CA GLY B 117 -45.15 -13.39 2.47
C GLY B 117 -45.00 -13.85 1.03
N TYR B 118 -45.69 -13.16 0.13
CA TYR B 118 -45.61 -13.45 -1.30
C TYR B 118 -45.73 -12.16 -2.08
N GLY B 119 -44.85 -11.97 -3.06
CA GLY B 119 -44.85 -10.75 -3.85
C GLY B 119 -44.21 -10.94 -5.21
N ILE B 120 -44.10 -9.82 -5.93
CA ILE B 120 -43.61 -9.80 -7.31
C ILE B 120 -42.62 -8.64 -7.47
N ARG B 121 -42.14 -8.41 -8.69
CA ARG B 121 -41.11 -7.40 -8.93
C ARG B 121 -41.42 -6.63 -10.20
N ASP B 122 -40.94 -5.39 -10.27
CA ASP B 122 -40.90 -4.66 -11.55
C ASP B 122 -39.76 -5.17 -12.42
N ILE B 123 -38.61 -5.42 -11.81
CA ILE B 123 -37.38 -5.68 -12.54
C ILE B 123 -37.47 -7.08 -13.14
N SER B 124 -37.86 -7.16 -14.42
CA SER B 124 -38.10 -8.37 -15.21
C SER B 124 -39.15 -9.30 -14.59
N LEU B 125 -39.94 -8.76 -13.67
CA LEU B 125 -40.93 -9.49 -12.88
C LEU B 125 -40.34 -10.74 -12.21
N GLU B 126 -39.33 -10.56 -11.36
CA GLU B 126 -38.78 -11.71 -10.67
C GLU B 126 -39.70 -12.13 -9.53
N SER B 127 -40.21 -13.36 -9.62
CA SER B 127 -41.17 -13.85 -8.65
C SER B 127 -40.47 -14.12 -7.33
N ILE B 128 -41.02 -13.59 -6.25
CA ILE B 128 -40.41 -13.65 -4.93
C ILE B 128 -41.41 -14.27 -3.98
N HIS B 129 -41.11 -15.47 -3.51
CA HIS B 129 -41.81 -15.96 -2.35
C HIS B 129 -40.92 -15.75 -1.13
N GLU B 130 -41.34 -16.31 0.00
CA GLU B 130 -40.60 -16.07 1.23
C GLU B 130 -39.29 -16.84 1.21
N GLY B 131 -38.22 -16.17 1.65
CA GLY B 131 -36.92 -16.79 1.77
C GLY B 131 -36.28 -17.29 0.48
N LYS B 132 -36.74 -16.81 -0.68
CA LYS B 132 -36.19 -17.25 -1.95
C LYS B 132 -36.45 -16.19 -3.00
N LEU B 133 -35.71 -16.29 -4.10
CA LEU B 133 -35.93 -15.48 -5.29
C LEU B 133 -36.05 -16.44 -6.45
N ASN B 134 -37.28 -16.83 -6.76
CA ASN B 134 -37.51 -17.92 -7.69
C ASN B 134 -37.90 -17.36 -9.06
N CYS B 135 -38.33 -18.27 -9.94
CA CYS B 135 -38.39 -18.12 -11.40
C CYS B 135 -39.03 -16.85 -11.93
N VAL B 136 -38.35 -16.19 -12.86
CA VAL B 136 -38.83 -14.93 -13.40
C VAL B 136 -40.02 -15.15 -14.32
N LEU B 137 -40.68 -14.07 -14.68
CA LEU B 137 -41.86 -14.14 -15.54
C LEU B 137 -41.48 -13.93 -17.00
N GLU B 138 -42.31 -14.48 -17.89
CA GLU B 138 -41.97 -14.53 -19.30
C GLU B 138 -42.31 -13.23 -20.00
N ASN B 139 -43.39 -12.57 -19.57
CA ASN B 139 -43.88 -11.38 -20.24
C ASN B 139 -43.00 -10.17 -19.92
N GLY B 140 -43.37 -9.03 -20.49
CA GLY B 140 -42.77 -7.78 -20.08
C GLY B 140 -43.71 -6.99 -19.19
N SER B 141 -43.19 -6.55 -18.05
CA SER B 141 -43.92 -5.66 -17.15
C SER B 141 -43.03 -4.55 -16.57
N PRO B 142 -42.65 -3.54 -17.39
CA PRO B 142 -42.28 -2.25 -16.79
C PRO B 142 -43.42 -1.25 -16.80
N LEU B 143 -44.48 -1.56 -17.54
CA LEU B 143 -45.43 -0.57 -17.98
C LEU B 143 -46.47 -0.26 -16.90
N LYS B 144 -47.61 0.30 -17.32
CA LYS B 144 -48.66 0.68 -16.39
C LYS B 144 -49.79 -0.34 -16.37
N GLU B 145 -50.13 -0.77 -15.16
CA GLU B 145 -51.33 -1.56 -14.78
C GLU B 145 -51.64 -2.75 -15.70
N GLY B 146 -50.74 -3.72 -15.72
CA GLY B 146 -51.06 -4.97 -16.37
C GLY B 146 -51.13 -6.12 -15.39
N ASP B 147 -50.27 -6.08 -14.37
CA ASP B 147 -50.12 -7.19 -13.43
C ASP B 147 -51.24 -7.11 -12.42
N LYS B 148 -52.30 -7.88 -12.69
CA LYS B 148 -53.54 -7.83 -11.93
C LYS B 148 -53.95 -9.26 -11.60
N ILE B 149 -53.95 -9.60 -10.30
CA ILE B 149 -53.83 -11.00 -9.90
C ILE B 149 -55.12 -11.50 -9.26
N GLY B 150 -55.13 -12.80 -8.95
CA GLY B 150 -56.28 -13.49 -8.37
C GLY B 150 -55.98 -14.47 -7.24
N PHE B 151 -57.00 -14.86 -6.47
CA PHE B 151 -56.80 -15.77 -5.34
C PHE B 151 -57.95 -16.76 -5.19
N LEU B 152 -57.76 -17.68 -4.22
CA LEU B 152 -58.72 -18.70 -3.81
C LEU B 152 -58.22 -19.38 -2.55
N LEU B 153 -59.13 -19.59 -1.59
CA LEU B 153 -58.86 -20.40 -0.41
C LEU B 153 -60.08 -21.23 -0.04
N SER B 154 -59.90 -22.14 0.92
CA SER B 154 -60.97 -22.99 1.43
C SER B 154 -61.13 -22.87 2.94
N LEU B 155 -61.98 -23.71 3.53
CA LEU B 155 -62.44 -23.51 4.90
C LEU B 155 -61.41 -23.86 5.98
N PRO B 156 -60.89 -25.11 6.07
CA PRO B 156 -60.28 -25.40 7.37
C PRO B 156 -58.83 -24.95 7.50
N ASP B 266 -55.81 -27.40 -2.51
CA ASP B 266 -55.37 -26.47 -3.53
C ASP B 266 -55.63 -25.07 -3.07
N SER B 267 -54.55 -24.33 -2.83
CA SER B 267 -54.67 -22.89 -2.67
C SER B 267 -54.04 -22.27 -3.90
N TYR B 268 -54.70 -21.25 -4.43
CA TYR B 268 -54.56 -20.85 -5.82
C TYR B 268 -54.18 -19.36 -5.90
N LEU B 269 -52.88 -19.11 -5.90
CA LEU B 269 -52.54 -17.73 -6.23
C LEU B 269 -52.60 -17.55 -7.73
N ALA B 270 -52.57 -16.30 -8.15
CA ALA B 270 -52.46 -15.99 -9.57
C ALA B 270 -51.55 -14.79 -9.72
N ILE B 271 -51.15 -14.53 -10.95
CA ILE B 271 -50.50 -13.28 -11.30
C ILE B 271 -51.30 -12.65 -12.44
N PHE B 272 -51.53 -13.43 -13.51
CA PHE B 272 -52.31 -13.07 -14.69
C PHE B 272 -51.81 -11.75 -15.26
N GLN B 273 -50.49 -11.66 -15.38
CA GLN B 273 -49.79 -10.40 -15.64
C GLN B 273 -50.12 -9.93 -17.03
N ASN B 274 -51.03 -8.95 -17.10
CA ASN B 274 -51.71 -8.54 -18.32
C ASN B 274 -52.28 -9.74 -19.08
N GLY B 275 -52.94 -10.61 -18.35
CA GLY B 275 -53.59 -11.72 -19.01
C GLY B 275 -52.76 -12.97 -19.23
N LYS B 276 -51.61 -13.07 -18.58
CA LYS B 276 -50.75 -14.24 -18.73
C LYS B 276 -49.85 -14.36 -17.52
N TYR B 277 -49.11 -15.49 -17.45
CA TYR B 277 -48.50 -16.00 -16.22
C TYR B 277 -49.55 -16.15 -15.13
N LEU B 278 -50.41 -17.13 -15.31
CA LEU B 278 -51.46 -17.42 -14.34
C LEU B 278 -51.13 -18.77 -13.69
N GLY B 279 -50.45 -18.73 -12.54
CA GLY B 279 -49.96 -19.93 -11.91
C GLY B 279 -50.09 -19.96 -10.40
N LYS B 280 -50.15 -21.15 -9.81
CA LYS B 280 -50.46 -21.33 -8.39
C LYS B 280 -49.56 -22.39 -7.76
N ALA B 281 -49.24 -22.23 -6.47
CA ALA B 281 -48.44 -23.16 -5.69
C ALA B 281 -48.61 -22.90 -4.21
N PHE B 282 -49.15 -23.88 -3.49
CA PHE B 282 -49.29 -23.79 -2.03
C PHE B 282 -49.32 -25.18 -1.41
N GLU B 283 -49.28 -25.20 -0.08
CA GLU B 283 -49.65 -26.35 0.73
C GLU B 283 -50.87 -26.06 1.60
N ASN B 284 -51.75 -25.16 1.14
CA ASN B 284 -52.93 -24.70 1.87
C ASN B 284 -52.55 -24.09 3.22
N LEU B 285 -51.86 -22.95 3.17
CA LEU B 285 -51.45 -22.20 4.37
C LEU B 285 -52.60 -21.78 5.27
N LYS B 347 -59.68 -10.33 11.66
CA LYS B 347 -58.67 -11.21 12.22
C LYS B 347 -57.95 -12.07 11.19
N LEU B 348 -56.72 -11.68 10.85
CA LEU B 348 -55.71 -12.53 10.23
C LEU B 348 -56.11 -13.16 8.90
N GLY B 349 -56.44 -12.33 7.91
CA GLY B 349 -56.59 -12.79 6.55
C GLY B 349 -55.46 -12.25 5.69
N TYR B 350 -55.62 -12.42 4.38
CA TYR B 350 -54.59 -11.90 3.48
C TYR B 350 -54.66 -10.39 3.36
N TYR B 351 -53.53 -9.73 3.60
CA TYR B 351 -53.41 -8.28 3.51
C TYR B 351 -52.47 -7.89 2.38
N PRO B 352 -52.99 -7.64 1.20
CA PRO B 352 -52.12 -7.31 0.07
C PRO B 352 -51.83 -5.81 -0.18
N THR B 353 -50.87 -5.19 0.51
CA THR B 353 -50.38 -3.89 0.05
C THR B 353 -49.19 -3.99 -0.91
N ILE B 354 -48.63 -2.81 -1.22
CA ILE B 354 -47.49 -2.71 -2.10
C ILE B 354 -46.39 -1.87 -1.45
N SER B 355 -45.20 -1.94 -2.04
CA SER B 355 -43.93 -1.67 -1.38
C SER B 355 -43.53 -0.19 -1.46
N CYS B 356 -42.21 0.04 -1.42
CA CYS B 356 -41.49 1.28 -1.15
C CYS B 356 -40.38 1.41 -2.19
N PHE B 357 -39.22 1.96 -1.79
CA PHE B 357 -38.01 2.14 -2.61
C PHE B 357 -38.17 3.25 -3.65
N ASN B 358 -37.98 4.48 -3.15
CA ASN B 358 -37.72 5.79 -3.77
C ASN B 358 -38.76 6.28 -4.77
N GLY B 359 -39.95 6.53 -4.25
CA GLY B 359 -40.96 7.18 -5.05
C GLY B 359 -41.57 6.23 -6.04
N GLY B 360 -42.25 5.22 -5.53
CA GLY B 360 -43.06 4.39 -6.39
C GLY B 360 -44.27 5.14 -6.89
N THR B 361 -44.94 4.53 -7.86
CA THR B 361 -46.21 5.05 -8.36
C THR B 361 -47.25 4.01 -8.01
N ALA B 362 -47.84 4.16 -6.82
CA ALA B 362 -48.69 3.17 -6.22
C ALA B 362 -50.15 3.43 -6.56
N ARG B 363 -50.82 2.41 -7.09
CA ARG B 363 -52.22 2.50 -7.43
C ARG B 363 -52.84 1.11 -7.38
N ILE B 364 -54.03 1.01 -6.79
CA ILE B 364 -54.80 -0.23 -6.87
C ILE B 364 -56.21 0.13 -7.30
N ILE B 365 -56.87 -0.85 -7.93
CA ILE B 365 -58.27 -0.63 -8.30
C ILE B 365 -59.17 -0.95 -7.13
N SER B 366 -59.85 0.08 -6.62
CA SER B 366 -60.92 -0.11 -5.66
C SER B 366 -62.12 0.73 -6.05
N GLU B 367 -62.89 0.19 -7.00
CA GLU B 367 -64.27 0.55 -7.27
C GLU B 367 -64.81 -0.59 -8.10
N GLU B 368 -65.99 -0.41 -8.72
CA GLU B 368 -66.75 -1.56 -9.20
C GLU B 368 -66.08 -2.25 -10.38
N ASP B 369 -65.56 -1.48 -11.34
CA ASP B 369 -65.02 -2.06 -12.56
C ASP B 369 -63.62 -2.60 -12.32
N LYS B 370 -63.21 -3.55 -13.14
CA LYS B 370 -61.81 -3.83 -13.38
C LYS B 370 -61.50 -3.31 -14.77
N LEU B 371 -60.81 -2.16 -14.84
CA LEU B 371 -60.66 -1.45 -16.11
C LEU B 371 -59.81 -2.25 -17.09
N GLU B 372 -58.85 -3.01 -16.58
CA GLU B 372 -58.10 -3.95 -17.39
C GLU B 372 -58.29 -5.36 -16.84
N TYR B 373 -58.55 -6.29 -17.74
CA TYR B 373 -58.62 -7.74 -17.51
C TYR B 373 -59.71 -8.11 -16.52
N LEU B 374 -60.92 -7.60 -16.77
CA LEU B 374 -62.11 -7.89 -15.98
C LEU B 374 -62.60 -9.31 -16.17
N ASP B 375 -62.04 -10.05 -17.12
CA ASP B 375 -62.48 -11.41 -17.42
C ASP B 375 -62.19 -12.40 -16.30
N GLN B 376 -61.47 -11.98 -15.26
CA GLN B 376 -61.40 -12.77 -14.03
C GLN B 376 -62.79 -12.96 -13.44
N ILE B 377 -63.66 -11.97 -13.60
CA ILE B 377 -64.87 -11.86 -12.78
C ILE B 377 -65.88 -12.95 -13.13
N ARG B 378 -66.29 -13.03 -14.39
CA ARG B 378 -67.22 -14.07 -14.79
C ARG B 378 -66.81 -14.78 -16.06
N SER B 379 -65.60 -14.55 -16.57
CA SER B 379 -65.22 -15.14 -17.83
C SER B 379 -64.14 -16.21 -17.68
N ALA B 380 -63.11 -15.93 -16.88
CA ALA B 380 -61.95 -16.82 -16.81
C ALA B 380 -61.23 -16.61 -15.48
N TYR B 381 -60.00 -17.12 -15.44
CA TYR B 381 -58.99 -17.09 -14.36
C TYR B 381 -59.32 -18.04 -13.21
N CYS B 382 -60.51 -18.63 -13.26
CA CYS B 382 -61.07 -19.45 -12.20
C CYS B 382 -62.42 -20.01 -12.64
N VAL B 383 -62.98 -20.88 -11.78
CA VAL B 383 -64.38 -21.25 -11.93
C VAL B 383 -65.23 -20.03 -11.65
N ASP B 384 -66.24 -19.79 -12.49
CA ASP B 384 -66.97 -18.53 -12.41
C ASP B 384 -67.87 -18.47 -11.18
N GLY B 385 -68.34 -19.62 -10.70
CA GLY B 385 -69.02 -19.64 -9.42
C GLY B 385 -68.05 -19.47 -8.27
N ASN B 386 -66.84 -20.02 -8.42
CA ASN B 386 -65.82 -19.91 -7.39
C ASN B 386 -64.96 -18.65 -7.61
N SER B 387 -65.42 -17.77 -8.50
CA SER B 387 -64.69 -16.55 -8.79
C SER B 387 -64.68 -15.60 -7.61
N LYS B 388 -65.85 -15.47 -6.96
CA LYS B 388 -66.05 -14.63 -5.80
C LYS B 388 -65.72 -13.17 -6.10
N VAL B 389 -66.71 -12.51 -6.70
CA VAL B 389 -66.71 -11.08 -7.03
C VAL B 389 -66.98 -10.23 -5.77
N ASN B 390 -66.79 -10.84 -4.58
CA ASN B 390 -66.77 -10.13 -3.30
C ASN B 390 -65.46 -9.36 -3.10
N THR B 391 -64.80 -8.98 -4.18
CA THR B 391 -63.46 -8.42 -4.38
C THR B 391 -63.26 -7.15 -3.56
N LEU B 392 -62.02 -6.67 -3.64
CA LEU B 392 -61.30 -5.80 -2.72
C LEU B 392 -62.13 -4.71 -2.06
N ASP B 393 -63.08 -4.12 -2.77
CA ASP B 393 -63.84 -3.00 -2.23
C ASP B 393 -65.14 -3.43 -1.57
N THR B 394 -65.83 -4.43 -2.12
CA THR B 394 -67.02 -4.95 -1.46
C THR B 394 -66.64 -5.79 -0.25
N LEU B 395 -65.40 -6.27 -0.24
CA LEU B 395 -64.91 -7.02 0.91
C LEU B 395 -64.78 -6.12 2.12
N TYR B 396 -64.48 -4.82 1.89
CA TYR B 396 -64.60 -3.82 2.95
C TYR B 396 -65.97 -3.84 3.59
N LYS B 397 -67.02 -3.77 2.77
CA LYS B 397 -68.37 -3.65 3.29
C LYS B 397 -68.78 -4.90 4.05
N GLU B 398 -68.43 -6.06 3.51
CA GLU B 398 -68.83 -7.30 4.17
C GLU B 398 -68.03 -7.54 5.44
N GLN B 399 -66.74 -7.23 5.44
CA GLN B 399 -65.92 -7.41 6.64
C GLN B 399 -66.31 -6.39 7.72
N ILE B 400 -66.73 -5.20 7.31
CA ILE B 400 -67.16 -4.21 8.30
C ILE B 400 -68.50 -4.59 8.89
N ALA B 401 -69.39 -5.17 8.09
CA ALA B 401 -70.64 -5.70 8.63
C ALA B 401 -70.38 -6.86 9.58
N GLU B 402 -69.37 -7.68 9.25
CA GLU B 402 -68.97 -8.74 10.18
C GLU B 402 -68.41 -8.14 11.46
N ASP B 403 -67.69 -7.03 11.37
CA ASP B 403 -67.19 -6.34 12.55
C ASP B 403 -68.34 -5.80 13.38
N ILE B 404 -69.40 -5.36 12.70
CA ILE B 404 -70.62 -4.90 13.37
C ILE B 404 -71.24 -6.04 14.16
N VAL B 405 -71.38 -7.20 13.55
CA VAL B 405 -72.09 -8.29 14.23
C VAL B 405 -71.22 -8.89 15.33
N TRP B 406 -69.90 -8.97 15.12
CA TRP B 406 -69.05 -9.43 16.21
C TRP B 406 -68.96 -8.41 17.33
N ASP B 407 -69.16 -7.14 17.01
CA ASP B 407 -69.31 -6.15 18.07
C ASP B 407 -70.62 -6.34 18.81
N ILE B 408 -71.67 -6.77 18.12
CA ILE B 408 -72.93 -7.12 18.79
C ILE B 408 -72.70 -8.29 19.74
N ILE B 409 -71.88 -9.25 19.30
CA ILE B 409 -71.53 -10.39 20.16
C ILE B 409 -70.74 -9.92 21.37
N ASP B 410 -69.83 -8.96 21.18
CA ASP B 410 -69.07 -8.43 22.31
C ASP B 410 -69.99 -7.65 23.26
N GLU B 411 -70.98 -6.95 22.72
CA GLU B 411 -71.96 -6.27 23.55
C GLU B 411 -72.79 -7.27 24.34
N LEU B 412 -73.06 -8.43 23.75
CA LEU B 412 -73.70 -9.50 24.52
C LEU B 412 -72.77 -9.99 25.60
N GLU B 413 -71.47 -9.99 25.32
CA GLU B 413 -70.52 -10.42 26.34
C GLU B 413 -70.40 -9.42 27.48
N GLN B 414 -70.93 -8.19 27.33
CA GLN B 414 -71.07 -7.35 28.51
C GLN B 414 -72.11 -7.89 29.49
N ILE B 415 -73.10 -8.65 29.00
CA ILE B 415 -74.09 -9.17 29.93
C ILE B 415 -73.94 -10.68 30.06
N ALA B 416 -72.98 -11.28 29.35
CA ALA B 416 -72.72 -12.70 29.51
C ALA B 416 -72.01 -12.98 30.83
N LEU B 417 -71.53 -11.93 31.48
CA LEU B 417 -71.12 -11.99 32.88
C LEU B 417 -72.32 -12.27 33.76
N THR C 1 -69.21 5.47 5.34
CA THR C 1 -68.78 4.85 6.60
C THR C 1 -69.92 4.04 7.18
N ARG C 2 -69.59 3.08 8.04
CA ARG C 2 -70.61 2.22 8.63
C ARG C 2 -70.50 2.18 10.14
N LYS C 3 -69.61 2.99 10.73
CA LYS C 3 -69.50 3.02 12.18
C LYS C 3 -70.49 3.96 12.89
N TYR C 4 -70.38 5.27 12.67
CA TYR C 4 -71.13 6.20 13.51
C TYR C 4 -72.54 6.42 12.99
N LEU C 5 -72.75 6.22 11.69
CA LEU C 5 -74.03 6.50 11.06
C LEU C 5 -74.47 5.40 10.10
N ASN C 6 -74.34 4.14 10.49
CA ASN C 6 -75.03 3.05 9.82
C ASN C 6 -76.22 2.64 10.66
N THR C 7 -76.85 3.64 11.29
CA THR C 7 -77.92 3.37 12.25
C THR C 7 -79.25 3.08 11.55
N ASN C 8 -79.27 3.17 10.21
CA ASN C 8 -80.37 2.55 9.48
C ASN C 8 -80.21 1.04 9.43
N VAL C 9 -78.97 0.58 9.48
CA VAL C 9 -78.64 -0.84 9.54
C VAL C 9 -78.58 -1.33 10.98
N THR C 10 -78.28 -0.44 11.93
CA THR C 10 -78.25 -0.91 13.31
C THR C 10 -79.32 -0.32 14.25
N PRO C 11 -80.66 -0.25 13.90
CA PRO C 11 -81.61 0.00 14.99
C PRO C 11 -82.04 -1.28 15.67
N HIS C 12 -82.15 -2.37 14.92
CA HIS C 12 -82.69 -3.61 15.47
C HIS C 12 -81.59 -4.56 15.82
N LEU C 13 -80.35 -4.21 15.51
CA LEU C 13 -79.24 -5.03 15.94
C LEU C 13 -79.08 -4.96 17.44
N LEU C 14 -79.15 -3.75 17.99
CA LEU C 14 -79.16 -3.58 19.43
C LEU C 14 -80.44 -4.08 20.08
N ALA C 15 -81.50 -4.27 19.31
CA ALA C 15 -82.71 -4.83 19.85
C ALA C 15 -82.67 -6.35 19.90
N GLY C 16 -82.15 -7.00 18.86
CA GLY C 16 -81.98 -8.44 18.91
C GLY C 16 -80.90 -8.84 19.88
N MET C 17 -79.92 -7.95 20.10
CA MET C 17 -79.10 -7.98 21.30
C MET C 17 -79.93 -8.17 22.56
N ARG C 18 -80.92 -7.32 22.79
CA ARG C 18 -81.77 -7.44 23.97
C ARG C 18 -82.65 -8.68 23.89
N LEU C 19 -82.98 -9.13 22.68
CA LEU C 19 -83.87 -10.27 22.53
C LEU C 19 -83.19 -11.57 22.91
N ILE C 20 -81.98 -11.80 22.39
CA ILE C 20 -81.22 -12.98 22.79
C ILE C 20 -80.61 -12.79 24.17
N ALA C 21 -80.50 -11.56 24.66
CA ALA C 21 -80.20 -11.33 26.07
C ALA C 21 -81.38 -11.63 26.98
N VAL C 22 -82.59 -11.70 26.43
CA VAL C 22 -83.78 -12.11 27.16
C VAL C 22 -84.16 -13.55 26.82
N GLN C 23 -84.49 -13.81 25.57
CA GLN C 23 -84.85 -15.15 25.14
C GLN C 23 -83.60 -16.00 25.01
N GLN C 24 -83.73 -17.26 25.43
CA GLN C 24 -82.75 -18.30 25.14
C GLN C 24 -82.54 -18.39 23.63
N PRO C 25 -81.28 -18.57 23.18
CA PRO C 25 -81.03 -18.62 21.72
C PRO C 25 -81.53 -19.87 21.02
N GLU C 26 -82.22 -20.78 21.73
CA GLU C 26 -82.91 -21.89 21.09
C GLU C 26 -84.04 -21.36 20.21
N ASP C 27 -84.46 -22.20 19.26
CA ASP C 27 -85.28 -21.85 18.11
C ASP C 27 -84.59 -20.67 17.44
N PRO C 28 -83.46 -20.94 16.75
CA PRO C 28 -82.35 -19.98 16.66
C PRO C 28 -82.67 -18.64 16.03
N LEU C 29 -83.19 -18.63 14.81
CA LEU C 29 -83.60 -17.40 14.15
C LEU C 29 -84.99 -17.49 13.54
N ARG C 30 -85.65 -18.65 13.63
CA ARG C 30 -87.00 -18.78 13.11
C ARG C 30 -87.99 -17.94 13.88
N VAL C 31 -87.65 -17.54 15.10
CA VAL C 31 -88.46 -16.58 15.81
C VAL C 31 -87.64 -15.33 16.12
N LEU C 32 -86.32 -15.49 16.25
CA LEU C 32 -85.50 -14.41 16.80
C LEU C 32 -85.34 -13.24 15.83
N GLY C 33 -84.98 -13.53 14.59
CA GLY C 33 -84.96 -12.48 13.58
C GLY C 33 -86.35 -11.99 13.27
N GLU C 34 -87.36 -12.85 13.49
CA GLU C 34 -88.72 -12.47 13.19
C GLU C 34 -89.25 -11.46 14.19
N TYR C 35 -88.77 -11.52 15.43
CA TYR C 35 -89.11 -10.45 16.38
C TYR C 35 -88.51 -9.13 15.94
N LEU C 36 -87.32 -9.17 15.32
CA LEU C 36 -86.74 -7.94 14.81
C LEU C 36 -87.50 -7.45 13.59
N ILE C 37 -88.10 -8.38 12.85
CA ILE C 37 -88.98 -7.98 11.76
C ILE C 37 -90.20 -7.28 12.31
N GLU C 38 -90.84 -7.87 13.31
CA GLU C 38 -92.07 -7.32 13.88
C GLU C 38 -91.80 -6.01 14.62
N GLN C 39 -90.58 -5.82 15.13
CA GLN C 39 -90.19 -4.52 15.64
C GLN C 39 -89.84 -3.58 14.50
N SER C 40 -89.49 -4.13 13.34
CA SER C 40 -89.04 -3.29 12.24
C SER C 40 -90.16 -3.05 11.22
N ASN C 41 -91.28 -3.76 11.35
CA ASN C 41 -92.38 -3.52 10.42
C ASN C 41 -93.00 -2.15 10.63
N ILE C 42 -92.94 -1.64 11.86
CA ILE C 42 -93.26 -0.27 12.24
C ILE C 42 -94.73 0.10 11.98
N THR D 1 -72.35 -20.87 28.21
CA THR D 1 -73.64 -20.23 28.39
C THR D 1 -74.13 -19.67 27.06
N ARG D 2 -74.67 -18.44 27.11
CA ARG D 2 -75.15 -17.81 25.89
C ARG D 2 -74.01 -17.36 24.99
N LYS D 3 -72.81 -17.25 25.55
CA LYS D 3 -71.64 -16.93 24.74
C LYS D 3 -71.38 -18.03 23.70
N TYR D 4 -71.37 -19.27 24.13
CA TYR D 4 -71.09 -20.37 23.23
C TYR D 4 -72.29 -20.64 22.34
N LEU D 5 -73.50 -20.48 22.89
CA LEU D 5 -74.71 -20.73 22.12
C LEU D 5 -74.98 -19.60 21.13
N ASN D 6 -74.35 -18.45 21.34
CA ASN D 6 -74.43 -17.38 20.36
C ASN D 6 -73.38 -17.56 19.29
N THR D 7 -72.21 -18.09 19.67
CA THR D 7 -71.30 -18.57 18.63
C THR D 7 -71.85 -19.81 17.94
N ASN D 8 -72.82 -20.48 18.55
CA ASN D 8 -73.59 -21.50 17.85
C ASN D 8 -74.85 -20.93 17.21
N VAL D 9 -75.12 -19.64 17.35
CA VAL D 9 -76.24 -19.05 16.61
C VAL D 9 -75.74 -18.08 15.54
N THR D 10 -74.46 -17.72 15.61
CA THR D 10 -73.90 -16.69 14.73
C THR D 10 -73.79 -16.93 13.21
N PRO D 11 -73.54 -18.18 12.66
CA PRO D 11 -73.00 -18.22 11.29
C PRO D 11 -74.03 -17.87 10.25
N HIS D 12 -75.27 -18.28 10.50
CA HIS D 12 -76.35 -17.96 9.60
C HIS D 12 -76.65 -16.47 9.63
N LEU D 13 -76.48 -15.85 10.79
CA LEU D 13 -76.59 -14.40 10.88
C LEU D 13 -75.49 -13.72 10.09
N LEU D 14 -74.27 -14.25 10.14
CA LEU D 14 -73.19 -13.68 9.34
C LEU D 14 -73.41 -13.91 7.85
N ALA D 15 -74.07 -15.00 7.49
CA ALA D 15 -74.39 -15.26 6.09
C ALA D 15 -75.40 -14.24 5.57
N GLY D 16 -76.44 -14.00 6.36
CA GLY D 16 -77.41 -12.97 5.99
C GLY D 16 -76.79 -11.59 5.96
N MET D 17 -75.89 -11.30 6.90
CA MET D 17 -75.30 -9.96 6.94
C MET D 17 -74.28 -9.77 5.83
N ARG D 18 -73.59 -10.85 5.45
CA ARG D 18 -72.68 -10.77 4.31
C ARG D 18 -73.46 -10.67 3.01
N LEU D 19 -74.69 -11.20 2.99
CA LEU D 19 -75.56 -10.97 1.85
C LEU D 19 -76.04 -9.52 1.83
N ILE D 20 -76.31 -8.95 2.99
CA ILE D 20 -76.98 -7.66 3.03
C ILE D 20 -75.99 -6.52 2.99
N ALA D 21 -74.70 -6.83 3.18
CA ALA D 21 -73.68 -5.79 3.18
C ALA D 21 -73.38 -5.30 1.78
N VAL D 22 -73.90 -5.98 0.77
CA VAL D 22 -73.64 -5.59 -0.61
C VAL D 22 -74.33 -4.27 -0.93
N GLN D 23 -75.65 -4.23 -0.85
CA GLN D 23 -76.37 -3.07 -1.35
C GLN D 23 -76.89 -2.17 -0.23
N GLN D 24 -76.93 -2.69 1.02
CA GLN D 24 -77.24 -1.96 2.26
C GLN D 24 -78.60 -1.25 2.17
N PRO D 25 -79.70 -1.99 2.26
CA PRO D 25 -81.01 -1.39 1.98
C PRO D 25 -81.57 -0.64 3.18
N GLU D 26 -82.65 0.09 2.96
CA GLU D 26 -83.38 0.72 4.05
C GLU D 26 -84.40 -0.22 4.67
N ASP D 27 -84.48 -1.46 4.21
CA ASP D 27 -85.37 -2.49 4.75
C ASP D 27 -84.52 -3.69 5.10
N PRO D 28 -83.53 -3.53 6.01
CA PRO D 28 -82.34 -4.38 5.98
C PRO D 28 -82.58 -5.84 6.33
N LEU D 29 -83.11 -6.03 7.53
CA LEU D 29 -83.09 -7.35 8.12
C LEU D 29 -84.43 -8.03 7.98
N ARG D 30 -85.44 -7.27 7.56
CA ARG D 30 -86.74 -7.84 7.28
C ARG D 30 -86.66 -8.76 6.08
N VAL D 31 -85.68 -8.51 5.21
CA VAL D 31 -85.32 -9.47 4.18
C VAL D 31 -84.64 -10.68 4.82
N LEU D 32 -83.84 -10.44 5.86
CA LEU D 32 -82.87 -11.43 6.29
C LEU D 32 -83.48 -12.53 7.13
N GLY D 33 -84.33 -12.18 8.09
CA GLY D 33 -84.77 -13.16 9.07
C GLY D 33 -85.70 -14.22 8.49
N GLU D 34 -86.40 -13.86 7.42
CA GLU D 34 -87.24 -14.84 6.73
C GLU D 34 -86.36 -15.86 6.00
N TYR D 35 -85.25 -15.39 5.43
CA TYR D 35 -84.27 -16.30 4.85
C TYR D 35 -83.61 -17.13 5.95
N LEU D 36 -83.51 -16.58 7.16
CA LEU D 36 -82.95 -17.34 8.26
C LEU D 36 -83.94 -18.37 8.79
N ILE D 37 -85.24 -18.13 8.59
CA ILE D 37 -86.21 -19.20 8.77
C ILE D 37 -85.96 -20.31 7.78
N GLU D 38 -85.82 -19.96 6.49
CA GLU D 38 -85.96 -20.91 5.38
C GLU D 38 -84.87 -21.99 5.31
N GLN D 39 -83.99 -22.07 6.31
CA GLN D 39 -82.98 -23.12 6.33
C GLN D 39 -83.57 -24.46 6.73
N SER D 40 -84.11 -24.55 7.95
CA SER D 40 -84.76 -25.77 8.41
C SER D 40 -85.79 -25.46 9.47
N HIS E 1 50.50 -46.12 27.58
CA HIS E 1 49.83 -47.06 28.47
C HIS E 1 48.51 -46.46 28.87
N GLY E 2 48.58 -45.61 29.88
CA GLY E 2 47.53 -44.63 30.05
C GLY E 2 47.38 -43.76 28.83
N ARG E 3 48.51 -43.46 28.17
CA ARG E 3 48.49 -42.81 26.87
C ARG E 3 47.73 -43.62 25.84
N GLU E 4 47.91 -44.94 25.86
CA GLU E 4 47.16 -45.81 24.97
C GLU E 4 45.68 -45.71 25.26
N PHE E 5 45.33 -45.64 26.54
CA PHE E 5 43.92 -45.54 26.92
C PHE E 5 43.34 -44.20 26.51
N VAL E 6 44.16 -43.15 26.56
CA VAL E 6 43.70 -41.83 26.16
C VAL E 6 43.44 -41.79 24.68
N ASN E 7 44.36 -42.35 23.92
CA ASN E 7 44.16 -42.56 22.49
C ASN E 7 42.92 -43.39 22.24
N ASP E 8 42.67 -44.37 23.11
CA ASP E 8 41.54 -45.28 22.94
C ASP E 8 40.22 -44.54 23.11
N ILE E 9 40.10 -43.75 24.16
CA ILE E 9 38.83 -43.06 24.39
C ILE E 9 38.69 -41.89 23.42
N TRP E 10 39.80 -41.23 23.09
CA TRP E 10 39.77 -40.14 22.14
C TRP E 10 39.43 -40.63 20.76
N SER E 11 39.79 -41.87 20.48
CA SER E 11 39.44 -42.51 19.24
C SER E 11 37.98 -42.93 19.25
N ARG E 12 37.56 -43.58 20.32
CA ARG E 12 36.25 -44.23 20.34
C ARG E 12 35.14 -43.19 20.47
N LEU E 13 35.48 -41.98 20.90
CA LEU E 13 34.48 -40.93 20.98
C LEU E 13 33.98 -40.48 19.61
N LYS E 14 34.75 -40.74 18.54
CA LYS E 14 34.34 -40.25 17.23
C LYS E 14 33.20 -41.07 16.64
N THR E 15 33.47 -42.34 16.35
CA THR E 15 32.58 -43.27 15.63
C THR E 15 32.01 -42.67 14.34
N ASP E 16 32.90 -42.24 13.44
CA ASP E 16 32.56 -41.64 12.13
C ASP E 16 31.68 -40.41 12.27
N GLU E 17 32.14 -39.44 13.06
CA GLU E 17 31.47 -38.17 13.20
C GLU E 17 32.45 -37.04 12.90
N ASP E 18 31.94 -35.81 12.92
CA ASP E 18 32.78 -34.62 12.73
C ASP E 18 33.56 -34.41 14.01
N ARG E 19 34.65 -35.17 14.16
CA ARG E 19 35.46 -35.17 15.36
C ARG E 19 36.61 -34.18 15.26
N ALA E 20 36.42 -33.09 14.52
CA ALA E 20 37.45 -32.06 14.44
C ALA E 20 37.64 -31.38 15.78
N VAL E 21 36.58 -31.30 16.59
CA VAL E 21 36.72 -30.88 17.98
C VAL E 21 37.53 -31.92 18.75
N VAL E 22 37.28 -33.19 18.48
CA VAL E 22 38.06 -34.23 19.12
C VAL E 22 39.46 -34.27 18.53
N LYS E 23 39.60 -33.81 17.28
CA LYS E 23 40.94 -33.65 16.71
C LYS E 23 41.69 -32.55 17.44
N LYS E 24 41.00 -31.47 17.82
CA LYS E 24 41.59 -30.45 18.65
C LYS E 24 41.92 -30.98 20.04
N MET E 25 41.09 -31.89 20.56
CA MET E 25 41.40 -32.57 21.81
C MET E 25 42.62 -33.48 21.65
N VAL E 26 42.86 -33.99 20.46
CA VAL E 26 43.98 -34.89 20.30
C VAL E 26 45.31 -34.23 20.64
N GLU E 27 45.56 -33.07 20.03
CA GLU E 27 46.76 -32.28 20.26
C GLU E 27 46.84 -31.68 21.67
N GLN E 28 45.70 -31.21 22.18
CA GLN E 28 45.61 -30.56 23.49
C GLN E 28 45.99 -31.40 24.71
N THR E 29 45.57 -32.66 24.72
CA THR E 29 45.85 -33.54 25.86
C THR E 29 46.96 -34.53 25.53
N GLY E 30 47.92 -34.66 26.45
CA GLY E 30 49.03 -35.57 26.24
C GLY E 30 49.74 -35.26 24.94
N HIS E 31 50.07 -33.98 24.75
CA HIS E 31 50.70 -33.49 23.53
C HIS E 31 52.07 -34.10 23.20
N ILE E 32 52.85 -34.43 24.22
CA ILE E 32 54.20 -34.94 24.01
C ILE E 32 54.29 -36.25 23.22
N ASP E 33 53.39 -37.20 23.46
CA ASP E 33 53.45 -38.46 22.71
C ASP E 33 52.26 -38.66 21.77
N LYS E 34 52.56 -38.78 20.48
CA LYS E 34 51.54 -39.01 19.45
C LYS E 34 51.74 -40.35 18.75
N PHE E 35 52.71 -41.12 19.23
CA PHE E 35 53.04 -42.42 18.63
C PHE E 35 51.92 -43.46 18.68
N LYS E 36 51.21 -43.51 19.81
CA LYS E 36 50.12 -44.47 19.98
C LYS E 36 48.98 -44.29 19.00
N LYS E 37 48.62 -43.04 18.73
CA LYS E 37 47.52 -42.73 17.82
C LYS E 37 47.74 -43.35 16.44
N PHE E 38 48.98 -43.38 15.98
CA PHE E 38 49.26 -44.06 14.71
C PHE E 38 49.23 -45.57 14.88
N GLY E 39 49.67 -46.06 16.04
CA GLY E 39 49.60 -47.48 16.32
C GLY E 39 48.16 -47.98 16.42
N GLN E 40 47.24 -47.11 16.84
CA GLN E 40 45.83 -47.48 16.83
C GLN E 40 45.24 -47.26 15.44
N LEU E 41 45.74 -46.25 14.72
CA LEU E 41 45.39 -46.00 13.32
C LEU E 41 45.66 -47.22 12.44
N ASP E 42 46.61 -48.05 12.85
CA ASP E 42 46.89 -49.33 12.20
C ASP E 42 45.65 -50.22 12.07
N PHE E 43 44.61 -50.02 12.89
CA PHE E 43 43.38 -50.78 12.70
C PHE E 43 42.10 -49.97 12.89
N ILE E 44 42.18 -48.67 13.18
CA ILE E 44 40.96 -47.99 13.59
C ILE E 44 40.46 -47.14 12.43
N ASP E 45 40.68 -47.68 11.23
CA ASP E 45 40.17 -47.06 10.01
C ASP E 45 38.64 -47.04 9.94
N ASN E 46 37.97 -47.79 10.83
CA ASN E 46 36.52 -47.85 10.80
C ASN E 46 35.89 -46.57 11.35
N ASN E 47 36.18 -46.21 12.60
CA ASN E 47 35.40 -45.19 13.32
C ASN E 47 35.81 -43.75 13.06
N ILE E 48 36.88 -43.51 12.31
CA ILE E 48 37.59 -42.24 12.44
C ILE E 48 37.77 -41.60 11.06
N VAL E 49 37.27 -42.29 10.03
CA VAL E 49 37.74 -42.32 8.64
C VAL E 49 38.26 -41.01 8.09
N VAL E 50 37.57 -39.91 8.40
CA VAL E 50 38.10 -38.59 8.03
C VAL E 50 39.38 -38.33 8.80
N LYS E 51 39.32 -38.50 10.12
CA LYS E 51 40.48 -38.16 10.91
C LYS E 51 41.55 -39.23 10.83
N THR E 52 41.24 -40.40 10.25
CA THR E 52 42.30 -41.36 9.93
C THR E 52 43.30 -40.76 8.97
N ASP E 53 42.79 -40.18 7.87
CA ASP E 53 43.67 -39.46 6.95
C ASP E 53 44.21 -38.21 7.61
N ASP E 54 43.43 -37.59 8.50
CA ASP E 54 43.85 -36.31 9.03
C ASP E 54 44.84 -36.46 10.18
N GLU E 55 45.12 -37.69 10.62
CA GLU E 55 46.16 -37.87 11.63
C GLU E 55 47.55 -37.60 11.07
N LYS E 56 47.74 -37.75 9.76
CA LYS E 56 49.06 -37.55 9.18
C LYS E 56 49.42 -36.07 9.07
N GLU E 57 48.42 -35.20 9.00
CA GLU E 57 48.67 -33.79 8.74
C GLU E 57 49.09 -33.05 10.01
N ILE E 58 49.18 -31.73 9.89
CA ILE E 58 49.61 -30.91 11.01
C ILE E 58 48.43 -30.71 11.98
N PHE E 59 48.74 -30.23 13.17
CA PHE E 59 47.75 -30.20 14.23
C PHE E 59 46.79 -29.05 14.05
N ASP E 60 47.20 -28.04 13.28
CA ASP E 60 46.32 -26.93 12.92
C ASP E 60 45.42 -27.34 11.77
N GLN E 61 44.12 -27.07 11.92
CA GLN E 61 43.19 -27.46 10.88
C GLN E 61 42.16 -26.36 10.59
N ILE E 62 41.96 -25.47 11.56
CA ILE E 62 40.73 -24.68 11.62
C ILE E 62 40.80 -23.45 10.74
N VAL E 63 41.97 -23.15 10.18
CA VAL E 63 42.18 -21.84 9.57
C VAL E 63 41.54 -21.81 8.18
N VAL E 64 41.12 -20.60 7.77
CA VAL E 64 40.54 -20.40 6.44
C VAL E 64 41.49 -19.56 5.61
N ARG E 65 42.38 -20.24 4.90
CA ARG E 65 43.31 -19.70 3.91
C ARG E 65 43.93 -20.94 3.33
N ASP E 66 44.67 -20.81 2.22
CA ASP E 66 45.99 -21.41 1.95
C ASP E 66 46.44 -21.16 0.53
N MET E 67 47.64 -21.66 0.24
CA MET E 67 48.08 -22.00 -1.09
C MET E 67 47.16 -23.06 -1.68
N THR E 68 47.14 -23.13 -3.01
CA THR E 68 46.33 -24.11 -3.69
C THR E 68 46.91 -25.52 -3.50
N LEU E 69 46.05 -26.52 -3.68
CA LEU E 69 46.33 -27.87 -3.23
C LEU E 69 47.43 -28.53 -4.05
N LYS E 70 48.30 -29.22 -3.33
CA LYS E 70 49.34 -30.06 -3.92
C LYS E 70 48.86 -31.50 -4.13
N THR E 71 47.55 -31.69 -4.33
CA THR E 71 47.04 -33.03 -4.53
C THR E 71 47.45 -33.59 -5.89
N LEU E 72 47.42 -32.74 -6.92
CA LEU E 72 47.89 -33.04 -8.28
C LEU E 72 47.16 -34.24 -8.89
N GLU E 73 45.84 -34.25 -8.72
CA GLU E 73 45.03 -35.32 -9.29
C GLU E 73 44.94 -35.13 -10.80
N ASP E 74 45.02 -33.88 -11.25
CA ASP E 74 45.13 -33.58 -12.66
C ASP E 74 45.84 -32.26 -12.85
N ASP E 75 45.81 -31.73 -14.08
CA ASP E 75 46.57 -30.54 -14.43
C ASP E 75 46.04 -29.30 -13.73
N LEU E 76 46.81 -28.82 -12.75
CA LEU E 76 46.52 -27.63 -11.93
C LEU E 76 45.21 -27.76 -11.15
N GLN E 77 44.76 -28.99 -10.90
CA GLN E 77 43.51 -29.16 -10.18
C GLN E 77 42.45 -28.37 -10.91
N GLU E 78 42.36 -28.61 -12.22
CA GLU E 78 41.43 -27.94 -13.15
C GLU E 78 41.71 -26.43 -13.29
N VAL E 79 43.00 -26.11 -13.19
CA VAL E 79 43.53 -24.75 -13.31
C VAL E 79 42.95 -23.76 -12.30
N GLN E 80 42.67 -24.23 -11.08
CA GLN E 80 42.15 -23.38 -10.02
C GLN E 80 40.93 -22.58 -10.44
N GLU E 81 39.89 -23.24 -10.97
CA GLU E 81 38.72 -22.52 -11.40
C GLU E 81 39.10 -21.45 -12.44
N ILE E 82 39.89 -21.88 -13.42
CA ILE E 82 40.38 -21.05 -14.54
C ILE E 82 41.27 -19.86 -14.17
N SER E 83 42.07 -20.02 -13.13
CA SER E 83 43.04 -19.01 -12.69
C SER E 83 42.50 -17.61 -12.39
N LEU E 84 41.33 -17.53 -11.76
CA LEU E 84 40.72 -16.25 -11.36
C LEU E 84 40.62 -15.17 -12.44
N PRO E 85 40.11 -15.53 -13.63
CA PRO E 85 39.96 -14.54 -14.70
C PRO E 85 39.29 -13.28 -14.20
N LEU E 86 38.55 -13.37 -13.09
CA LEU E 86 37.84 -12.21 -12.58
C LEU E 86 38.71 -11.36 -11.67
N PHE E 87 39.46 -11.99 -10.76
CA PHE E 87 40.05 -11.23 -9.67
C PHE E 87 41.38 -10.60 -10.05
N LYS E 88 42.23 -11.36 -10.74
CA LYS E 88 43.49 -10.80 -11.22
C LYS E 88 43.23 -9.63 -12.16
N LYS E 89 42.18 -9.75 -12.98
CA LYS E 89 41.79 -8.67 -13.87
C LYS E 89 41.27 -7.46 -13.09
N LYS E 90 40.51 -7.70 -12.02
CA LYS E 90 39.92 -6.56 -11.33
C LYS E 90 40.95 -5.82 -10.49
N LEU E 91 41.93 -6.53 -9.93
CA LEU E 91 42.84 -5.84 -9.04
C LEU E 91 44.32 -6.02 -9.38
N GLU E 92 44.66 -6.20 -10.65
CA GLU E 92 45.99 -5.80 -11.10
C GLU E 92 46.01 -4.30 -11.37
N LEU E 93 44.83 -3.72 -11.61
CA LEU E 93 44.65 -2.28 -11.59
C LEU E 93 44.98 -1.71 -10.21
N LEU E 94 44.77 -2.51 -9.17
CA LEU E 94 45.26 -2.13 -7.85
C LEU E 94 46.78 -2.03 -7.82
N GLU E 95 47.47 -2.97 -8.47
CA GLU E 95 48.92 -2.90 -8.49
C GLU E 95 49.41 -1.71 -9.31
N VAL E 96 48.65 -1.36 -10.36
CA VAL E 96 48.88 -0.12 -11.09
C VAL E 96 48.74 1.08 -10.16
N TYR E 97 47.65 1.12 -9.38
CA TYR E 97 47.39 2.21 -8.46
C TYR E 97 48.36 2.16 -7.28
N LEU E 98 48.95 1.00 -7.03
CA LEU E 98 49.94 0.83 -5.98
C LEU E 98 51.26 1.46 -6.36
N GLY E 99 51.87 0.98 -7.43
CA GLY E 99 53.16 1.50 -7.82
C GLY E 99 53.09 2.79 -8.61
N TRP E 100 52.47 2.72 -9.78
CA TRP E 100 52.79 3.67 -10.83
C TRP E 100 52.13 5.01 -10.60
N LEU E 101 50.81 5.02 -10.46
CA LEU E 101 50.08 6.27 -10.30
C LEU E 101 50.41 6.93 -8.96
N ASP E 102 50.71 6.12 -7.95
CA ASP E 102 51.12 6.67 -6.66
C ASP E 102 52.48 7.33 -6.76
N ASN E 103 53.41 6.72 -7.49
CA ASN E 103 54.73 7.31 -7.64
C ASN E 103 54.65 8.58 -8.48
N VAL E 104 53.74 8.59 -9.47
CA VAL E 104 53.47 9.78 -10.27
C VAL E 104 52.98 10.93 -9.38
N TYR E 105 52.05 10.63 -8.48
CA TYR E 105 51.51 11.71 -7.64
C TYR E 105 52.52 12.18 -6.60
N THR E 106 53.38 11.27 -6.12
CA THR E 106 54.44 11.73 -5.22
C THR E 106 55.44 12.61 -5.96
N GLU E 107 55.70 12.32 -7.23
CA GLU E 107 56.61 13.17 -8.00
C GLU E 107 55.99 14.52 -8.30
N MET E 108 54.68 14.53 -8.55
CA MET E 108 53.98 15.79 -8.76
C MET E 108 53.96 16.62 -7.47
N ARG E 109 53.89 15.95 -6.32
CA ARG E 109 54.04 16.65 -5.05
C ARG E 109 55.47 17.17 -4.89
N LYS E 110 56.44 16.44 -5.42
CA LYS E 110 57.84 16.83 -5.24
C LYS E 110 58.21 18.02 -6.12
N LEU E 111 57.49 18.21 -7.23
CA LEU E 111 57.81 19.32 -8.13
C LEU E 111 57.54 20.67 -7.47
N ASP E 112 56.56 20.73 -6.59
CA ASP E 112 56.20 21.99 -5.96
C ASP E 112 57.23 22.46 -4.95
N ASP E 113 58.18 21.62 -4.56
CA ASP E 113 59.29 22.07 -3.72
C ASP E 113 60.15 23.07 -4.49
N ASP E 114 60.60 22.69 -5.68
CA ASP E 114 61.39 23.60 -6.51
C ASP E 114 60.52 24.76 -7.02
N ALA E 115 59.25 24.47 -7.30
CA ALA E 115 58.33 25.53 -7.71
C ALA E 115 58.11 26.53 -6.59
N ALA E 116 58.26 26.11 -5.34
CA ALA E 116 58.20 27.02 -4.23
C ALA E 116 59.54 27.71 -4.04
N SER E 117 60.64 27.05 -4.36
CA SER E 117 61.96 27.59 -4.03
C SER E 117 62.34 28.72 -4.97
N HIS E 118 62.03 28.57 -6.26
CA HIS E 118 62.27 29.66 -7.22
C HIS E 118 61.49 30.90 -6.83
N VAL E 119 60.21 30.71 -6.51
CA VAL E 119 59.34 31.78 -6.07
C VAL E 119 59.82 32.35 -4.74
N GLU E 120 60.42 31.50 -3.90
CA GLU E 120 60.89 31.93 -2.60
C GLU E 120 62.08 32.87 -2.74
N CYS E 121 63.06 32.49 -3.56
CA CYS E 121 64.22 33.35 -3.73
C CYS E 121 63.86 34.59 -4.52
N GLY E 122 62.90 34.48 -5.44
CA GLY E 122 62.41 35.65 -6.14
C GLY E 122 61.71 36.62 -5.22
N LYS E 123 60.95 36.10 -4.25
CA LYS E 123 60.33 36.96 -3.26
C LYS E 123 61.36 37.56 -2.33
N GLU E 124 62.44 36.83 -2.06
CA GLU E 124 63.49 37.37 -1.20
C GLU E 124 64.30 38.43 -1.92
N ASP E 125 64.35 38.37 -3.25
CA ASP E 125 65.04 39.40 -4.00
C ASP E 125 64.15 40.63 -4.16
N ASN E 145 56.38 43.40 -2.12
CA ASN E 145 56.32 41.97 -2.37
C ASN E 145 55.32 41.73 -3.50
N ILE E 146 55.41 40.57 -4.15
CA ILE E 146 54.52 40.23 -5.24
C ILE E 146 53.97 38.82 -5.02
N CYS E 147 52.76 38.59 -5.51
CA CYS E 147 52.10 37.31 -5.33
C CYS E 147 52.62 36.31 -6.36
N GLY E 148 53.38 35.33 -5.88
CA GLY E 148 53.77 34.23 -6.74
C GLY E 148 52.57 33.39 -7.10
N TYR E 149 52.19 33.43 -8.37
CA TYR E 149 50.95 32.79 -8.79
C TYR E 149 51.13 31.29 -8.96
N CYS E 150 50.05 30.63 -9.34
CA CYS E 150 50.07 29.22 -9.68
C CYS E 150 50.29 29.04 -11.18
N SER E 151 49.99 27.83 -11.63
CA SER E 151 49.86 27.46 -13.05
C SER E 151 51.15 27.60 -13.84
N THR E 152 52.27 27.53 -13.15
CA THR E 152 53.55 27.70 -13.80
C THR E 152 54.53 26.59 -13.40
N TYR E 153 54.07 25.63 -12.62
CA TYR E 153 54.86 24.44 -12.33
C TYR E 153 54.47 23.29 -13.23
N GLU E 154 53.75 23.59 -14.32
CA GLU E 154 53.02 22.58 -15.10
C GLU E 154 53.96 21.56 -15.73
N ARG E 155 54.85 22.02 -16.60
CA ARG E 155 56.01 21.24 -16.99
C ARG E 155 57.22 21.59 -16.13
N ILE E 156 56.98 22.25 -15.00
CA ILE E 156 57.87 23.12 -14.24
C ILE E 156 58.85 23.83 -15.18
N PRO E 157 58.38 24.75 -16.06
CA PRO E 157 59.34 25.55 -16.82
C PRO E 157 60.12 26.43 -15.88
N CYS E 158 59.37 27.25 -15.13
CA CYS E 158 59.90 28.42 -14.44
C CYS E 158 60.79 29.18 -15.40
N SER E 159 60.16 29.72 -16.45
CA SER E 159 60.87 30.16 -17.64
C SER E 159 61.74 31.37 -17.33
N VAL E 160 63.03 31.12 -17.15
CA VAL E 160 63.91 32.12 -16.59
C VAL E 160 65.35 31.81 -16.97
N GLU E 161 66.22 32.82 -17.00
CA GLU E 161 67.64 32.57 -17.19
C GLU E 161 68.41 32.64 -15.87
N GLU E 162 68.34 33.79 -15.20
CA GLU E 162 69.04 33.98 -13.94
C GLU E 162 68.09 34.75 -13.03
N PHE E 163 67.29 34.01 -12.25
CA PHE E 163 66.06 34.53 -11.67
C PHE E 163 66.31 35.65 -10.66
N VAL E 164 67.48 35.62 -10.01
CA VAL E 164 67.82 36.64 -9.03
C VAL E 164 67.98 38.01 -9.68
N ARG E 165 68.41 38.03 -10.94
CA ARG E 165 68.48 39.27 -11.71
C ARG E 165 67.44 39.34 -12.82
N ASP E 166 66.88 38.20 -13.24
CA ASP E 166 65.90 38.22 -14.32
C ASP E 166 64.59 38.80 -13.82
N PHE E 167 64.28 38.60 -12.54
CA PHE E 167 63.12 39.28 -11.99
C PHE E 167 63.43 40.75 -11.69
N GLY E 168 64.72 41.10 -11.71
CA GLY E 168 65.24 42.42 -11.39
C GLY E 168 64.55 43.63 -12.00
N SER E 169 64.73 44.78 -11.35
CA SER E 169 63.92 45.99 -11.38
C SER E 169 63.38 46.45 -12.74
N ASN E 170 64.09 46.12 -13.83
CA ASN E 170 63.76 46.43 -15.24
C ASN E 170 62.31 46.04 -15.52
N GLU E 171 61.92 44.78 -15.39
CA GLU E 171 60.51 44.44 -15.48
C GLU E 171 60.02 43.89 -14.14
N GLU E 172 58.87 44.40 -13.71
CA GLU E 172 58.38 44.09 -12.37
C GLU E 172 57.38 42.93 -12.39
N ALA E 173 56.72 42.71 -13.52
CA ALA E 173 55.49 41.90 -13.52
C ALA E 173 55.75 40.46 -13.95
N THR E 174 56.94 39.94 -13.64
CA THR E 174 57.44 38.62 -14.07
C THR E 174 57.29 38.32 -15.56
N LYS E 175 58.08 38.98 -16.40
CA LYS E 175 58.07 38.72 -17.84
C LYS E 175 58.55 37.29 -18.11
N ILE E 176 59.58 36.87 -17.37
CA ILE E 176 60.17 35.53 -17.44
C ILE E 176 59.81 34.87 -16.12
N HIS E 177 59.58 33.54 -16.13
CA HIS E 177 59.11 32.78 -14.95
C HIS E 177 57.85 33.55 -14.56
N GLU E 178 56.89 33.56 -15.47
CA GLU E 178 55.71 34.35 -15.23
C GLU E 178 54.64 33.69 -14.37
N VAL E 179 54.50 34.30 -13.20
CA VAL E 179 53.46 34.01 -12.24
C VAL E 179 52.34 35.02 -12.56
N CYS E 180 51.09 34.71 -12.18
CA CYS E 180 49.96 35.57 -12.49
C CYS E 180 49.94 37.00 -11.92
N THR E 181 50.38 37.17 -10.68
CA THR E 181 50.33 38.46 -9.98
C THR E 181 51.15 39.68 -10.44
N LYS E 182 50.51 40.85 -10.27
CA LYS E 182 51.03 42.19 -10.53
C LYS E 182 51.84 42.67 -9.32
N TRP E 183 51.31 42.36 -8.16
CA TRP E 183 51.87 42.73 -6.86
C TRP E 183 51.32 41.71 -5.88
N LYS E 184 51.27 42.04 -4.59
CA LYS E 184 50.53 41.22 -3.64
C LYS E 184 49.03 41.36 -3.96
N CYS E 185 48.61 40.56 -4.95
CA CYS E 185 47.30 40.71 -5.56
C CYS E 185 46.42 39.51 -5.24
N ASN E 186 45.18 39.77 -4.85
CA ASN E 186 44.26 38.72 -4.46
C ASN E 186 43.34 38.28 -5.59
N ARG E 187 43.70 38.57 -6.84
CA ARG E 187 42.91 38.11 -7.97
C ARG E 187 42.91 36.60 -8.05
N HIS E 188 44.05 36.00 -8.30
CA HIS E 188 44.28 34.62 -7.92
C HIS E 188 44.57 34.72 -6.43
N LEU E 189 43.77 34.05 -5.61
CA LEU E 189 43.99 34.05 -4.17
C LEU E 189 44.87 32.85 -3.86
N ASP E 190 46.13 32.95 -4.32
CA ASP E 190 46.99 31.86 -4.79
C ASP E 190 46.93 30.56 -4.01
N TRP E 191 46.66 29.50 -4.77
CA TRP E 191 46.61 28.17 -4.23
C TRP E 191 47.99 27.60 -4.15
N VAL E 192 48.97 28.33 -4.68
CA VAL E 192 50.34 27.86 -4.69
C VAL E 192 50.77 27.62 -3.25
N SER E 193 50.34 28.50 -2.35
CA SER E 193 50.65 28.30 -0.95
C SER E 193 49.67 27.23 -0.49
N THR E 194 50.22 26.16 0.08
CA THR E 194 49.47 25.01 0.59
C THR E 194 48.66 24.21 -0.44
N ASN E 195 49.06 24.29 -1.72
CA ASN E 195 48.37 23.52 -2.75
C ASN E 195 48.65 22.06 -2.37
N GLN E 196 49.82 21.85 -1.81
CA GLN E 196 50.29 20.50 -1.58
C GLN E 196 49.19 19.75 -0.88
N GLU E 197 48.43 20.45 -0.07
CA GLU E 197 47.34 19.77 0.60
C GLU E 197 46.53 18.97 -0.41
N GLN E 198 46.24 19.54 -1.59
CA GLN E 198 45.54 18.83 -2.64
C GLN E 198 46.27 17.51 -2.90
N TYR E 199 47.54 17.59 -3.24
CA TYR E 199 48.34 16.39 -3.44
C TYR E 199 48.41 15.53 -2.19
N LEU E 200 48.37 16.16 -1.01
CA LEU E 200 48.54 15.41 0.22
C LEU E 200 47.30 14.56 0.52
N GLN E 201 46.11 15.13 0.40
CA GLN E 201 44.92 14.32 0.61
C GLN E 201 44.68 13.41 -0.60
N GLN E 202 45.25 13.77 -1.75
CA GLN E 202 45.24 12.85 -2.88
C GLN E 202 46.02 11.58 -2.57
N ILE E 203 47.24 11.70 -2.05
CA ILE E 203 48.02 10.51 -1.73
C ILE E 203 47.52 9.85 -0.47
N ASP E 204 46.79 10.59 0.37
CA ASP E 204 46.12 9.96 1.50
C ASP E 204 45.00 9.05 1.02
N SER E 205 44.26 9.48 -0.01
CA SER E 205 43.24 8.63 -0.60
C SER E 205 43.88 7.45 -1.32
N LEU E 206 45.04 7.66 -1.93
CA LEU E 206 45.86 6.58 -2.47
C LEU E 206 46.14 5.51 -1.43
N GLU E 207 46.69 5.91 -0.29
CA GLU E 207 47.13 4.92 0.68
C GLU E 207 45.95 4.29 1.41
N SER E 208 44.85 5.03 1.55
CA SER E 208 43.65 4.48 2.15
C SER E 208 43.02 3.42 1.26
N MET E 209 42.91 3.71 -0.04
CA MET E 209 42.40 2.69 -0.96
C MET E 209 43.39 1.55 -1.12
N GLN E 210 44.68 1.82 -0.91
CA GLN E 210 45.67 0.76 -0.88
C GLN E 210 45.39 -0.25 0.22
N GLU E 211 45.22 0.24 1.46
CA GLU E 211 45.03 -0.66 2.59
C GLU E 211 43.67 -1.36 2.51
N ARG E 212 42.66 -0.61 2.13
CA ARG E 212 41.34 -1.17 2.03
C ARG E 212 41.33 -2.25 0.94
N LEU E 213 41.95 -1.98 -0.20
CA LEU E 213 41.89 -2.93 -1.29
C LEU E 213 42.76 -4.15 -1.02
N GLN E 214 43.82 -4.02 -0.21
CA GLN E 214 44.55 -5.22 0.19
C GLN E 214 43.71 -6.08 1.13
N HIS E 215 42.94 -5.43 2.01
CA HIS E 215 41.97 -6.17 2.81
C HIS E 215 40.90 -6.81 1.93
N LEU E 216 40.55 -6.15 0.83
CA LEU E 216 39.63 -6.73 -0.13
C LEU E 216 40.23 -7.94 -0.84
N ILE E 217 41.54 -7.89 -1.11
CA ILE E 217 42.23 -9.04 -1.69
C ILE E 217 42.17 -10.23 -0.75
N GLN E 218 42.44 -9.99 0.53
CA GLN E 218 42.38 -11.08 1.51
C GLN E 218 40.97 -11.62 1.66
N ALA E 219 39.97 -10.75 1.51
CA ALA E 219 38.58 -11.23 1.50
C ALA E 219 38.29 -12.06 0.27
N ARG E 220 38.84 -11.67 -0.88
CA ARG E 220 38.72 -12.49 -2.07
C ARG E 220 39.35 -13.86 -1.88
N LYS E 221 40.54 -13.91 -1.27
CA LYS E 221 41.20 -15.19 -1.02
C LYS E 221 40.37 -16.06 -0.07
N LYS E 222 39.76 -15.43 0.93
CA LYS E 222 38.84 -16.08 1.85
C LYS E 222 37.63 -16.66 1.11
N GLN E 223 37.21 -16.03 0.03
CA GLN E 223 36.18 -16.63 -0.81
C GLN E 223 36.71 -17.61 -1.84
N LEU E 224 37.97 -17.50 -2.23
CA LEU E 224 38.44 -18.24 -3.39
C LEU E 224 38.99 -19.59 -2.98
N ASN E 225 39.38 -19.73 -1.71
CA ASN E 225 39.66 -21.05 -1.18
C ASN E 225 38.41 -21.93 -1.23
N ILE E 226 37.26 -21.34 -0.86
CA ILE E 226 36.02 -22.10 -0.72
C ILE E 226 35.52 -22.57 -2.06
N GLN E 227 35.92 -21.88 -3.13
CA GLN E 227 35.45 -22.23 -4.46
C GLN E 227 36.00 -23.58 -4.91
N TYR E 228 37.32 -23.72 -4.93
CA TYR E 228 37.84 -25.00 -5.39
C TYR E 228 37.76 -26.05 -4.30
N TYR E 229 37.60 -25.64 -3.04
CA TYR E 229 37.33 -26.64 -2.01
C TYR E 229 35.92 -27.20 -2.14
N GLU E 230 34.99 -26.43 -2.70
CA GLU E 230 33.67 -27.01 -2.97
C GLU E 230 33.65 -27.71 -4.31
N GLU E 231 34.45 -27.25 -5.25
CA GLU E 231 34.45 -27.83 -6.58
C GLU E 231 35.17 -29.17 -6.60
N ILE E 232 36.06 -29.39 -5.64
CA ILE E 232 36.65 -30.72 -5.46
C ILE E 232 35.57 -31.72 -5.08
N LEU E 233 34.64 -31.28 -4.24
CA LEU E 233 33.43 -32.05 -3.94
C LEU E 233 32.33 -31.82 -4.96
N ARG E 234 32.68 -31.20 -6.09
CA ARG E 234 31.79 -30.98 -7.24
C ARG E 234 30.52 -30.22 -6.88
N ASN F 1 2.26 10.97 -14.07
CA ASN F 1 2.81 12.26 -13.64
C ASN F 1 3.09 12.29 -12.15
N ILE F 2 2.05 12.05 -11.35
CA ILE F 2 2.14 12.10 -9.89
C ILE F 2 2.27 10.66 -9.41
N LEU F 3 2.77 9.79 -10.30
CA LEU F 3 2.39 8.41 -10.63
C LEU F 3 1.85 7.66 -9.41
N LEU F 4 2.53 7.65 -8.27
CA LEU F 4 2.04 6.92 -7.12
C LEU F 4 2.06 7.79 -5.87
N GLN F 5 0.92 8.46 -5.61
CA GLN F 5 0.27 8.50 -4.30
C GLN F 5 -1.23 8.43 -4.47
N ASP F 6 -1.70 7.67 -5.45
CA ASP F 6 -3.11 7.62 -5.75
C ASP F 6 -3.88 6.72 -4.77
N PRO F 7 -3.39 5.50 -4.36
CA PRO F 7 -4.04 4.85 -3.21
C PRO F 7 -3.52 5.31 -1.87
N PHE F 8 -3.32 6.62 -1.72
CA PHE F 8 -3.16 7.25 -0.42
C PHE F 8 -4.49 7.81 0.07
N ALA F 9 -5.02 8.75 -0.71
CA ALA F 9 -6.26 9.45 -0.43
C ALA F 9 -6.64 10.19 -1.71
N VAL F 10 -7.55 11.15 -1.59
CA VAL F 10 -7.62 12.21 -2.58
C VAL F 10 -6.34 13.04 -2.53
N LEU F 11 -6.16 13.90 -3.54
CA LEU F 11 -4.90 14.59 -3.74
C LEU F 11 -4.58 15.54 -2.59
N LYS F 12 -3.48 15.21 -1.90
CA LYS F 12 -3.01 15.91 -0.71
C LYS F 12 -1.56 16.32 -0.98
N GLU F 13 -1.35 17.00 -2.10
CA GLU F 13 -0.04 17.45 -2.54
C GLU F 13 0.65 18.28 -1.47
N HIS F 14 0.06 19.45 -1.15
CA HIS F 14 0.41 20.24 0.03
C HIS F 14 1.89 20.67 0.03
N PRO F 15 2.28 21.63 -0.85
CA PRO F 15 3.71 21.87 -1.15
C PRO F 15 4.59 22.24 0.02
N GLU F 16 4.24 23.30 0.73
CA GLU F 16 5.05 23.71 1.87
C GLU F 16 4.50 23.09 3.15
N LYS F 17 5.39 22.64 4.01
CA LYS F 17 5.01 22.05 5.29
C LYS F 17 6.04 22.43 6.34
N LEU F 18 5.74 22.10 7.58
CA LEU F 18 6.47 22.62 8.72
C LEU F 18 6.88 21.51 9.70
N THR F 19 8.00 20.84 9.43
CA THR F 19 8.54 19.82 10.35
C THR F 19 10.01 19.57 10.02
N HIS F 20 10.75 18.95 10.93
CA HIS F 20 12.17 18.71 10.75
C HIS F 20 12.47 17.23 10.69
N THR F 21 13.40 16.87 9.81
CA THR F 21 14.28 15.72 10.02
C THR F 21 15.69 16.21 9.76
N ILE F 22 16.58 15.95 10.71
CA ILE F 22 17.90 16.58 10.74
C ILE F 22 18.92 15.58 10.21
N GLU F 23 19.83 16.05 9.37
CA GLU F 23 20.86 15.22 8.77
C GLU F 23 22.20 15.39 9.45
N ASN F 24 23.22 14.83 8.83
CA ASN F 24 24.56 14.55 9.33
C ASN F 24 25.47 15.78 9.35
N PRO F 25 26.56 15.69 10.14
CA PRO F 25 27.52 16.72 10.59
C PRO F 25 28.36 17.58 9.66
N LEU F 26 28.91 17.06 8.57
CA LEU F 26 29.74 17.95 7.77
C LEU F 26 28.98 19.14 7.18
N ARG F 27 29.55 20.32 7.36
CA ARG F 27 29.02 21.56 6.78
C ARG F 27 29.57 21.85 5.39
N THR F 28 28.69 22.38 4.54
CA THR F 28 28.93 22.53 3.11
C THR F 28 28.72 23.99 2.75
N GLU F 29 28.62 24.25 1.45
CA GLU F 29 28.12 25.55 1.03
C GLU F 29 26.81 25.45 0.27
N CYS F 30 26.68 24.54 -0.69
CA CYS F 30 25.44 24.48 -1.44
C CYS F 30 25.02 23.03 -1.65
N LEU F 31 23.76 22.85 -2.05
CA LEU F 31 23.14 21.55 -2.14
C LEU F 31 22.30 21.49 -3.40
N GLN F 32 21.93 20.26 -3.78
CA GLN F 32 21.20 20.05 -5.01
C GLN F 32 20.62 18.64 -4.97
N PHE F 33 19.54 18.45 -5.72
CA PHE F 33 18.89 17.16 -5.87
C PHE F 33 19.16 16.56 -7.24
N SER F 34 18.99 15.25 -7.30
CA SER F 34 18.83 14.52 -8.54
C SER F 34 17.62 15.04 -9.30
N PRO F 35 17.65 15.00 -10.63
CA PRO F 35 16.49 15.49 -11.38
C PRO F 35 15.26 14.62 -11.26
N CYS F 36 15.41 13.37 -10.88
CA CYS F 36 14.27 12.57 -10.47
C CYS F 36 13.95 12.74 -8.99
N GLY F 37 14.66 13.62 -8.29
CA GLY F 37 14.39 13.88 -6.90
C GLY F 37 14.71 12.73 -5.98
N ASP F 38 15.60 11.84 -6.40
CA ASP F 38 15.76 10.59 -5.69
C ASP F 38 16.71 10.73 -4.53
N TYR F 39 17.91 11.26 -4.78
CA TYR F 39 18.89 11.34 -3.71
C TYR F 39 19.72 12.61 -3.87
N LEU F 40 20.28 13.06 -2.75
CA LEU F 40 20.60 14.46 -2.49
C LEU F 40 22.11 14.60 -2.36
N ALA F 41 22.67 15.64 -2.99
CA ALA F 41 24.11 15.86 -2.94
C ALA F 41 24.46 17.09 -2.12
N LEU F 42 25.67 17.07 -1.56
CA LEU F 42 26.22 18.16 -0.75
C LEU F 42 27.72 17.94 -0.58
N GLY F 43 28.47 19.03 -0.61
CA GLY F 43 29.92 18.96 -0.62
C GLY F 43 30.59 19.79 0.45
N CYS F 44 31.28 19.13 1.37
CA CYS F 44 31.68 19.77 2.60
C CYS F 44 32.88 20.69 2.41
N ALA F 45 33.34 21.28 3.52
CA ALA F 45 34.55 22.09 3.51
C ALA F 45 35.78 21.22 3.31
N ASN F 46 35.68 19.94 3.66
CA ASN F 46 36.69 18.98 3.26
C ASN F 46 36.68 18.76 1.76
N GLY F 47 35.57 19.09 1.10
CA GLY F 47 35.47 18.95 -0.33
C GLY F 47 35.03 17.60 -0.80
N ALA F 48 35.05 16.61 0.08
CA ALA F 48 34.44 15.33 -0.23
C ALA F 48 32.94 15.56 -0.33
N LEU F 49 32.43 15.53 -1.55
CA LEU F 49 30.99 15.68 -1.75
C LEU F 49 30.30 14.40 -1.28
N VAL F 50 29.91 14.39 -0.01
CA VAL F 50 29.29 13.20 0.56
C VAL F 50 27.87 13.13 0.02
N ILE F 51 27.63 12.20 -0.91
CA ILE F 51 26.33 12.10 -1.55
C ILE F 51 25.36 11.32 -0.67
N TYR F 52 24.26 11.96 -0.30
CA TYR F 52 23.26 11.38 0.59
C TYR F 52 22.02 10.99 -0.20
N ASP F 53 21.00 10.59 0.54
CA ASP F 53 19.75 10.15 -0.06
C ASP F 53 18.57 10.64 0.74
N MET F 54 17.47 10.92 0.04
CA MET F 54 16.23 11.38 0.64
C MET F 54 15.67 10.34 1.60
N ASP F 55 15.26 9.19 1.06
CA ASP F 55 14.89 8.07 1.91
C ASP F 55 16.13 7.56 2.62
N THR F 56 15.99 7.25 3.92
CA THR F 56 17.05 6.77 4.80
C THR F 56 18.23 7.73 4.85
N PHE F 57 18.07 8.86 5.56
CA PHE F 57 19.02 9.97 5.50
C PHE F 57 20.36 9.56 6.07
N ARG F 58 21.16 8.90 5.24
CA ARG F 58 22.43 8.28 5.59
C ARG F 58 23.39 8.40 4.41
N PRO F 59 24.67 8.61 4.69
CA PRO F 59 25.55 8.80 3.55
C PRO F 59 25.80 7.52 2.79
N ILE F 60 25.97 7.68 1.47
CA ILE F 60 26.35 6.63 0.55
C ILE F 60 27.63 7.24 0.00
N CYS F 61 28.75 6.52 0.03
CA CYS F 61 30.00 7.13 -0.42
C CYS F 61 30.52 6.74 -1.80
N VAL F 62 30.63 7.75 -2.66
CA VAL F 62 31.16 7.59 -4.01
C VAL F 62 32.40 8.46 -4.22
N PRO F 63 32.56 9.51 -3.37
CA PRO F 63 33.67 10.46 -3.42
C PRO F 63 35.01 9.87 -2.97
N GLY F 64 36.10 10.41 -3.52
CA GLY F 64 37.44 9.94 -3.19
C GLY F 64 37.84 8.59 -3.71
N ASN F 65 37.00 7.93 -4.50
CA ASN F 65 37.45 6.74 -5.22
C ASN F 65 38.49 7.17 -6.23
N MET F 66 39.24 6.20 -6.75
CA MET F 66 40.72 6.15 -6.75
C MET F 66 41.35 7.54 -6.70
N LEU F 67 41.04 8.46 -7.61
CA LEU F 67 41.65 9.78 -7.51
C LEU F 67 40.81 10.69 -6.61
N GLY F 68 41.45 11.28 -5.62
CA GLY F 68 40.72 11.88 -4.51
C GLY F 68 40.08 13.19 -4.89
N ALA F 69 39.18 13.63 -4.02
CA ALA F 69 38.43 14.87 -4.20
C ALA F 69 39.31 16.03 -3.72
N HIS F 70 38.83 17.26 -3.88
CA HIS F 70 39.66 18.45 -3.76
C HIS F 70 39.46 19.12 -2.41
N VAL F 71 40.56 19.65 -1.87
CA VAL F 71 40.62 20.07 -0.48
C VAL F 71 40.39 21.57 -0.31
N ARG F 72 39.12 21.98 -0.31
CA ARG F 72 38.46 23.23 0.10
C ARG F 72 36.98 22.97 -0.10
N PRO F 73 36.04 23.81 0.38
CA PRO F 73 34.64 23.59 0.01
C PRO F 73 34.33 23.79 -1.46
N ILE F 74 33.33 23.03 -1.92
CA ILE F 74 32.77 23.23 -3.25
C ILE F 74 32.00 24.53 -3.29
N THR F 75 31.59 24.94 -4.47
CA THR F 75 30.58 25.98 -4.51
C THR F 75 29.28 25.55 -5.13
N SER F 76 29.28 25.00 -6.34
CA SER F 76 28.04 24.90 -7.12
C SER F 76 27.87 23.54 -7.75
N ILE F 77 27.92 22.47 -6.96
CA ILE F 77 27.68 21.13 -7.48
C ILE F 77 26.29 21.03 -8.10
N ALA F 78 26.22 20.46 -9.29
CA ALA F 78 25.00 20.51 -10.08
C ALA F 78 24.87 19.22 -10.86
N TRP F 79 23.71 18.60 -10.76
CA TRP F 79 23.49 17.32 -11.41
C TRP F 79 23.28 17.50 -12.90
N SER F 80 23.69 16.51 -13.63
CA SER F 80 23.20 16.45 -15.00
C SER F 80 21.72 16.07 -14.96
N PRO F 81 20.93 16.62 -15.88
CA PRO F 81 19.52 16.21 -15.95
C PRO F 81 19.35 14.78 -16.41
N ASP F 82 20.37 14.24 -17.07
CA ASP F 82 20.44 12.79 -17.26
C ASP F 82 20.49 12.08 -15.91
N GLY F 83 21.27 12.60 -14.97
CA GLY F 83 21.54 11.93 -13.74
C GLY F 83 22.69 10.95 -13.82
N ARG F 84 23.38 10.88 -14.96
CA ARG F 84 24.50 9.96 -15.08
C ARG F 84 25.81 10.69 -14.86
N LEU F 85 25.86 11.97 -15.23
CA LEU F 85 27.06 12.74 -15.04
C LEU F 85 26.97 13.47 -13.73
N LEU F 86 28.03 14.20 -13.39
CA LEU F 86 28.06 15.03 -12.20
C LEU F 86 29.06 16.15 -12.44
N LEU F 87 28.68 17.37 -12.07
CA LEU F 87 29.59 18.51 -12.06
C LEU F 87 29.83 18.98 -10.64
N THR F 88 31.10 19.20 -10.31
CA THR F 88 31.45 19.90 -9.09
C THR F 88 32.13 21.20 -9.46
N SER F 89 32.22 22.05 -8.45
CA SER F 89 33.04 23.24 -8.48
C SER F 89 33.83 23.25 -7.19
N SER F 90 34.56 24.32 -6.95
CA SER F 90 35.57 24.26 -5.92
C SER F 90 36.06 25.65 -5.53
N ARG F 91 36.56 25.73 -4.31
CA ARG F 91 37.55 26.73 -3.91
C ARG F 91 38.95 26.18 -4.12
N ASP F 92 39.09 25.29 -5.10
CA ASP F 92 40.27 24.49 -5.37
C ASP F 92 40.60 24.52 -6.84
N TRP F 93 40.30 25.65 -7.50
CA TRP F 93 40.88 25.99 -8.79
C TRP F 93 40.44 25.04 -9.90
N SER F 94 39.35 24.32 -9.67
CA SER F 94 39.15 23.16 -10.51
C SER F 94 37.67 22.82 -10.60
N ILE F 95 37.33 22.22 -11.74
CA ILE F 95 36.10 21.49 -11.92
C ILE F 95 36.49 20.05 -12.18
N LYS F 96 35.94 19.13 -11.38
CA LYS F 96 36.15 17.72 -11.62
C LYS F 96 34.80 17.10 -11.97
N LEU F 97 34.49 17.04 -13.27
CA LEU F 97 33.29 16.39 -13.79
C LEU F 97 33.29 14.92 -13.38
N TRP F 98 32.21 14.48 -12.75
CA TRP F 98 32.12 13.09 -12.36
C TRP F 98 31.00 12.38 -13.08
N ASP F 99 31.05 11.06 -13.04
CA ASP F 99 29.96 10.18 -13.47
C ASP F 99 29.92 9.05 -12.46
N LEU F 100 28.75 8.83 -11.87
CA LEU F 100 28.66 7.90 -10.76
C LEU F 100 28.68 6.46 -11.23
N SER F 101 28.01 6.20 -12.35
CA SER F 101 27.90 4.89 -12.97
C SER F 101 29.25 4.43 -13.51
N LYS F 102 30.18 5.38 -13.58
CA LYS F 102 31.53 5.15 -14.05
C LYS F 102 32.45 4.56 -12.96
N PRO F 103 33.76 4.58 -13.22
CA PRO F 103 34.89 4.07 -12.43
C PRO F 103 35.07 4.85 -11.13
N SER F 104 34.42 6.02 -11.03
CA SER F 104 34.45 6.93 -9.88
C SER F 104 35.78 7.68 -9.72
N LYS F 105 36.52 7.76 -10.82
CA LYS F 105 37.77 8.50 -10.86
C LYS F 105 37.38 9.72 -11.67
N PRO F 106 37.71 10.92 -11.19
CA PRO F 106 37.20 12.03 -12.02
C PRO F 106 37.33 11.78 -13.51
N LEU F 107 36.21 12.00 -14.22
CA LEU F 107 36.13 11.82 -15.66
C LEU F 107 36.98 12.78 -16.48
N LYS F 108 37.00 14.04 -16.07
CA LYS F 108 37.75 15.07 -16.78
C LYS F 108 37.98 16.25 -15.83
N GLU F 109 39.07 16.20 -15.08
CA GLU F 109 39.43 17.33 -14.24
C GLU F 109 39.99 18.45 -15.10
N ILE F 110 39.44 19.66 -14.91
CA ILE F 110 39.94 20.86 -15.56
C ILE F 110 40.43 21.77 -14.45
N ARG F 111 41.40 22.62 -14.76
CA ARG F 111 41.88 23.58 -13.79
C ARG F 111 41.74 24.99 -14.34
N PHE F 112 41.68 25.97 -13.45
CA PHE F 112 41.51 27.35 -13.83
C PHE F 112 42.26 28.26 -12.89
N ASP F 113 42.46 29.49 -13.37
CA ASP F 113 43.24 30.54 -12.69
C ASP F 113 42.72 31.10 -11.37
N SER F 114 41.42 31.31 -11.28
CA SER F 114 40.83 31.88 -10.10
C SER F 114 39.71 30.97 -9.63
N PRO F 115 39.35 31.07 -8.34
CA PRO F 115 38.29 30.18 -7.87
C PRO F 115 37.00 30.45 -8.63
N ILE F 116 36.37 29.37 -9.07
CA ILE F 116 35.13 29.42 -9.81
C ILE F 116 34.00 29.69 -8.84
N TRP F 117 33.23 30.77 -9.09
CA TRP F 117 32.04 31.04 -8.29
C TRP F 117 31.00 29.96 -8.47
N GLY F 118 30.80 29.53 -9.70
CA GLY F 118 29.68 28.65 -9.98
C GLY F 118 29.79 28.08 -11.37
N CYS F 119 29.15 26.93 -11.53
CA CYS F 119 29.14 26.26 -12.83
C CYS F 119 27.83 25.54 -12.97
N GLN F 120 27.33 25.50 -14.20
CA GLN F 120 26.14 24.73 -14.51
C GLN F 120 26.32 24.07 -15.86
N TRP F 121 25.42 23.13 -16.14
CA TRP F 121 25.31 22.55 -17.46
C TRP F 121 24.64 23.52 -18.41
N LEU F 122 24.74 23.21 -19.70
CA LEU F 122 23.73 23.63 -20.65
C LEU F 122 22.80 22.48 -20.99
N ASP F 123 23.04 21.30 -20.40
CA ASP F 123 22.11 20.19 -20.24
C ASP F 123 21.72 19.46 -21.52
N ALA F 124 22.22 19.90 -22.67
CA ALA F 124 21.93 19.18 -23.90
C ALA F 124 22.79 17.93 -24.01
N LYS F 125 24.08 18.08 -23.75
CA LYS F 125 24.99 16.94 -23.81
C LYS F 125 25.96 16.97 -22.66
N ARG F 126 26.95 16.08 -22.73
CA ARG F 126 28.12 16.14 -21.88
C ARG F 126 29.07 17.24 -22.32
N ARG F 127 28.91 17.76 -23.53
CA ARG F 127 29.91 18.63 -24.12
C ARG F 127 29.65 20.09 -23.75
N LEU F 128 28.73 20.36 -22.83
CA LEU F 128 28.26 21.72 -22.59
C LEU F 128 28.27 22.04 -21.11
N CYS F 129 29.28 22.79 -20.66
CA CYS F 129 29.37 23.24 -19.28
C CYS F 129 29.85 24.67 -19.24
N VAL F 130 29.13 25.51 -18.52
CA VAL F 130 29.41 26.94 -18.47
C VAL F 130 29.66 27.32 -17.02
N ALA F 131 30.71 28.09 -16.81
CA ALA F 131 31.15 28.38 -15.46
C ALA F 131 31.49 29.85 -15.24
N THR F 132 32.10 30.14 -14.10
CA THR F 132 32.36 31.50 -13.63
C THR F 132 33.80 31.63 -13.18
N ILE F 133 34.25 32.88 -13.05
CA ILE F 133 35.63 33.18 -12.67
C ILE F 133 35.55 34.30 -11.65
N PHE F 134 36.35 34.22 -10.59
CA PHE F 134 36.48 35.34 -9.67
C PHE F 134 37.10 36.55 -10.36
N GLU F 135 38.07 36.31 -11.23
CA GLU F 135 38.79 37.39 -11.87
C GLU F 135 38.00 37.97 -13.03
N GLU F 136 37.71 37.13 -14.03
CA GLU F 136 37.51 37.57 -15.39
C GLU F 136 36.17 38.26 -15.57
N SER F 137 36.03 38.92 -16.71
CA SER F 137 34.82 39.55 -17.16
C SER F 137 34.38 38.91 -18.46
N ASP F 138 34.53 37.59 -18.54
CA ASP F 138 34.15 36.82 -19.71
C ASP F 138 33.53 35.51 -19.25
N ALA F 139 32.66 34.96 -20.09
CA ALA F 139 31.97 33.72 -19.79
C ALA F 139 32.79 32.57 -20.35
N TYR F 140 33.33 31.73 -19.47
CA TYR F 140 34.02 30.53 -19.94
C TYR F 140 33.01 29.43 -20.20
N VAL F 141 33.01 28.90 -21.40
CA VAL F 141 32.21 27.74 -21.76
C VAL F 141 33.19 26.59 -21.90
N ILE F 142 32.90 25.49 -21.21
CA ILE F 142 33.85 24.38 -21.04
C ILE F 142 33.22 23.15 -21.68
N ASP F 143 33.95 22.54 -22.61
CA ASP F 143 33.48 21.30 -23.20
C ASP F 143 34.03 20.12 -22.43
N PHE F 144 33.32 19.00 -22.49
CA PHE F 144 33.83 17.78 -21.87
C PHE F 144 33.77 16.55 -22.77
N SER F 145 32.71 16.40 -23.57
CA SER F 145 32.57 15.17 -24.34
C SER F 145 33.55 15.12 -25.49
N ASN F 146 33.88 16.28 -26.07
CA ASN F 146 34.89 16.30 -27.11
C ASN F 146 36.29 16.30 -26.51
N ASP F 147 36.61 17.34 -25.76
CA ASP F 147 37.96 17.57 -25.26
C ASP F 147 37.89 18.05 -23.82
N PRO F 148 38.93 17.85 -23.03
CA PRO F 148 38.97 18.47 -21.70
C PRO F 148 39.50 19.89 -21.74
N VAL F 149 38.84 20.76 -22.49
CA VAL F 149 39.34 22.12 -22.73
C VAL F 149 38.19 23.09 -22.52
N ALA F 150 38.52 24.38 -22.44
CA ALA F 150 37.56 25.44 -22.20
C ALA F 150 37.75 26.54 -23.23
N SER F 151 36.70 27.30 -23.47
CA SER F 151 36.81 28.43 -24.37
C SER F 151 36.40 29.72 -23.65
N LEU F 152 36.50 30.82 -24.39
CA LEU F 152 36.02 32.12 -23.95
C LEU F 152 34.57 32.29 -24.35
N LEU F 153 34.02 33.44 -24.01
CA LEU F 153 32.79 33.89 -24.64
C LEU F 153 33.14 34.55 -25.95
N SER F 154 34.34 35.13 -25.97
CA SER F 154 34.78 36.19 -26.90
C SER F 154 33.84 37.39 -26.78
N LYS F 155 33.85 37.99 -25.61
CA LYS F 155 33.19 39.27 -25.36
C LYS F 155 34.13 40.41 -25.68
N SER F 156 33.73 41.62 -25.28
CA SER F 156 34.56 42.80 -25.43
C SER F 156 34.90 43.41 -24.07
N VAL F 170 32.58 42.34 -13.82
CA VAL F 170 33.26 41.10 -13.47
C VAL F 170 32.22 39.99 -13.36
N LEU F 171 32.43 38.96 -14.17
CA LEU F 171 31.44 37.93 -14.44
C LEU F 171 31.05 37.12 -13.21
N VAL F 172 29.78 37.19 -12.84
CA VAL F 172 29.25 36.43 -11.71
C VAL F 172 27.93 35.78 -12.16
N CYS F 173 27.65 34.58 -11.63
CA CYS F 173 26.30 34.00 -11.59
C CYS F 173 25.66 33.72 -12.94
N THR F 174 26.18 32.72 -13.64
CA THR F 174 25.64 32.33 -14.93
C THR F 174 24.56 31.27 -14.70
N VAL F 175 23.59 31.19 -15.61
CA VAL F 175 22.54 30.19 -15.53
C VAL F 175 22.02 29.93 -16.93
N HIS F 176 21.30 28.83 -17.10
CA HIS F 176 20.56 28.50 -18.30
C HIS F 176 19.11 28.98 -18.19
N THR F 177 18.29 28.58 -19.15
CA THR F 177 16.83 28.70 -19.09
C THR F 177 16.21 27.33 -19.32
N LYS F 178 14.88 27.32 -19.50
CA LYS F 178 14.23 26.11 -19.98
C LYS F 178 14.70 25.78 -21.38
N HIS F 179 14.75 26.77 -22.25
CA HIS F 179 15.33 26.65 -23.57
C HIS F 179 16.83 26.80 -23.43
N PRO F 180 17.60 25.74 -23.64
CA PRO F 180 18.99 25.71 -23.15
C PRO F 180 19.94 26.53 -24.00
N ASN F 181 19.47 27.04 -25.13
CA ASN F 181 20.32 27.73 -26.07
C ASN F 181 20.38 29.22 -25.81
N ILE F 182 19.97 29.66 -24.62
CA ILE F 182 20.01 31.06 -24.26
C ILE F 182 20.50 31.15 -22.82
N ILE F 183 21.53 31.96 -22.58
CA ILE F 183 22.33 31.92 -21.38
C ILE F 183 22.28 33.27 -20.69
N ILE F 184 22.08 33.26 -19.37
CA ILE F 184 21.96 34.51 -18.61
C ILE F 184 23.21 34.76 -17.79
N VAL F 185 23.67 36.01 -17.78
CA VAL F 185 25.02 36.40 -17.40
C VAL F 185 24.97 37.67 -16.56
N GLY F 186 25.78 37.73 -15.49
CA GLY F 186 25.78 38.91 -14.64
C GLY F 186 27.03 39.77 -14.54
N THR F 187 26.83 41.10 -14.56
CA THR F 187 27.80 42.14 -14.16
C THR F 187 29.07 42.13 -15.02
N SER F 188 28.89 42.48 -16.29
CA SER F 188 29.97 42.81 -17.20
C SER F 188 30.26 44.31 -17.09
N LYS F 189 30.78 44.97 -18.13
CA LYS F 189 30.51 46.39 -18.31
C LYS F 189 29.05 46.71 -17.98
N GLY F 190 28.12 46.05 -18.66
CA GLY F 190 26.75 46.10 -18.21
C GLY F 190 26.53 45.29 -16.95
N TRP F 191 25.54 45.67 -16.16
CA TRP F 191 25.37 44.95 -14.90
C TRP F 191 24.57 43.68 -15.04
N LEU F 192 23.78 43.55 -16.11
CA LEU F 192 23.22 42.25 -16.52
C LEU F 192 23.07 42.25 -18.04
N ASP F 193 23.36 41.09 -18.65
CA ASP F 193 23.18 40.89 -20.08
C ASP F 193 22.93 39.41 -20.32
N PHE F 194 22.31 39.12 -21.43
CA PHE F 194 22.02 37.74 -21.80
C PHE F 194 22.86 37.43 -23.03
N TYR F 195 23.52 36.28 -23.01
CA TYR F 195 24.44 35.91 -24.07
C TYR F 195 23.89 34.71 -24.81
N LYS F 196 23.81 34.82 -26.13
CA LYS F 196 23.12 33.86 -26.95
C LYS F 196 23.97 32.62 -27.20
N PHE F 197 23.54 31.87 -28.22
CA PHE F 197 23.49 30.42 -28.33
C PHE F 197 24.72 29.72 -27.79
N HIS F 198 25.88 29.95 -28.42
CA HIS F 198 27.15 29.45 -27.92
C HIS F 198 28.28 30.36 -28.35
N SER F 199 29.48 30.02 -27.87
CA SER F 199 30.73 30.66 -28.26
C SER F 199 31.72 29.66 -28.83
N LEU F 200 31.48 28.37 -28.64
CA LEU F 200 32.13 27.40 -29.51
C LEU F 200 31.67 27.61 -30.94
N TYR F 201 30.38 27.37 -31.19
CA TYR F 201 29.70 27.92 -32.35
C TYR F 201 29.37 29.35 -31.96
N GLN F 202 30.24 30.28 -32.35
CA GLN F 202 30.17 31.66 -31.88
C GLN F 202 28.88 32.33 -32.32
N THR F 203 28.11 32.76 -31.33
CA THR F 203 26.89 33.51 -31.58
C THR F 203 26.95 34.79 -30.75
N GLU F 204 26.28 35.82 -31.25
CA GLU F 204 26.42 37.18 -30.74
C GLU F 204 25.79 37.36 -29.37
N CYS F 205 26.00 38.54 -28.79
CA CYS F 205 25.28 38.93 -27.58
C CYS F 205 23.95 39.55 -27.97
N ILE F 206 23.10 39.76 -26.98
CA ILE F 206 21.85 40.49 -27.20
C ILE F 206 21.71 41.54 -26.12
N HIS F 207 20.49 42.10 -26.02
CA HIS F 207 20.11 43.12 -25.05
C HIS F 207 20.68 42.95 -23.65
N SER F 208 21.38 44.00 -23.22
CA SER F 208 21.88 44.16 -21.86
C SER F 208 20.96 45.12 -21.14
N LEU F 209 20.97 45.07 -19.82
CA LEU F 209 20.30 46.07 -19.00
C LEU F 209 21.02 46.14 -17.66
N LYS F 210 21.46 47.34 -17.31
CA LYS F 210 22.16 47.54 -16.05
C LYS F 210 21.10 47.80 -14.98
N ILE F 211 20.70 46.76 -14.27
CA ILE F 211 19.54 46.92 -13.40
C ILE F 211 19.91 47.64 -12.11
N THR F 212 20.82 47.10 -11.31
CA THR F 212 21.12 47.75 -10.06
C THR F 212 22.58 48.15 -10.01
N SER F 213 22.95 48.77 -8.89
CA SER F 213 24.23 49.43 -8.78
C SER F 213 25.37 48.42 -8.67
N SER F 214 25.27 47.51 -7.71
CA SER F 214 26.39 46.62 -7.40
C SER F 214 26.03 45.22 -7.87
N ASN F 215 26.89 44.26 -7.55
CA ASN F 215 26.78 42.92 -8.06
C ASN F 215 25.58 42.20 -7.45
N ILE F 216 25.08 41.22 -8.18
CA ILE F 216 23.92 40.46 -7.76
C ILE F 216 24.36 39.05 -7.41
N LYS F 217 23.47 38.27 -6.78
CA LYS F 217 23.89 36.96 -6.28
C LYS F 217 23.38 35.84 -7.19
N HIS F 218 22.08 35.75 -7.40
CA HIS F 218 21.52 34.57 -8.04
C HIS F 218 20.48 34.96 -9.09
N LEU F 219 20.35 34.12 -10.11
CA LEU F 219 19.57 34.43 -11.30
C LEU F 219 18.69 33.24 -11.67
N ILE F 220 17.91 32.78 -10.69
CA ILE F 220 17.12 31.56 -10.86
C ILE F 220 16.06 31.71 -11.95
N VAL F 221 15.95 30.69 -12.79
CA VAL F 221 15.02 30.64 -13.91
C VAL F 221 14.05 29.49 -13.64
N SER F 222 12.78 29.70 -13.97
CA SER F 222 11.78 28.67 -13.74
C SER F 222 12.03 27.47 -14.65
N GLN F 223 11.56 26.30 -14.18
CA GLN F 223 11.63 25.08 -14.97
C GLN F 223 10.76 25.19 -16.21
N ASN F 224 9.66 25.95 -16.11
CA ASN F 224 8.79 26.19 -17.25
C ASN F 224 9.28 27.32 -18.13
N GLY F 225 10.34 28.01 -17.75
CA GLY F 225 10.82 29.12 -18.55
C GLY F 225 9.95 30.35 -18.48
N GLU F 226 9.38 30.66 -17.30
CA GLU F 226 8.66 31.91 -17.14
C GLU F 226 9.46 32.94 -16.35
N ARG F 227 9.81 32.59 -15.12
CA ARG F 227 10.17 33.60 -14.14
C ARG F 227 11.67 33.75 -14.03
N LEU F 228 12.12 34.98 -13.79
CA LEU F 228 13.53 35.34 -13.77
C LEU F 228 13.81 36.20 -12.56
N ALA F 229 14.16 35.57 -11.45
CA ALA F 229 14.35 36.31 -10.21
C ALA F 229 15.73 36.96 -10.20
N ILE F 230 16.05 37.63 -9.09
CA ILE F 230 17.35 38.25 -8.90
C ILE F 230 17.54 38.45 -7.39
N ASN F 231 18.79 38.44 -6.95
CA ASN F 231 19.14 38.87 -5.61
C ASN F 231 19.99 40.13 -5.76
N CYS F 232 19.34 41.29 -5.67
CA CYS F 232 20.08 42.53 -5.81
C CYS F 232 20.92 42.81 -4.57
N SER F 233 21.99 43.58 -4.77
CA SER F 233 22.85 43.96 -3.65
C SER F 233 22.09 44.82 -2.66
N ASP F 234 21.43 45.87 -3.15
CA ASP F 234 20.64 46.73 -2.27
C ASP F 234 19.18 46.27 -2.19
N ARG F 235 19.00 44.96 -2.00
CA ARG F 235 17.78 44.36 -1.48
C ARG F 235 16.54 44.67 -2.31
N THR F 236 16.52 44.18 -3.55
CA THR F 236 15.28 44.08 -4.30
C THR F 236 15.23 42.67 -4.86
N ILE F 237 14.08 42.03 -4.77
CA ILE F 237 13.83 40.79 -5.49
C ILE F 237 12.89 41.10 -6.63
N ARG F 238 13.40 40.99 -7.85
CA ARG F 238 12.71 41.44 -9.05
C ARG F 238 12.56 40.24 -9.98
N GLN F 239 11.32 39.89 -10.29
CA GLN F 239 11.04 38.78 -11.16
C GLN F 239 10.72 39.32 -12.54
N TYR F 240 10.92 38.49 -13.56
CA TYR F 240 10.72 38.89 -14.95
C TYR F 240 10.21 37.72 -15.75
N GLU F 241 9.37 38.03 -16.74
CA GLU F 241 9.00 37.03 -17.72
C GLU F 241 10.21 36.72 -18.60
N ILE F 242 10.29 35.47 -19.04
CA ILE F 242 11.50 35.02 -19.72
C ILE F 242 11.41 35.25 -21.21
N SER F 243 12.53 35.57 -21.82
CA SER F 243 12.59 35.88 -23.23
C SER F 243 13.06 34.65 -23.99
N ILE F 244 12.80 34.63 -25.28
CA ILE F 244 13.00 33.41 -26.05
C ILE F 244 13.86 33.68 -27.29
N ASP F 245 14.13 32.61 -28.04
CA ASP F 245 14.87 32.70 -29.29
C ASP F 245 14.07 33.49 -30.31
N ASP F 246 14.68 34.57 -30.81
CA ASP F 246 14.20 35.57 -31.78
C ASP F 246 13.14 36.46 -31.13
N GLU F 247 12.76 36.14 -29.89
CA GLU F 247 11.96 37.03 -29.07
C GLU F 247 12.83 37.67 -28.00
N ASN F 248 14.04 38.06 -28.41
CA ASN F 248 15.18 38.25 -27.53
C ASN F 248 15.02 39.44 -26.59
N SER F 249 14.86 40.63 -27.15
CA SER F 249 15.02 41.85 -26.35
C SER F 249 13.74 42.22 -25.62
N ALA F 250 12.59 41.82 -26.14
CA ALA F 250 11.33 42.43 -25.74
C ALA F 250 10.88 42.01 -24.35
N VAL F 251 11.25 40.81 -23.94
CA VAL F 251 10.77 40.26 -22.69
C VAL F 251 11.88 40.38 -21.66
N GLU F 252 11.51 40.41 -20.38
CA GLU F 252 12.29 40.62 -19.14
C GLU F 252 12.76 42.06 -19.00
N LEU F 253 12.30 42.96 -19.87
CA LEU F 253 12.47 44.38 -19.61
C LEU F 253 11.41 44.87 -18.64
N THR F 254 10.30 44.16 -18.55
CA THR F 254 9.20 44.58 -17.70
C THR F 254 9.34 44.02 -16.30
N LEU F 255 9.49 44.92 -15.34
CA LEU F 255 9.40 44.56 -13.93
C LEU F 255 8.06 43.95 -13.63
N GLU F 256 8.07 42.68 -13.25
CA GLU F 256 6.89 42.08 -12.64
C GLU F 256 6.96 42.34 -11.14
N HIS F 257 6.16 41.61 -10.36
CA HIS F 257 5.92 41.95 -8.96
C HIS F 257 7.20 41.88 -8.13
N LYS F 258 7.65 43.04 -7.69
CA LYS F 258 8.90 43.18 -6.97
C LYS F 258 8.62 42.96 -5.49
N TYR F 259 9.46 42.18 -4.84
CA TYR F 259 9.20 41.72 -3.48
C TYR F 259 9.76 42.70 -2.46
N GLN F 260 9.96 42.19 -1.24
CA GLN F 260 10.74 42.84 -0.19
C GLN F 260 10.14 44.14 0.32
N ASP F 261 9.10 44.06 1.15
CA ASP F 261 8.74 45.21 1.98
C ASP F 261 9.89 45.41 2.96
N VAL F 262 10.83 46.30 2.56
CA VAL F 262 12.24 46.35 2.95
C VAL F 262 12.46 46.42 4.45
N ILE F 263 11.49 46.97 5.19
CA ILE F 263 11.70 47.48 6.55
C ILE F 263 12.08 46.36 7.51
N ASN F 264 11.33 45.27 7.50
CA ASN F 264 11.61 44.20 8.45
C ASN F 264 12.82 43.36 8.03
N LYS F 265 12.88 42.93 6.77
CA LYS F 265 13.88 41.96 6.34
C LYS F 265 15.20 42.64 6.00
N LEU F 266 16.28 41.98 6.38
CA LEU F 266 17.63 42.38 6.00
C LEU F 266 18.07 41.65 4.74
N GLN F 267 19.39 41.64 4.49
CA GLN F 267 19.98 41.10 3.28
C GLN F 267 19.62 39.64 3.03
N TRP F 268 19.47 39.32 1.76
CA TRP F 268 18.96 38.03 1.30
C TRP F 268 20.12 37.15 0.88
N ASN F 269 20.11 35.90 1.32
CA ASN F 269 21.28 35.07 1.09
C ASN F 269 21.14 34.23 -0.18
N CYS F 270 20.12 33.40 -0.28
CA CYS F 270 19.91 32.65 -1.51
C CYS F 270 18.43 32.60 -1.85
N ILE F 271 18.16 32.37 -3.13
CA ILE F 271 16.82 32.44 -3.72
C ILE F 271 16.74 31.25 -4.65
N LEU F 272 15.59 30.56 -4.68
CA LEU F 272 15.23 29.66 -5.78
C LEU F 272 13.75 29.39 -5.85
N PHE F 273 13.29 29.13 -7.07
CA PHE F 273 11.90 28.78 -7.32
C PHE F 273 11.61 27.39 -6.80
N SER F 274 10.34 27.13 -6.51
CA SER F 274 9.86 25.79 -6.18
C SER F 274 9.56 25.03 -7.45
N ASN F 275 8.77 23.96 -7.31
CA ASN F 275 8.59 22.84 -8.23
C ASN F 275 8.47 23.24 -9.70
N ASN F 276 7.43 23.99 -10.05
CA ASN F 276 7.25 24.49 -11.39
C ASN F 276 6.53 25.84 -11.33
N THR F 277 6.76 26.65 -12.36
CA THR F 277 6.03 27.90 -12.63
C THR F 277 6.21 28.91 -11.49
N ALA F 278 7.26 28.70 -10.67
CA ALA F 278 7.64 29.51 -9.52
C ALA F 278 6.52 29.69 -8.50
N GLU F 279 5.53 28.78 -8.49
CA GLU F 279 4.25 28.95 -7.81
C GLU F 279 4.38 29.13 -6.30
N TYR F 280 5.54 28.75 -5.78
CA TYR F 280 6.01 29.25 -4.51
C TYR F 280 7.45 29.68 -4.72
N LEU F 281 7.86 30.67 -3.97
CA LEU F 281 9.24 31.15 -4.08
C LEU F 281 9.79 31.41 -2.68
N VAL F 282 10.48 30.41 -2.15
CA VAL F 282 11.20 30.58 -0.91
C VAL F 282 12.51 31.28 -1.20
N ALA F 283 13.05 31.95 -0.19
CA ALA F 283 14.38 32.52 -0.24
C ALA F 283 14.88 32.71 1.17
N SER F 284 16.18 32.94 1.31
CA SER F 284 16.84 32.95 2.60
C SER F 284 17.30 34.36 2.96
N THR F 285 16.93 34.82 4.14
CA THR F 285 17.41 36.07 4.70
C THR F 285 18.06 35.81 6.05
N HIS F 286 19.31 36.23 6.18
CA HIS F 286 19.93 36.30 7.49
C HIS F 286 20.69 37.61 7.60
N GLY F 287 21.38 37.81 8.72
CA GLY F 287 21.78 39.12 9.17
C GLY F 287 20.73 39.77 10.06
N SER F 288 19.46 39.53 9.78
CA SER F 288 18.36 39.91 10.65
C SER F 288 18.12 38.89 11.75
N SER F 289 18.78 37.73 11.66
CA SER F 289 18.65 36.60 12.60
C SER F 289 17.20 36.16 12.74
N ALA F 290 16.48 36.16 11.62
CA ALA F 290 15.08 35.80 11.64
C ALA F 290 14.88 34.30 11.51
N HIS F 291 15.69 33.65 10.66
CA HIS F 291 15.75 32.21 10.45
C HIS F 291 14.45 31.64 9.93
N GLU F 292 13.60 32.49 9.35
CA GLU F 292 12.30 32.08 8.85
C GLU F 292 12.25 32.52 7.41
N LEU F 293 11.75 31.64 6.56
CA LEU F 293 11.93 31.82 5.14
C LEU F 293 10.60 31.98 4.47
N TYR F 294 10.53 32.87 3.48
CA TYR F 294 9.23 33.16 2.87
C TYR F 294 8.87 32.42 1.60
N ILE F 295 7.74 31.72 1.67
CA ILE F 295 7.23 31.00 0.52
C ILE F 295 6.34 31.96 -0.27
N TRP F 296 6.93 33.04 -0.76
CA TRP F 296 6.20 34.03 -1.56
C TRP F 296 5.46 33.45 -2.77
N GLU F 297 4.27 33.99 -2.99
CA GLU F 297 3.45 33.67 -4.14
C GLU F 297 4.15 34.13 -5.42
N THR F 298 3.84 33.45 -6.52
CA THR F 298 4.53 33.72 -7.78
C THR F 298 4.16 35.07 -8.38
N THR F 299 2.87 35.38 -8.51
CA THR F 299 2.44 36.50 -9.34
C THR F 299 2.01 37.70 -8.52
N SER F 300 1.05 37.51 -7.60
CA SER F 300 0.65 38.58 -6.71
C SER F 300 1.71 38.86 -5.66
N GLY F 301 2.55 37.88 -5.38
CA GLY F 301 3.64 38.05 -4.43
C GLY F 301 3.18 38.27 -3.01
N THR F 302 2.13 37.58 -2.61
CA THR F 302 1.59 37.72 -1.26
C THR F 302 2.55 37.08 -0.26
N LEU F 303 2.49 37.58 0.97
CA LEU F 303 3.05 36.84 2.09
C LEU F 303 2.34 35.49 2.21
N VAL F 304 3.12 34.43 2.12
CA VAL F 304 2.66 33.09 2.39
C VAL F 304 3.37 32.75 3.71
N ARG F 305 3.11 31.56 4.25
CA ARG F 305 3.64 31.18 5.56
C ARG F 305 5.16 31.16 5.58
N VAL F 306 5.71 31.04 6.77
CA VAL F 306 7.15 30.98 6.93
C VAL F 306 7.51 29.60 7.42
N LEU F 307 8.80 29.28 7.38
CA LEU F 307 9.27 28.09 8.06
C LEU F 307 9.84 28.46 9.41
N GLU F 308 9.88 27.47 10.31
CA GLU F 308 10.50 27.72 11.61
C GLU F 308 12.01 27.76 11.48
N GLY F 309 12.58 26.71 10.89
CA GLY F 309 14.02 26.62 10.78
C GLY F 309 14.62 26.35 12.14
N ALA F 310 15.91 26.61 12.27
CA ALA F 310 16.56 26.60 13.56
C ALA F 310 17.29 27.93 13.68
N GLU F 311 17.72 28.27 14.89
CA GLU F 311 18.35 29.56 15.14
C GLU F 311 19.79 29.63 14.67
N GLU F 312 20.31 28.55 14.07
CA GLU F 312 21.49 28.66 13.25
C GLU F 312 21.09 29.20 11.89
N GLU F 313 21.91 30.07 11.32
CA GLU F 313 21.62 30.62 10.01
C GLU F 313 21.78 29.54 8.95
N LEU F 314 20.91 29.57 7.95
CA LEU F 314 21.09 28.70 6.79
C LEU F 314 21.59 29.51 5.61
N ILE F 315 22.46 28.91 4.81
CA ILE F 315 23.10 29.68 3.76
C ILE F 315 22.44 29.47 2.40
N ASP F 316 22.16 28.23 2.02
CA ASP F 316 21.50 27.98 0.74
C ASP F 316 20.50 26.85 0.92
N ILE F 317 19.51 26.81 0.05
CA ILE F 317 18.31 26.01 0.18
C ILE F 317 18.13 25.27 -1.13
N ASN F 318 17.25 24.25 -1.16
CA ASN F 318 16.63 23.81 -2.40
C ASN F 318 15.34 23.02 -2.16
N TRP F 319 14.40 23.17 -3.07
CA TRP F 319 13.25 22.28 -3.22
C TRP F 319 13.63 21.03 -3.99
N ASP F 320 12.66 20.13 -4.11
CA ASP F 320 12.72 19.01 -5.03
C ASP F 320 11.42 18.94 -5.80
N PHE F 321 11.33 18.00 -6.75
CA PHE F 321 10.25 18.05 -7.72
C PHE F 321 9.30 16.87 -7.64
N TYR F 322 9.79 15.69 -7.25
CA TYR F 322 8.95 14.51 -7.23
C TYR F 322 8.62 14.05 -5.82
N SER F 323 9.14 14.71 -4.79
CA SER F 323 8.69 14.42 -3.44
C SER F 323 8.30 15.67 -2.66
N MET F 324 8.50 16.86 -3.23
CA MET F 324 7.93 18.12 -2.75
C MET F 324 8.38 18.46 -1.34
N SER F 325 9.68 18.38 -1.11
CA SER F 325 10.28 18.74 0.17
C SER F 325 11.21 19.93 -0.02
N ILE F 326 11.72 20.41 1.10
CA ILE F 326 12.65 21.53 1.13
C ILE F 326 13.84 21.09 1.97
N VAL F 327 15.05 21.34 1.49
CA VAL F 327 16.23 21.16 2.30
C VAL F 327 17.10 22.41 2.22
N SER F 328 17.79 22.70 3.31
CA SER F 328 18.79 23.74 3.34
C SER F 328 19.84 23.33 4.34
N ASN F 329 21.04 23.87 4.17
CA ASN F 329 22.13 23.60 5.10
C ASN F 329 22.22 24.76 6.07
N GLY F 330 22.13 24.43 7.35
CA GLY F 330 22.44 25.38 8.40
C GLY F 330 23.90 25.74 8.33
N PHE F 331 24.18 27.02 8.14
CA PHE F 331 25.55 27.48 7.96
C PHE F 331 26.36 27.32 9.23
N GLU F 332 25.70 27.38 10.39
CA GLU F 332 26.42 27.26 11.65
C GLU F 332 26.47 25.82 12.13
N SER F 333 25.32 25.16 12.18
CA SER F 333 25.25 23.80 12.71
C SER F 333 25.86 22.81 11.74
N GLY F 334 25.75 23.07 10.45
CA GLY F 334 26.24 22.16 9.44
C GLY F 334 25.26 21.09 9.05
N ASN F 335 24.22 20.87 9.83
CA ASN F 335 23.25 19.87 9.46
C ASN F 335 22.29 20.41 8.42
N VAL F 336 21.61 19.51 7.74
CA VAL F 336 20.65 19.86 6.71
C VAL F 336 19.25 19.64 7.26
N TYR F 337 18.36 20.61 7.02
CA TYR F 337 17.05 20.63 7.63
C TYR F 337 16.02 20.31 6.57
N VAL F 338 15.23 19.28 6.82
CA VAL F 338 14.36 18.70 5.80
C VAL F 338 12.91 18.87 6.23
N TRP F 339 12.08 19.29 5.30
CA TRP F 339 10.69 19.62 5.58
C TRP F 339 9.78 18.53 5.01
N SER F 340 8.47 18.85 4.99
CA SER F 340 7.43 18.16 4.24
C SER F 340 7.14 16.70 4.59
N VAL F 341 6.56 16.46 5.76
CA VAL F 341 6.09 15.12 6.13
C VAL F 341 4.57 15.12 6.16
N VAL F 342 3.97 14.06 5.61
CA VAL F 342 2.53 13.87 5.53
C VAL F 342 2.09 13.23 6.84
N ILE F 343 0.82 13.41 7.20
CA ILE F 343 0.22 12.71 8.34
C ILE F 343 -0.63 11.56 7.79
N PRO F 344 -0.58 10.39 8.44
CA PRO F 344 -1.23 9.16 7.98
C PRO F 344 -2.67 8.96 8.39
N PRO F 345 -3.59 8.81 7.42
CA PRO F 345 -4.99 8.57 7.75
C PRO F 345 -5.11 7.23 8.43
N LYS F 346 -5.06 7.23 9.76
CA LYS F 346 -5.12 6.02 10.56
C LYS F 346 -6.54 5.52 10.82
N TRP F 347 -7.52 6.25 10.33
CA TRP F 347 -8.90 5.81 10.40
C TRP F 347 -9.12 4.59 9.55
N SER F 348 -8.43 4.53 8.41
CA SER F 348 -8.53 3.39 7.50
C SER F 348 -7.58 2.25 7.86
N ALA F 349 -6.77 2.46 8.87
CA ALA F 349 -5.75 1.50 9.29
C ALA F 349 -6.07 0.11 9.78
N LEU F 350 -7.04 -0.01 10.67
CA LEU F 350 -7.34 -1.31 11.25
C LEU F 350 -8.53 -1.97 10.59
N ALA F 351 -9.08 -1.26 9.60
CA ALA F 351 -10.23 -1.73 8.84
C ALA F 351 -10.01 -1.54 7.34
N PRO F 352 -10.22 -2.59 6.54
CA PRO F 352 -10.03 -2.51 5.09
C PRO F 352 -10.99 -1.57 4.34
N ASP F 353 -12.28 -1.59 4.68
CA ASP F 353 -13.27 -0.77 4.00
C ASP F 353 -13.83 0.45 4.76
N PHE F 354 -13.27 0.75 5.92
CA PHE F 354 -13.75 1.87 6.71
C PHE F 354 -13.48 3.19 6.06
N GLU F 355 -14.21 3.49 4.99
CA GLU F 355 -14.04 4.76 4.32
C GLU F 355 -14.68 5.55 5.41
N GLU F 356 -13.91 6.41 6.03
CA GLU F 356 -14.45 7.08 7.18
C GLU F 356 -15.23 8.33 6.89
N VAL F 357 -16.49 8.30 7.26
CA VAL F 357 -17.36 9.45 7.11
C VAL F 357 -17.35 10.10 8.49
N GLU F 358 -17.44 11.41 8.55
CA GLU F 358 -17.34 12.03 9.88
C GLU F 358 -18.71 12.15 10.54
N GLU F 359 -19.78 12.31 9.75
CA GLU F 359 -21.11 12.44 10.31
C GLU F 359 -22.06 11.41 9.72
N ASN F 360 -23.09 11.09 10.52
CA ASN F 360 -24.01 10.01 10.24
C ASN F 360 -24.87 10.23 9.01
N VAL F 361 -24.56 9.52 7.95
CA VAL F 361 -25.25 9.62 6.68
C VAL F 361 -26.01 8.31 6.49
N ASP F 362 -27.33 8.36 6.59
CA ASP F 362 -28.15 7.16 6.45
C ASP F 362 -28.10 6.65 5.01
N TYR F 363 -27.39 5.54 4.80
CA TYR F 363 -27.16 5.10 3.43
C TYR F 363 -28.43 4.49 2.86
N LEU F 364 -28.55 4.55 1.54
CA LEU F 364 -29.84 4.52 0.88
C LEU F 364 -30.47 3.15 0.94
N GLU F 365 -29.64 2.11 1.06
CA GLU F 365 -30.09 0.71 1.16
C GLU F 365 -30.93 0.31 -0.05
N LYS F 366 -30.27 0.14 -1.20
CA LYS F 366 -30.85 0.07 -2.53
C LYS F 366 -31.97 -0.93 -2.73
N GLU F 367 -32.66 -0.80 -3.86
CA GLU F 367 -33.85 -1.56 -4.22
C GLU F 367 -33.67 -3.07 -4.15
N ASP F 368 -32.46 -3.57 -4.36
CA ASP F 368 -32.23 -4.99 -4.18
C ASP F 368 -31.44 -5.29 -2.91
N GLU F 369 -30.96 -4.26 -2.21
CA GLU F 369 -30.38 -4.46 -0.88
C GLU F 369 -31.49 -4.92 0.05
N PHE F 370 -31.18 -5.95 0.86
CA PHE F 370 -32.06 -6.73 1.76
C PHE F 370 -33.33 -7.23 1.10
N ASP F 371 -33.42 -7.23 -0.23
CA ASP F 371 -34.65 -7.65 -0.88
C ASP F 371 -34.78 -9.16 -0.85
N GLU F 372 -33.66 -9.84 -0.98
CA GLU F 372 -33.57 -11.29 -0.85
C GLU F 372 -32.12 -11.62 -0.52
N VAL F 373 -31.90 -12.80 0.08
CA VAL F 373 -30.56 -13.32 0.34
C VAL F 373 -29.82 -13.54 -0.97
N ASP F 374 -28.49 -13.67 -0.86
CA ASP F 374 -27.57 -13.62 -1.98
C ASP F 374 -27.77 -14.74 -2.99
N GLU F 375 -28.11 -15.93 -2.49
CA GLU F 375 -28.49 -17.11 -3.30
C GLU F 375 -27.38 -17.54 -4.27
N ALA F 376 -26.17 -17.67 -3.74
CA ALA F 376 -25.00 -18.21 -4.44
C ALA F 376 -24.67 -17.42 -5.71
N GLU F 377 -24.87 -16.11 -5.64
CA GLU F 377 -24.45 -15.19 -6.69
C GLU F 377 -23.00 -14.75 -6.53
N GLN F 378 -22.33 -15.22 -5.48
CA GLN F 378 -20.90 -15.01 -5.35
C GLN F 378 -20.17 -15.83 -6.40
N GLN F 379 -19.44 -15.12 -7.29
CA GLN F 379 -18.70 -15.71 -8.42
C GLN F 379 -19.60 -16.49 -9.37
N GLN F 380 -20.64 -15.85 -9.90
CA GLN F 380 -21.35 -16.43 -11.04
C GLN F 380 -20.83 -15.86 -12.34
N GLY F 381 -20.56 -14.57 -12.36
CA GLY F 381 -19.99 -13.92 -13.53
C GLY F 381 -18.77 -13.11 -13.17
N LEU F 382 -17.74 -13.22 -14.01
CA LEU F 382 -16.55 -12.40 -13.81
C LEU F 382 -16.73 -11.01 -14.39
N GLU F 383 -17.26 -10.94 -15.62
CA GLU F 383 -17.65 -9.72 -16.37
C GLU F 383 -16.59 -8.61 -16.31
N GLN F 384 -15.43 -8.91 -16.89
CA GLN F 384 -14.27 -8.04 -16.86
C GLN F 384 -14.25 -7.12 -18.08
N GLU F 385 -13.78 -5.89 -17.88
CA GLU F 385 -13.56 -4.98 -19.01
C GLU F 385 -12.32 -4.11 -18.78
N GLU F 386 -11.55 -4.38 -17.73
CA GLU F 386 -10.43 -3.52 -17.37
C GLU F 386 -9.15 -4.35 -17.32
N GLU F 387 -8.02 -3.69 -17.50
CA GLU F 387 -6.74 -4.37 -17.68
C GLU F 387 -5.72 -3.91 -16.65
N ILE F 388 -4.53 -4.49 -16.78
CA ILE F 388 -3.43 -4.40 -15.81
C ILE F 388 -2.21 -3.98 -16.63
N ALA F 389 -2.40 -3.99 -17.94
CA ALA F 389 -1.44 -4.07 -19.07
C ALA F 389 -0.25 -3.13 -18.86
N ILE F 390 0.92 -3.57 -19.37
CA ILE F 390 2.20 -3.02 -18.97
C ILE F 390 2.37 -1.58 -19.47
N ASP F 391 3.30 -0.88 -18.84
CA ASP F 391 3.53 0.54 -19.07
C ASP F 391 4.17 0.77 -20.43
N LEU F 392 3.64 1.78 -21.14
CA LEU F 392 4.06 2.08 -22.50
C LEU F 392 4.51 3.52 -22.63
N ARG F 393 5.26 4.00 -21.62
CA ARG F 393 5.93 5.30 -21.61
C ARG F 393 4.98 6.47 -21.78
N THR F 394 4.15 6.72 -20.78
CA THR F 394 3.24 7.87 -20.79
C THR F 394 4.00 9.19 -20.88
N ARG F 395 3.38 10.17 -21.56
CA ARG F 395 3.96 11.50 -21.82
C ARG F 395 5.29 11.37 -22.57
N GLU F 396 5.20 10.94 -23.83
CA GLU F 396 5.93 9.82 -24.46
C GLU F 396 7.30 9.59 -23.83
N GLN F 397 8.19 10.58 -23.72
CA GLN F 397 9.48 10.31 -23.10
C GLN F 397 9.39 10.41 -21.58
N TYR F 398 9.16 11.63 -21.08
CA TYR F 398 8.82 12.04 -19.71
C TYR F 398 9.93 11.85 -18.67
N ASP F 399 10.90 10.98 -18.91
CA ASP F 399 11.88 10.64 -17.89
C ASP F 399 13.05 9.83 -18.42
N VAL F 400 14.23 10.16 -17.94
CA VAL F 400 15.30 9.19 -17.74
C VAL F 400 15.39 8.99 -16.24
N ARG F 401 15.22 7.75 -15.79
CA ARG F 401 15.14 7.45 -14.36
C ARG F 401 16.44 7.76 -13.66
N GLY F 402 16.33 8.37 -12.49
CA GLY F 402 17.53 8.80 -11.81
C GLY F 402 18.08 7.59 -11.08
N ASN F 403 19.03 6.93 -11.72
CA ASN F 403 19.41 5.62 -11.26
C ASN F 403 20.46 5.77 -10.16
N ASN F 404 20.53 4.76 -9.31
CA ASN F 404 21.38 4.83 -8.13
C ASN F 404 22.86 4.82 -8.50
N LEU F 405 23.66 5.42 -7.64
CA LEU F 405 25.05 5.04 -7.53
C LEU F 405 25.11 3.59 -7.07
N LEU F 406 26.07 2.85 -7.59
CA LEU F 406 26.40 1.53 -7.06
C LEU F 406 27.71 1.67 -6.30
N VAL F 407 27.82 1.02 -5.14
CA VAL F 407 29.04 1.13 -4.38
C VAL F 407 29.22 0.02 -3.38
N GLU F 408 30.30 -0.72 -3.49
CA GLU F 408 30.51 -1.77 -2.54
C GLU F 408 31.66 -1.37 -1.66
N ARG F 409 31.36 -1.26 -0.39
CA ARG F 409 32.33 -0.84 0.57
C ARG F 409 31.96 -1.29 1.95
N PHE F 410 32.85 -0.96 2.88
CA PHE F 410 32.74 -1.32 4.28
C PHE F 410 32.68 -2.82 4.48
N THR F 411 33.47 -3.55 3.71
CA THR F 411 33.53 -4.99 3.85
C THR F 411 34.21 -5.20 5.18
N ILE F 412 35.13 -4.29 5.50
CA ILE F 412 35.83 -4.34 6.77
C ILE F 412 34.85 -4.40 7.94
N PHE G 1 5.17 -19.40 -26.27
CA PHE G 1 5.49 -19.61 -24.86
C PHE G 1 5.57 -21.10 -24.61
N GLN G 2 6.54 -21.74 -25.25
CA GLN G 2 6.67 -23.19 -25.12
C GLN G 2 8.14 -23.59 -25.36
N PHE G 3 8.79 -24.07 -24.30
CA PHE G 3 10.13 -24.66 -24.33
C PHE G 3 10.43 -25.24 -22.96
N VAL G 4 11.47 -26.06 -22.91
CA VAL G 4 12.09 -26.45 -21.65
C VAL G 4 13.58 -26.28 -21.82
N THR G 5 14.30 -26.32 -20.71
CA THR G 5 15.75 -26.16 -20.70
C THR G 5 16.38 -27.27 -19.86
N PRO G 6 17.72 -27.47 -19.92
CA PRO G 6 18.37 -28.35 -18.94
C PRO G 6 18.16 -27.92 -17.50
N VAL G 7 18.14 -28.91 -16.61
CA VAL G 7 17.80 -28.72 -15.21
C VAL G 7 18.94 -29.25 -14.36
N GLY G 8 19.04 -28.75 -13.14
CA GLY G 8 19.88 -29.39 -12.15
C GLY G 8 20.32 -28.44 -11.04
N THR G 9 20.19 -28.91 -9.80
CA THR G 9 20.70 -28.15 -8.67
C THR G 9 21.22 -29.06 -7.56
N GLN G 10 21.83 -30.21 -7.89
CA GLN G 10 22.43 -31.28 -7.05
C GLN G 10 21.36 -32.18 -6.42
N ASN G 11 20.08 -31.78 -6.43
CA ASN G 11 18.94 -32.55 -5.91
C ASN G 11 19.18 -33.06 -4.49
N GLY G 12 19.47 -32.11 -3.59
CA GLY G 12 19.69 -32.43 -2.20
C GLY G 12 18.44 -32.21 -1.37
N LEU G 13 18.42 -31.14 -0.59
CA LEU G 13 17.27 -30.82 0.23
C LEU G 13 16.20 -30.09 -0.57
N LYS G 14 15.26 -29.52 0.18
CA LYS G 14 14.06 -28.92 -0.39
C LYS G 14 14.37 -27.67 -1.21
N ALA G 15 13.80 -27.60 -2.41
CA ALA G 15 14.00 -26.46 -3.31
C ALA G 15 13.07 -25.33 -2.86
N THR G 16 13.63 -24.45 -2.05
CA THR G 16 12.81 -23.41 -1.43
C THR G 16 12.63 -22.20 -2.32
N CYS G 17 13.61 -21.87 -3.15
CA CYS G 17 13.49 -20.68 -3.98
C CYS G 17 14.28 -20.86 -5.26
N ALA G 18 13.73 -20.35 -6.35
CA ALA G 18 14.34 -20.43 -7.67
C ALA G 18 14.25 -19.07 -8.35
N LYS G 19 14.75 -18.04 -7.66
CA LYS G 19 14.63 -16.66 -8.12
C LYS G 19 15.33 -16.45 -9.47
N ILE G 20 14.57 -15.90 -10.42
CA ILE G 20 14.97 -15.77 -11.82
C ILE G 20 16.12 -14.79 -11.97
N SER G 21 16.33 -13.97 -10.93
CA SER G 21 17.60 -13.33 -10.66
C SER G 21 18.04 -12.29 -11.70
N PRO G 22 17.28 -11.16 -11.85
CA PRO G 22 17.42 -10.34 -13.05
C PRO G 22 18.73 -9.59 -13.13
N ASP G 23 19.58 -10.17 -13.95
CA ASP G 23 20.70 -9.52 -14.60
C ASP G 23 20.74 -10.19 -15.96
N GLY G 24 19.74 -11.01 -16.23
CA GLY G 24 19.72 -11.89 -17.37
C GLY G 24 20.31 -13.24 -17.03
N GLN G 25 21.50 -13.21 -16.45
CA GLN G 25 22.25 -14.41 -16.12
C GLN G 25 22.00 -14.83 -14.67
N PHE G 26 22.84 -15.76 -14.20
CA PHE G 26 23.05 -16.06 -12.80
C PHE G 26 21.84 -16.61 -12.05
N LEU G 27 21.35 -17.79 -12.42
CA LEU G 27 20.25 -18.40 -11.69
C LEU G 27 20.79 -18.93 -10.37
N ALA G 28 19.97 -18.88 -9.31
CA ALA G 28 20.37 -19.36 -8.00
C ALA G 28 19.23 -20.13 -7.33
N ILE G 29 19.62 -21.19 -6.61
CA ILE G 29 18.71 -22.11 -5.91
C ILE G 29 19.38 -22.56 -4.63
N THR G 30 18.63 -22.58 -3.53
CA THR G 30 19.12 -23.11 -2.27
C THR G 30 19.48 -24.59 -2.35
N GLN G 31 20.41 -24.99 -1.50
CA GLN G 31 20.53 -26.37 -1.06
C GLN G 31 20.70 -26.46 0.45
N GLY G 32 19.96 -25.63 1.20
CA GLY G 32 20.02 -25.68 2.64
C GLY G 32 21.11 -24.79 3.20
N LEU G 33 21.99 -25.37 4.01
CA LEU G 33 23.14 -24.63 4.50
C LEU G 33 24.08 -24.27 3.35
N ASN G 34 24.16 -25.12 2.34
CA ASN G 34 24.69 -24.70 1.06
C ASN G 34 23.70 -23.76 0.41
N ILE G 35 24.17 -22.64 -0.10
CA ILE G 35 23.28 -21.61 -0.58
C ILE G 35 23.69 -21.18 -1.99
N LEU G 36 22.66 -21.02 -2.83
CA LEU G 36 22.71 -20.25 -4.07
C LEU G 36 23.75 -20.75 -5.07
N ILE G 37 23.56 -21.96 -5.59
CA ILE G 37 24.41 -22.47 -6.65
C ILE G 37 24.16 -21.64 -7.90
N TYR G 38 25.19 -20.97 -8.36
CA TYR G 38 25.05 -20.08 -9.51
C TYR G 38 24.92 -20.89 -10.78
N ASP G 39 23.95 -20.52 -11.60
CA ASP G 39 23.80 -21.05 -12.95
C ASP G 39 23.69 -19.89 -13.91
N ILE G 40 24.71 -19.70 -14.74
CA ILE G 40 24.60 -18.76 -15.84
C ILE G 40 23.53 -19.25 -16.79
N ASN G 41 22.57 -18.38 -17.10
CA ASN G 41 21.39 -18.78 -17.84
C ASN G 41 21.71 -19.11 -19.30
N ARG G 42 22.89 -18.70 -19.77
CA ARG G 42 23.30 -19.07 -21.11
C ARG G 42 24.26 -20.25 -21.08
N ARG G 43 25.11 -20.32 -20.07
CA ARG G 43 26.08 -21.41 -20.00
C ARG G 43 25.43 -22.68 -19.45
N THR G 44 24.42 -22.53 -18.59
CA THR G 44 23.64 -23.62 -17.97
C THR G 44 24.52 -24.58 -17.17
N VAL G 45 25.56 -24.04 -16.52
CA VAL G 45 26.56 -24.83 -15.81
C VAL G 45 26.57 -24.42 -14.35
N SER G 46 26.65 -25.41 -13.47
CA SER G 46 26.83 -25.16 -12.04
C SER G 46 28.08 -24.34 -11.77
N GLN G 47 27.94 -23.38 -10.87
CA GLN G 47 29.01 -22.44 -10.54
C GLN G 47 29.01 -22.17 -9.06
N THR G 48 29.57 -21.00 -8.69
CA THR G 48 29.80 -20.56 -7.32
C THR G 48 28.59 -20.75 -6.43
N LEU G 49 28.81 -21.32 -5.26
CA LEU G 49 27.79 -21.52 -4.25
C LEU G 49 28.28 -20.80 -3.00
N VAL G 50 27.40 -20.03 -2.36
CA VAL G 50 27.88 -19.02 -1.44
C VAL G 50 27.88 -19.52 -0.01
N THR G 51 26.92 -20.41 0.34
CA THR G 51 26.89 -21.19 1.57
C THR G 51 26.96 -20.37 2.85
N SER G 52 25.91 -19.61 3.16
CA SER G 52 26.00 -18.66 4.26
C SER G 52 25.99 -19.28 5.65
N HIS G 53 24.87 -19.88 6.07
CA HIS G 53 24.74 -20.38 7.44
C HIS G 53 23.77 -21.56 7.51
N ALA G 54 23.43 -21.96 8.74
CA ALA G 54 22.93 -23.30 9.06
C ALA G 54 21.52 -23.52 8.49
N ARG G 55 20.52 -22.74 8.87
CA ARG G 55 19.13 -23.10 8.66
C ARG G 55 18.69 -23.02 7.20
N PRO G 56 17.68 -23.80 6.79
CA PRO G 56 17.20 -23.75 5.40
C PRO G 56 16.69 -22.38 4.98
N PHE G 57 17.34 -21.79 3.99
CA PHE G 57 16.99 -20.48 3.51
C PHE G 57 15.68 -20.51 2.75
N SER G 58 14.70 -19.74 3.23
CA SER G 58 13.37 -19.78 2.67
C SER G 58 13.32 -19.10 1.31
N GLU G 59 13.63 -17.82 1.26
CA GLU G 59 13.44 -17.08 0.01
C GLU G 59 14.67 -16.28 -0.34
N LEU G 60 14.85 -16.08 -1.63
CA LEU G 60 15.93 -15.30 -2.21
C LEU G 60 15.39 -14.15 -3.01
N CYS G 61 16.04 -13.00 -2.88
CA CYS G 61 15.70 -11.78 -3.60
C CYS G 61 16.89 -11.39 -4.49
N TRP G 62 16.61 -11.15 -5.77
CA TRP G 62 17.66 -10.78 -6.70
C TRP G 62 17.89 -9.28 -6.62
N SER G 63 19.11 -8.88 -6.30
CA SER G 63 19.45 -7.47 -6.19
C SER G 63 19.43 -6.80 -7.55
N PRO G 64 19.04 -5.52 -7.58
CA PRO G 64 19.02 -4.79 -8.85
C PRO G 64 20.44 -4.73 -9.36
N ASP G 65 21.38 -4.53 -8.45
CA ASP G 65 22.80 -4.48 -8.78
C ASP G 65 23.32 -5.83 -9.26
N GLY G 66 22.87 -6.91 -8.61
CA GLY G 66 23.34 -8.24 -8.92
C GLY G 66 24.60 -8.64 -8.20
N GLN G 67 25.10 -7.78 -7.33
CA GLN G 67 26.37 -7.99 -6.66
C GLN G 67 26.21 -8.69 -5.32
N CYS G 68 25.05 -8.56 -4.69
CA CYS G 68 24.87 -8.99 -3.30
C CYS G 68 23.53 -9.72 -3.17
N ILE G 69 23.54 -10.82 -2.43
CA ILE G 69 22.39 -11.70 -2.35
C ILE G 69 21.94 -11.78 -0.90
N ALA G 70 20.64 -11.66 -0.68
CA ALA G 70 20.08 -11.77 0.65
C ALA G 70 19.12 -12.95 0.70
N THR G 71 19.27 -13.78 1.72
CA THR G 71 18.40 -14.93 1.89
C THR G 71 17.67 -14.77 3.22
N ALA G 72 16.65 -15.59 3.41
CA ALA G 72 15.85 -15.56 4.62
C ALA G 72 15.83 -16.93 5.27
N SER G 73 16.48 -17.03 6.43
CA SER G 73 16.64 -18.29 7.13
C SER G 73 15.43 -18.54 8.01
N ASP G 74 15.60 -19.47 8.95
CA ASP G 74 14.63 -19.59 10.02
C ASP G 74 15.19 -19.00 11.31
N ASP G 75 16.47 -19.24 11.58
CA ASP G 75 17.02 -18.74 12.82
C ASP G 75 17.37 -17.26 12.73
N PHE G 76 18.18 -16.84 13.70
CA PHE G 76 18.53 -15.44 13.90
C PHE G 76 19.42 -14.94 12.77
N SER G 77 18.78 -14.52 11.66
CA SER G 77 19.06 -13.32 10.88
C SER G 77 18.26 -13.34 9.59
N VAL G 78 18.38 -12.28 8.83
CA VAL G 78 18.28 -12.31 7.37
C VAL G 78 19.68 -11.97 6.85
N GLU G 79 20.20 -12.82 5.98
CA GLU G 79 21.64 -12.83 5.75
C GLU G 79 21.96 -12.33 4.35
N ILE G 80 22.68 -11.22 4.27
CA ILE G 80 23.17 -10.72 2.99
C ILE G 80 24.57 -11.24 2.75
N ILE G 81 24.78 -11.88 1.60
CA ILE G 81 26.12 -12.19 1.14
C ILE G 81 26.33 -11.51 -0.20
N HIS G 82 27.49 -10.92 -0.37
CA HIS G 82 27.86 -10.26 -1.60
C HIS G 82 28.46 -11.32 -2.50
N LEU G 83 27.87 -11.51 -3.68
CA LEU G 83 28.10 -12.68 -4.53
C LEU G 83 29.56 -12.88 -4.90
N SER G 84 30.30 -11.80 -4.97
CA SER G 84 31.71 -11.87 -5.24
C SER G 84 32.56 -11.82 -3.98
N TYR G 85 31.99 -11.36 -2.88
CA TYR G 85 32.74 -11.01 -1.70
C TYR G 85 32.37 -11.96 -0.56
N GLY G 86 32.81 -11.65 0.65
CA GLY G 86 32.76 -12.64 1.71
C GLY G 86 31.74 -12.48 2.81
N LEU G 87 30.49 -12.14 2.47
CA LEU G 87 29.39 -11.96 3.43
C LEU G 87 29.77 -10.92 4.48
N LEU G 88 30.07 -9.73 3.99
CA LEU G 88 30.69 -8.78 4.88
C LEU G 88 29.65 -8.02 5.69
N HIS G 89 28.37 -8.23 5.40
CA HIS G 89 27.32 -7.52 6.12
C HIS G 89 26.06 -8.38 6.23
N THR G 90 25.93 -9.06 7.35
CA THR G 90 24.63 -9.56 7.81
C THR G 90 24.32 -8.88 9.12
N PHE G 91 23.04 -8.81 9.44
CA PHE G 91 22.58 -7.98 10.54
C PHE G 91 21.53 -8.72 11.33
N ILE G 92 21.28 -8.24 12.55
CA ILE G 92 20.31 -8.84 13.44
C ILE G 92 18.93 -8.66 12.85
N GLY G 93 18.01 -9.52 13.24
CA GLY G 93 16.66 -9.35 12.76
C GLY G 93 15.71 -9.20 13.91
N HIS G 94 14.42 -9.24 13.61
CA HIS G 94 13.44 -9.49 14.64
C HIS G 94 13.58 -10.90 15.16
N THR G 95 13.06 -11.13 16.37
CA THR G 95 13.36 -12.37 17.08
C THR G 95 12.59 -13.56 16.50
N ALA G 96 11.66 -13.29 15.60
CA ALA G 96 10.90 -14.30 14.90
C ALA G 96 11.68 -14.86 13.71
N PRO G 97 11.29 -16.01 13.18
CA PRO G 97 11.82 -16.42 11.86
C PRO G 97 11.36 -15.55 10.70
N VAL G 98 12.33 -15.13 9.90
CA VAL G 98 12.08 -14.36 8.68
C VAL G 98 11.52 -15.32 7.66
N ILE G 99 10.72 -14.80 6.73
CA ILE G 99 10.19 -15.68 5.71
C ILE G 99 10.47 -15.17 4.31
N SER G 100 10.20 -13.90 4.04
CA SER G 100 10.31 -13.45 2.65
C SER G 100 11.09 -12.15 2.59
N LEU G 101 11.60 -11.87 1.39
CA LEU G 101 12.38 -10.67 1.12
C LEU G 101 12.03 -10.22 -0.28
N THR G 102 12.28 -8.94 -0.57
CA THR G 102 12.31 -8.35 -1.90
C THR G 102 12.92 -6.97 -1.71
N PHE G 103 13.70 -6.49 -2.67
CA PHE G 103 14.32 -5.20 -2.55
C PHE G 103 13.66 -4.23 -3.52
N ASN G 104 13.76 -2.94 -3.21
CA ASN G 104 13.16 -1.89 -4.01
C ASN G 104 13.96 -1.64 -5.27
N ARG G 105 13.43 -0.77 -6.13
CA ARG G 105 14.01 -0.47 -7.43
C ARG G 105 15.42 0.10 -7.32
N LYS G 106 15.57 1.09 -6.45
CA LYS G 106 16.87 1.68 -6.19
C LYS G 106 17.84 0.70 -5.56
N GLY G 107 17.36 -0.33 -4.88
CA GLY G 107 18.25 -1.21 -4.15
C GLY G 107 18.74 -0.53 -2.90
N ASN G 108 18.01 0.51 -2.50
CA ASN G 108 18.51 1.41 -1.48
C ASN G 108 18.32 0.82 -0.10
N LEU G 109 17.09 0.50 0.25
CA LEU G 109 16.81 -0.13 1.53
C LEU G 109 15.94 -1.34 1.29
N LEU G 110 15.99 -2.29 2.21
CA LEU G 110 15.38 -3.59 2.01
C LEU G 110 14.20 -3.79 2.94
N PHE G 111 13.37 -4.77 2.61
CA PHE G 111 12.28 -5.15 3.49
C PHE G 111 12.42 -6.60 3.92
N THR G 112 12.38 -6.81 5.23
CA THR G 112 12.29 -8.16 5.78
C THR G 112 10.84 -8.46 6.07
N SER G 113 10.55 -9.75 6.18
CA SER G 113 9.24 -10.20 6.61
C SER G 113 9.36 -10.75 8.01
N SER G 114 8.28 -11.32 8.52
CA SER G 114 8.22 -11.62 9.94
C SER G 114 7.24 -12.74 10.22
N MET G 115 7.60 -13.58 11.20
CA MET G 115 6.64 -14.53 11.74
C MET G 115 5.84 -13.89 12.87
N ASP G 116 6.44 -12.92 13.57
CA ASP G 116 5.70 -12.19 14.58
C ASP G 116 4.90 -11.04 14.00
N GLU G 117 4.71 -11.05 12.67
CA GLU G 117 3.76 -10.19 11.98
C GLU G 117 4.16 -8.73 12.08
N SER G 118 5.44 -8.48 12.30
CA SER G 118 5.99 -7.15 12.50
C SER G 118 7.17 -6.99 11.58
N ILE G 119 6.90 -6.56 10.33
CA ILE G 119 7.96 -6.42 9.36
C ILE G 119 8.82 -5.21 9.71
N LYS G 120 10.09 -5.29 9.36
CA LYS G 120 11.02 -4.23 9.61
C LYS G 120 11.61 -3.78 8.29
N ILE G 121 12.15 -2.56 8.28
CA ILE G 121 12.82 -2.01 7.11
C ILE G 121 14.28 -1.86 7.48
N TRP G 122 15.14 -1.95 6.48
CA TRP G 122 16.58 -1.95 6.71
C TRP G 122 17.27 -1.19 5.60
N ASP G 123 18.01 -0.14 5.97
CA ASP G 123 18.91 0.53 5.05
C ASP G 123 20.01 -0.46 4.71
N THR G 124 20.23 -0.68 3.42
CA THR G 124 21.18 -1.70 3.01
C THR G 124 22.61 -1.27 3.26
N LEU G 125 23.00 -0.13 2.70
CA LEU G 125 24.41 0.18 2.55
C LEU G 125 25.04 0.63 3.87
N ASN G 126 24.31 1.41 4.65
CA ASN G 126 24.78 1.66 6.02
C ASN G 126 24.57 0.43 6.87
N GLY G 127 23.41 -0.19 6.78
CA GLY G 127 23.18 -1.42 7.48
C GLY G 127 22.53 -1.29 8.84
N SER G 128 21.40 -0.61 8.92
CA SER G 128 20.64 -0.53 10.15
C SER G 128 19.17 -0.47 9.81
N LEU G 129 18.34 -0.34 10.85
CA LEU G 129 16.90 -0.27 10.71
C LEU G 129 16.43 1.16 10.85
N MET G 130 15.41 1.52 10.09
CA MET G 130 14.55 2.61 10.48
C MET G 130 13.29 1.98 11.10
N LYS G 131 12.24 2.77 11.32
CA LYS G 131 11.13 2.35 12.17
C LYS G 131 10.33 1.21 11.54
N THR G 132 9.59 0.50 12.39
CA THR G 132 9.06 -0.81 12.05
C THR G 132 7.55 -0.77 11.95
N ILE G 133 7.00 -1.24 10.84
CA ILE G 133 5.57 -1.16 10.59
C ILE G 133 4.96 -2.46 11.10
N SER G 134 4.47 -2.44 12.34
CA SER G 134 3.85 -3.61 12.98
C SER G 134 2.33 -3.51 12.90
N ALA G 135 1.80 -3.64 11.68
CA ALA G 135 0.36 -3.51 11.50
C ALA G 135 -0.30 -4.85 11.28
N HIS G 136 0.14 -5.87 12.01
CA HIS G 136 -0.48 -7.19 11.93
C HIS G 136 -0.46 -7.92 13.27
N SER G 137 -1.02 -9.13 13.32
CA SER G 137 -1.02 -9.97 14.51
C SER G 137 -0.52 -11.38 14.26
N GLU G 138 -0.83 -11.97 13.10
CA GLU G 138 -0.35 -13.29 12.74
C GLU G 138 0.37 -13.21 11.41
N ALA G 139 1.43 -14.02 11.28
CA ALA G 139 2.61 -13.86 10.44
C ALA G 139 2.41 -13.24 9.07
N VAL G 140 3.20 -12.22 8.76
CA VAL G 140 3.25 -11.63 7.43
C VAL G 140 4.10 -12.58 6.58
N VAL G 141 3.44 -13.34 5.72
CA VAL G 141 4.12 -14.46 5.10
C VAL G 141 4.89 -14.01 3.86
N SER G 142 4.50 -12.89 3.27
CA SER G 142 5.11 -12.47 2.01
C SER G 142 5.10 -10.96 1.89
N VAL G 143 6.20 -10.40 1.38
CA VAL G 143 6.35 -8.97 1.15
C VAL G 143 7.07 -8.77 -0.16
N ASP G 144 6.46 -8.02 -1.06
CA ASP G 144 7.13 -7.65 -2.30
C ASP G 144 7.01 -6.14 -2.53
N VAL G 145 7.77 -5.67 -3.51
CA VAL G 145 7.89 -4.25 -3.87
C VAL G 145 7.80 -4.17 -5.38
N PRO G 146 7.04 -3.25 -5.96
CA PRO G 146 6.93 -3.19 -7.42
C PRO G 146 8.19 -2.65 -8.07
N MET G 147 8.22 -2.72 -9.39
CA MET G 147 9.44 -2.40 -10.12
C MET G 147 9.59 -0.90 -10.32
N ASN G 148 8.52 -0.21 -10.72
CA ASN G 148 8.62 1.21 -10.97
C ASN G 148 8.12 2.04 -9.79
N ASP G 149 8.27 1.53 -8.57
CA ASP G 149 7.96 2.31 -7.38
C ASP G 149 8.73 1.74 -6.21
N SER G 150 9.09 2.61 -5.26
CA SER G 150 9.57 2.19 -3.95
C SER G 150 8.65 2.63 -2.82
N SER G 151 7.38 2.86 -3.10
CA SER G 151 6.46 3.35 -2.08
C SER G 151 5.41 2.33 -1.69
N ILE G 152 4.87 1.58 -2.65
CA ILE G 152 3.89 0.57 -2.32
C ILE G 152 4.61 -0.60 -1.66
N LEU G 153 4.18 -0.94 -0.46
CA LEU G 153 4.76 -2.07 0.26
C LEU G 153 3.66 -3.09 0.48
N SER G 154 3.89 -4.31 0.03
CA SER G 154 2.91 -5.38 0.14
C SER G 154 3.03 -6.07 1.49
N SER G 155 1.89 -6.44 2.06
CA SER G 155 1.85 -7.28 3.24
C SER G 155 0.99 -8.49 2.93
N GLY G 156 1.64 -9.57 2.53
CA GLY G 156 0.96 -10.85 2.46
C GLY G 156 1.05 -11.54 3.80
N SER G 157 -0.09 -11.76 4.45
CA SER G 157 -0.06 -12.08 5.86
C SER G 157 -1.00 -13.22 6.20
N TYR G 158 -0.88 -13.70 7.44
CA TYR G 158 -1.86 -14.63 7.99
C TYR G 158 -2.82 -13.95 8.93
N ASP G 159 -3.14 -12.68 8.67
CA ASP G 159 -4.30 -12.03 9.25
C ASP G 159 -5.43 -11.85 8.26
N GLY G 160 -5.38 -12.53 7.11
CA GLY G 160 -6.48 -12.54 6.18
C GLY G 160 -6.74 -11.25 5.45
N LEU G 161 -5.87 -10.26 5.58
CA LEU G 161 -6.10 -8.95 4.99
C LEU G 161 -4.78 -8.34 4.56
N ILE G 162 -4.74 -7.85 3.33
CA ILE G 162 -3.58 -7.15 2.80
C ILE G 162 -3.50 -5.78 3.45
N ARG G 163 -2.29 -5.37 3.84
CA ARG G 163 -2.06 -4.05 4.41
C ARG G 163 -0.98 -3.35 3.59
N ILE G 164 -1.41 -2.55 2.62
CA ILE G 164 -0.47 -1.75 1.83
C ILE G 164 0.14 -0.69 2.72
N PHE G 165 1.46 -0.51 2.63
CA PHE G 165 2.20 0.40 3.50
C PHE G 165 2.89 1.48 2.67
N ASP G 166 3.34 2.54 3.35
CA ASP G 166 4.04 3.62 2.66
C ASP G 166 5.48 3.22 2.37
N ALA G 167 6.26 4.15 1.84
CA ALA G 167 7.63 3.93 1.41
C ALA G 167 8.54 3.45 2.53
N GLU G 168 8.76 4.27 3.56
CA GLU G 168 9.67 3.81 4.59
C GLU G 168 9.00 3.62 5.95
N THR G 169 8.51 4.70 6.55
CA THR G 169 8.02 4.64 7.91
C THR G 169 6.61 5.16 8.06
N GLY G 170 5.95 5.53 6.97
CA GLY G 170 4.54 5.79 7.03
C GLY G 170 3.83 4.51 7.35
N HIS G 171 3.33 4.40 8.57
CA HIS G 171 2.54 3.24 8.95
C HIS G 171 1.26 3.21 8.15
N CYS G 172 0.82 1.99 7.80
CA CYS G 172 -0.53 1.62 7.38
C CYS G 172 -1.15 2.55 6.33
N LEU G 173 -0.63 2.46 5.10
CA LEU G 173 -1.13 3.29 4.00
C LEU G 173 -2.60 3.03 3.70
N LYS G 174 -2.92 1.81 3.29
CA LYS G 174 -4.30 1.47 2.97
C LYS G 174 -4.48 0.02 3.44
N THR G 175 -5.61 -0.60 3.11
CA THR G 175 -5.80 -2.00 3.45
C THR G 175 -6.71 -2.65 2.43
N LEU G 176 -6.87 -3.97 2.57
CA LEU G 176 -7.64 -4.81 1.67
C LEU G 176 -7.82 -6.17 2.31
N THR G 177 -9.05 -6.65 2.43
CA THR G 177 -9.30 -7.99 2.94
C THR G 177 -9.86 -8.84 1.81
N TYR G 178 -9.80 -10.16 1.96
CA TYR G 178 -10.17 -10.99 0.84
C TYR G 178 -11.68 -11.28 0.83
N ASP G 179 -12.13 -12.22 1.68
CA ASP G 179 -13.52 -12.53 2.06
C ASP G 179 -13.52 -13.76 2.98
N LYS G 180 -14.70 -14.12 3.53
CA LYS G 180 -15.08 -15.52 3.84
C LYS G 180 -14.17 -16.17 4.89
N ASP G 181 -14.17 -15.59 6.09
CA ASP G 181 -13.19 -15.97 7.09
C ASP G 181 -13.47 -17.33 7.73
N TRP G 182 -14.73 -17.58 8.12
CA TRP G 182 -15.06 -18.72 8.99
C TRP G 182 -14.95 -20.08 8.33
N LYS G 183 -14.73 -20.15 7.01
CA LYS G 183 -15.02 -21.37 6.26
C LYS G 183 -14.03 -22.49 6.57
N ARG G 184 -12.74 -22.22 6.48
CA ARG G 184 -11.79 -23.29 6.72
C ARG G 184 -11.65 -23.52 8.22
N GLU G 185 -11.09 -22.55 8.93
CA GLU G 185 -11.04 -22.52 10.38
C GLU G 185 -10.73 -21.10 10.80
N ASN G 186 -11.30 -20.69 11.94
CA ASN G 186 -10.96 -19.55 12.81
C ASN G 186 -10.56 -18.25 12.10
N GLY G 187 -11.14 -17.98 10.94
CA GLY G 187 -10.64 -16.90 10.11
C GLY G 187 -9.67 -17.41 9.06
N VAL G 188 -10.04 -17.26 7.79
CA VAL G 188 -9.32 -17.92 6.71
C VAL G 188 -7.97 -17.26 6.49
N VAL G 189 -7.00 -18.03 6.01
CA VAL G 189 -5.69 -17.50 5.62
C VAL G 189 -5.37 -17.87 4.17
N PRO G 190 -5.97 -17.21 3.19
CA PRO G 190 -5.70 -17.58 1.79
C PRO G 190 -4.39 -16.98 1.28
N ILE G 191 -3.83 -16.03 2.02
CA ILE G 191 -2.81 -15.16 1.47
C ILE G 191 -1.48 -15.91 1.45
N SER G 192 -0.90 -16.08 0.26
CA SER G 192 0.35 -16.82 0.14
C SER G 192 1.51 -15.93 -0.31
N GLN G 193 1.45 -15.35 -1.50
CA GLN G 193 2.50 -14.44 -1.99
C GLN G 193 1.85 -13.39 -2.87
N VAL G 194 2.14 -12.13 -2.59
CA VAL G 194 1.59 -11.02 -3.35
C VAL G 194 2.73 -10.34 -4.12
N LYS G 195 2.81 -10.59 -5.42
CA LYS G 195 3.83 -9.97 -6.24
C LYS G 195 3.16 -9.05 -7.24
N PHE G 196 3.70 -7.86 -7.38
CA PHE G 196 3.00 -6.78 -8.05
C PHE G 196 2.98 -6.95 -9.56
N SER G 197 2.06 -6.25 -10.18
CA SER G 197 2.18 -5.92 -11.59
C SER G 197 3.38 -5.00 -11.79
N GLU G 198 3.91 -4.99 -13.01
CA GLU G 198 5.11 -4.23 -13.28
C GLU G 198 4.85 -2.73 -13.23
N ASN G 199 3.61 -2.31 -13.44
CA ASN G 199 3.30 -0.90 -13.55
C ASN G 199 2.85 -0.27 -12.24
N ALA G 200 2.95 -1.01 -11.12
CA ALA G 200 2.75 -0.52 -9.76
C ALA G 200 1.38 0.11 -9.54
N ARG G 201 0.36 -0.47 -10.14
CA ARG G 201 -1.01 0.00 -9.95
C ARG G 201 -2.00 -1.15 -9.83
N TYR G 202 -1.50 -2.38 -9.73
CA TYR G 202 -2.32 -3.53 -9.41
C TYR G 202 -1.54 -4.45 -8.50
N LEU G 203 -2.20 -5.52 -8.07
CA LEU G 203 -1.63 -6.44 -7.10
C LEU G 203 -2.31 -7.79 -7.30
N LEU G 204 -1.56 -8.86 -7.06
CA LEU G 204 -2.07 -10.22 -7.27
C LEU G 204 -2.04 -10.93 -5.93
N VAL G 205 -3.21 -11.24 -5.39
CA VAL G 205 -3.35 -12.15 -4.26
C VAL G 205 -3.60 -13.53 -4.81
N LYS G 206 -2.75 -14.47 -4.48
CA LYS G 206 -3.05 -15.87 -4.72
C LYS G 206 -3.71 -16.41 -3.47
N SER G 207 -4.94 -16.90 -3.62
CA SER G 207 -5.60 -17.63 -2.56
C SER G 207 -4.85 -18.91 -2.27
N LEU G 208 -4.82 -19.30 -1.00
CA LEU G 208 -4.22 -20.57 -0.65
C LEU G 208 -5.12 -21.72 -1.10
N ASP G 209 -6.39 -21.42 -1.33
CA ASP G 209 -7.27 -22.34 -2.05
C ASP G 209 -6.83 -22.55 -3.49
N GLY G 210 -6.30 -21.52 -4.13
CA GLY G 210 -5.83 -21.64 -5.48
C GLY G 210 -6.65 -20.93 -6.54
N VAL G 211 -7.35 -19.84 -6.18
CA VAL G 211 -8.00 -19.00 -7.18
C VAL G 211 -7.47 -17.58 -7.05
N VAL G 212 -6.77 -17.11 -8.07
CA VAL G 212 -6.11 -15.81 -7.99
C VAL G 212 -7.12 -14.69 -8.24
N LYS G 213 -7.66 -14.14 -7.16
CA LYS G 213 -8.40 -12.90 -7.24
C LYS G 213 -7.39 -11.77 -7.21
N ILE G 214 -7.28 -11.06 -8.32
CA ILE G 214 -6.26 -10.04 -8.48
C ILE G 214 -6.94 -8.67 -8.44
N TRP G 215 -6.37 -7.78 -7.65
CA TRP G 215 -7.08 -6.63 -7.11
C TRP G 215 -6.61 -5.34 -7.75
N ASP G 216 -7.12 -4.23 -7.20
CA ASP G 216 -6.68 -2.89 -7.56
C ASP G 216 -6.67 -2.07 -6.28
N CYS G 217 -5.52 -1.49 -5.95
CA CYS G 217 -5.46 -0.61 -4.78
C CYS G 217 -6.10 0.74 -5.08
N ILE G 218 -6.28 1.05 -6.37
CA ILE G 218 -6.87 2.33 -6.75
C ILE G 218 -8.35 2.36 -6.42
N GLY G 219 -9.12 1.45 -7.03
CA GLY G 219 -10.56 1.45 -6.80
C GLY G 219 -10.94 0.67 -5.54
N GLY G 220 -10.04 -0.15 -5.03
CA GLY G 220 -10.39 -1.07 -3.96
C GLY G 220 -11.20 -2.27 -4.40
N CYS G 221 -11.41 -2.43 -5.70
CA CYS G 221 -12.27 -3.47 -6.25
C CYS G 221 -11.38 -4.54 -6.86
N VAL G 222 -11.90 -5.77 -6.92
CA VAL G 222 -11.15 -6.85 -7.50
C VAL G 222 -11.32 -6.80 -9.02
N VAL G 223 -10.34 -7.34 -9.74
CA VAL G 223 -10.43 -7.55 -11.16
C VAL G 223 -10.58 -9.06 -11.31
N ARG G 224 -10.81 -9.52 -12.54
CA ARG G 224 -11.09 -10.91 -12.93
C ARG G 224 -10.21 -11.97 -12.27
N THR G 225 -10.82 -13.12 -12.01
CA THR G 225 -10.17 -14.19 -11.25
C THR G 225 -9.94 -15.35 -12.20
N PHE G 226 -8.71 -15.81 -12.26
CA PHE G 226 -8.39 -16.93 -13.13
C PHE G 226 -8.81 -18.22 -12.44
N GLN G 227 -9.72 -18.97 -13.08
CA GLN G 227 -10.22 -20.21 -12.51
C GLN G 227 -10.07 -21.41 -13.43
N VAL G 228 -9.60 -22.52 -12.87
CA VAL G 228 -9.43 -23.77 -13.62
C VAL G 228 -10.80 -24.37 -13.92
N GLN G 229 -10.89 -25.15 -15.00
CA GLN G 229 -12.17 -25.74 -15.39
C GLN G 229 -12.73 -26.68 -14.32
N PRO G 230 -11.87 -27.51 -13.71
CA PRO G 230 -12.30 -28.42 -12.65
C PRO G 230 -12.68 -27.63 -11.40
N LEU G 231 -13.68 -28.10 -10.65
CA LEU G 231 -14.09 -27.37 -9.45
C LEU G 231 -13.55 -28.02 -8.18
N GLU G 232 -12.74 -27.24 -7.46
CA GLU G 232 -12.08 -27.56 -6.18
C GLU G 232 -10.92 -28.57 -6.27
N LYS G 233 -10.50 -28.91 -7.49
CA LYS G 233 -9.39 -29.82 -7.71
C LYS G 233 -8.09 -29.24 -7.21
N GLY G 234 -7.91 -27.95 -7.45
CA GLY G 234 -6.70 -27.25 -7.09
C GLY G 234 -6.63 -26.75 -5.67
N VAL G 235 -7.51 -27.21 -4.78
CA VAL G 235 -7.34 -26.86 -3.38
C VAL G 235 -6.11 -27.61 -2.86
N LEU G 236 -5.03 -26.88 -2.73
CA LEU G 236 -3.71 -27.43 -2.41
C LEU G 236 -3.07 -26.59 -1.32
N HIS G 237 -3.83 -26.34 -0.27
CA HIS G 237 -3.47 -25.30 0.69
C HIS G 237 -2.31 -25.74 1.59
N HIS G 238 -2.19 -27.04 1.82
CA HIS G 238 -1.38 -27.52 2.94
C HIS G 238 -0.11 -28.27 2.52
N SER G 239 -0.11 -28.95 1.38
CA SER G 239 0.86 -30.03 1.12
C SER G 239 2.26 -29.48 0.83
N CYS G 240 2.88 -29.00 1.91
CA CYS G 240 4.30 -28.66 2.01
C CYS G 240 4.71 -27.53 1.07
N GLY G 241 3.75 -26.77 0.57
CA GLY G 241 4.07 -25.62 -0.26
C GLY G 241 3.08 -24.50 -0.06
N MET G 242 3.58 -23.29 -0.30
CA MET G 242 2.75 -22.13 -0.57
C MET G 242 3.13 -21.68 -1.97
N ASP G 243 2.55 -22.32 -2.98
CA ASP G 243 3.01 -22.14 -4.34
C ASP G 243 2.56 -20.78 -4.89
N PHE G 244 3.40 -20.20 -5.73
CA PHE G 244 3.08 -18.91 -6.35
C PHE G 244 3.87 -18.79 -7.65
N LEU G 245 3.27 -18.11 -8.62
CA LEU G 245 3.98 -17.70 -9.82
C LEU G 245 3.66 -16.26 -10.14
N ASN G 246 4.64 -15.56 -10.69
CA ASN G 246 4.66 -14.15 -11.04
C ASN G 246 4.05 -13.94 -12.43
N PRO G 247 3.74 -12.71 -12.83
CA PRO G 247 3.42 -12.48 -14.24
C PRO G 247 4.62 -12.64 -15.14
N GLU G 248 4.36 -12.83 -16.43
CA GLU G 248 5.37 -12.75 -17.47
C GLU G 248 5.00 -11.59 -18.39
N ASP G 249 5.82 -10.55 -18.39
CA ASP G 249 5.62 -9.41 -19.28
C ASP G 249 6.51 -9.56 -20.51
N GLY G 250 6.23 -10.61 -21.28
CA GLY G 250 6.94 -10.80 -22.53
C GLY G 250 6.61 -9.74 -23.55
N SER G 251 5.38 -9.77 -24.07
CA SER G 251 4.86 -8.69 -24.88
C SER G 251 3.44 -8.36 -24.44
N THR G 252 2.78 -9.34 -23.82
CA THR G 252 1.43 -9.23 -23.30
C THR G 252 1.48 -9.57 -21.81
N PRO G 253 0.48 -9.21 -21.01
CA PRO G 253 0.45 -9.77 -19.65
C PRO G 253 0.15 -11.25 -19.71
N LEU G 254 0.92 -12.02 -18.94
CA LEU G 254 0.86 -13.47 -19.00
C LEU G 254 1.03 -13.96 -17.57
N VAL G 255 -0.01 -14.56 -17.01
CA VAL G 255 0.06 -15.04 -15.64
C VAL G 255 0.31 -16.54 -15.63
N ILE G 256 1.46 -16.92 -15.08
CA ILE G 256 1.77 -18.32 -14.79
C ILE G 256 1.11 -18.65 -13.46
N SER G 257 0.73 -19.90 -13.30
CA SER G 257 0.03 -20.31 -12.08
C SER G 257 1.02 -20.84 -11.08
N GLY G 258 0.87 -20.44 -9.82
CA GLY G 258 1.56 -21.11 -8.76
C GLY G 258 0.72 -22.26 -8.26
N TYR G 259 0.67 -23.33 -9.06
CA TYR G 259 -0.30 -24.37 -8.84
C TYR G 259 0.34 -25.56 -8.14
N GLU G 260 -0.09 -25.78 -6.90
CA GLU G 260 0.52 -26.76 -6.03
C GLU G 260 -0.19 -28.09 -6.23
N ASN G 261 0.58 -29.17 -6.05
CA ASN G 261 0.14 -30.56 -6.17
C ASN G 261 -0.36 -30.88 -7.58
N GLY G 262 0.21 -30.21 -8.58
CA GLY G 262 -0.21 -30.45 -9.94
C GLY G 262 0.63 -29.62 -10.88
N ASP G 263 0.61 -30.01 -12.15
CA ASP G 263 1.34 -29.29 -13.17
C ASP G 263 0.74 -27.89 -13.36
N ILE G 264 1.62 -26.89 -13.34
CA ILE G 264 1.15 -25.51 -13.20
C ILE G 264 0.54 -25.02 -14.50
N TYR G 265 -0.57 -24.31 -14.38
CA TYR G 265 -1.28 -23.78 -15.55
C TYR G 265 -0.58 -22.54 -16.06
N CYS G 266 -1.04 -22.06 -17.21
CA CYS G 266 -0.65 -20.77 -17.74
C CYS G 266 -1.91 -20.08 -18.26
N TRP G 267 -2.01 -18.79 -18.01
CA TRP G 267 -3.27 -18.05 -18.13
C TRP G 267 -3.03 -16.76 -18.91
N ASN G 268 -4.00 -16.40 -19.75
CA ASN G 268 -3.93 -15.16 -20.52
C ASN G 268 -4.03 -13.93 -19.65
N SER G 269 -3.87 -12.76 -20.29
CA SER G 269 -4.12 -11.51 -19.59
C SER G 269 -5.59 -11.37 -19.25
N ASP G 270 -6.44 -11.34 -20.26
CA ASP G 270 -7.84 -10.97 -20.08
C ASP G 270 -8.76 -12.17 -20.10
N THR G 271 -8.61 -13.05 -21.08
CA THR G 271 -9.43 -14.24 -21.14
C THR G 271 -8.96 -15.24 -20.08
N LYS G 272 -9.90 -16.08 -19.63
CA LYS G 272 -9.66 -17.01 -18.53
C LYS G 272 -9.23 -18.37 -19.06
N SER G 273 -8.31 -18.35 -20.02
CA SER G 273 -7.98 -19.56 -20.76
C SER G 273 -6.76 -20.22 -20.14
N LEU G 274 -6.69 -21.53 -20.33
CA LEU G 274 -5.54 -22.32 -19.96
C LEU G 274 -4.53 -22.27 -21.10
N LEU G 275 -3.24 -22.39 -20.77
CA LEU G 275 -2.20 -22.31 -21.78
C LEU G 275 -1.07 -23.28 -21.46
N GLN G 276 -0.54 -23.87 -22.53
CA GLN G 276 0.81 -24.43 -22.71
C GLN G 276 1.43 -25.11 -21.50
N LEU G 277 0.68 -25.96 -20.82
CA LEU G 277 1.18 -26.72 -19.70
C LEU G 277 1.20 -28.20 -20.08
N LEU G 278 2.11 -28.94 -19.47
CA LEU G 278 2.27 -30.34 -19.82
C LEU G 278 1.67 -31.22 -18.73
N ASP G 279 1.76 -32.53 -18.91
CA ASP G 279 1.42 -33.50 -17.89
C ASP G 279 2.69 -34.07 -17.28
N GLY G 280 3.75 -33.27 -17.29
CA GLY G 280 5.06 -33.74 -16.87
C GLY G 280 5.24 -33.83 -15.37
N SER G 281 4.45 -34.69 -14.73
CA SER G 281 4.58 -34.86 -13.30
C SER G 281 5.72 -35.79 -12.95
N LEU G 282 6.14 -36.63 -13.89
CA LEU G 282 7.21 -37.60 -13.63
C LEU G 282 8.54 -36.90 -13.41
N TYR G 283 9.03 -36.19 -14.44
CA TYR G 283 10.24 -35.39 -14.28
C TYR G 283 9.86 -34.16 -13.47
N HIS G 284 10.75 -33.81 -12.54
CA HIS G 284 10.93 -32.57 -11.79
C HIS G 284 9.90 -32.32 -10.71
N HIS G 285 8.83 -33.09 -10.62
CA HIS G 285 7.59 -32.42 -10.29
C HIS G 285 6.89 -32.94 -9.06
N SER G 286 7.10 -34.22 -8.74
CA SER G 286 6.00 -35.18 -8.65
C SER G 286 4.64 -34.60 -8.25
N SER G 287 4.48 -34.13 -7.03
CA SER G 287 3.26 -33.37 -6.78
C SER G 287 3.42 -31.85 -6.96
N PRO G 288 4.24 -31.12 -6.16
CA PRO G 288 4.00 -29.68 -6.04
C PRO G 288 4.81 -28.83 -6.98
N VAL G 289 4.71 -27.52 -6.78
CA VAL G 289 5.73 -26.56 -7.20
C VAL G 289 5.95 -25.66 -5.99
N MET G 290 7.11 -25.02 -5.91
CA MET G 290 7.37 -24.19 -4.74
C MET G 290 7.48 -22.72 -5.09
N SER G 291 8.41 -22.36 -5.95
CA SER G 291 8.69 -20.94 -6.18
C SER G 291 8.97 -20.73 -7.65
N ILE G 292 8.31 -19.71 -8.20
CA ILE G 292 8.42 -19.38 -9.62
C ILE G 292 8.67 -17.89 -9.74
N HIS G 293 9.68 -17.53 -10.52
CA HIS G 293 10.00 -16.14 -10.81
C HIS G 293 10.23 -16.01 -12.31
N CYS G 294 10.11 -14.79 -12.84
CA CYS G 294 10.15 -14.57 -14.28
C CYS G 294 10.81 -13.23 -14.61
N PHE G 295 11.91 -13.27 -15.37
CA PHE G 295 12.59 -12.04 -15.74
C PHE G 295 12.36 -11.71 -17.22
N GLY G 296 11.74 -12.62 -17.94
CA GLY G 296 11.45 -12.38 -19.34
C GLY G 296 10.80 -13.60 -19.95
N ASN G 297 11.20 -13.96 -21.16
CA ASN G 297 10.82 -15.26 -21.70
C ASN G 297 11.40 -16.38 -20.85
N ILE G 298 12.61 -16.17 -20.32
CA ILE G 298 13.16 -17.08 -19.32
C ILE G 298 12.35 -16.97 -18.04
N MET G 299 11.85 -18.11 -17.58
CA MET G 299 11.09 -18.22 -16.34
C MET G 299 11.43 -19.52 -15.66
N CYS G 300 11.84 -19.43 -14.40
CA CYS G 300 12.36 -20.55 -13.66
C CYS G 300 11.24 -21.23 -12.88
N SER G 301 11.54 -22.42 -12.38
CA SER G 301 10.63 -23.18 -11.55
C SER G 301 11.41 -24.16 -10.69
N LEU G 302 10.90 -24.39 -9.48
CA LEU G 302 11.41 -25.42 -8.60
C LEU G 302 10.24 -26.04 -7.87
N ALA G 303 10.33 -27.34 -7.63
CA ALA G 303 9.28 -28.08 -6.94
C ALA G 303 9.80 -28.57 -5.61
N LEU G 304 8.88 -28.85 -4.68
CA LEU G 304 9.29 -29.24 -3.35
C LEU G 304 9.61 -30.73 -3.29
N ASN G 305 8.60 -31.59 -3.51
CA ASN G 305 8.76 -33.03 -3.36
C ASN G 305 9.60 -33.63 -4.48
N GLY G 306 9.50 -33.10 -5.69
CA GLY G 306 10.58 -33.33 -6.62
C GLY G 306 11.57 -32.24 -6.32
N ASP G 307 12.57 -32.56 -5.51
CA ASP G 307 13.48 -31.55 -5.00
C ASP G 307 14.44 -31.10 -6.10
N CYS G 308 14.66 -29.78 -6.16
CA CYS G 308 15.54 -29.12 -7.13
C CYS G 308 15.12 -29.42 -8.56
N CYS G 309 13.93 -28.90 -8.90
CA CYS G 309 13.43 -29.04 -10.26
C CYS G 309 14.23 -28.20 -11.25
N LEU G 310 14.56 -26.96 -10.87
CA LEU G 310 15.58 -26.13 -11.51
C LEU G 310 15.26 -25.81 -12.98
N TRP G 311 14.15 -25.12 -13.21
CA TRP G 311 13.75 -24.87 -14.58
C TRP G 311 14.26 -23.57 -15.14
N ARG G 312 14.15 -23.49 -16.45
CA ARG G 312 13.96 -22.25 -17.19
C ARG G 312 13.14 -22.73 -18.38
N TRP G 313 12.19 -21.92 -18.83
CA TRP G 313 11.43 -22.19 -20.04
C TRP G 313 11.60 -20.98 -20.95
N VAL G 314 11.30 -21.18 -22.24
CA VAL G 314 11.31 -20.21 -23.36
C VAL G 314 12.00 -18.85 -23.19
#